data_6OF3
#
_entry.id   6OF3
#
_cell.length_a   1.00
_cell.length_b   1.00
_cell.length_c   1.00
_cell.angle_alpha   90.00
_cell.angle_beta   90.00
_cell.angle_gamma   90.00
#
_symmetry.space_group_name_H-M   'P 1'
#
loop_
_entity.id
_entity.type
_entity.pdbx_description
1 polymer Ribonuclease
2 polymer 'CLP1_P domain-containing protein'
3 non-polymer 'PHOSPHOTHIOPHOSPHORIC ACID-ADENYLATE ESTER'
4 non-polymer 'MAGNESIUM ION'
#
loop_
_entity_poly.entity_id
_entity_poly.type
_entity_poly.pdbx_seq_one_letter_code
_entity_poly.pdbx_strand_id
1 'polypeptide(L)'
;MSYYHHHHHHDYDIPTTENLYFQGAMGSMVQYIFTPWRNRAELLAVRAQFYPEHTSKTHLKKHHQSTFQDDEHIRSEKQK
AVARVSMWMQRGGCPHMVESTALLVAAILSDEAQGSGAAGGYAVRAAYSAAFSRFVTGLLDSHQDKQRKQSMYDVAKAVG
LPAAFVELRHQATHEQLPSLTRLRSAARRALEWIWWYYWKGLGPVDMVQRGVNGKGVAGVGDTSESEEKDVGEEGGDAAA
RCREGVVRLLESDVRVGGEAINGPGKEELLAEFGEALVLTTLDAAAGNTRDVGVLRRAIGLMREIVNGGDEDCMQLENGK
GNRDVEKLKEELKKGWEEIKRLAQEKEDSGDDQTEDEDVDMEAEEEDKKEQQSGWVLYDEKEWVPKPIGIV
;
A,D
2 'polypeptide(L)'
;MHHSSFQPNNSNFQRKAGGRLVLSTPDVERFVILGNYGVKVHQGEVTIAGATLTPIDDVQWVHAPHCHALPVLRTANDTV
IELLPCPTAQGLRELARLNPLFGRLWNETSDTFQIIYTSADAPKRTSLRELASHPAWNKKISELLTSTRRKPSPILFICG
PKSSGKSTFGRLLTNRLMTDRAGHKSRSWKPVMVLDLDPGQPEFSPPGVVSLTKLRRPNLAPPFCHPGLSFGEKGLDGGN
EGMTTVRMHAIASVTPALDPAHFIACARDLFAYYRRSASQENIPLVVNTPGWIQGTGLDLLAELIAVLRPTEVLYMSEDG
PEETVSALREACASSSTIPFTMLPSQPNSSGEGGGGGAASWTPATLRSMAMQSYFHLSPFSRDQQGGPGCEWNPTPLTHL
CPWRVRLAGRPDERGVLGIVCYDHQYAPELVSDAINGMVMGLVRIEKKEALRGLAVPGDTSLSFTSSTSQGGCDDELDSD
SNSSSAPSFTSSSPSHLNSTPLLPLIPNPTGSPLSPQYTSLVGLVLIRGVSLTASNPELHLLTPVPPSVLHSFRGDELVL
VAGKFDAPTWAYVEGLYWKSNSKAAKRVDEEREDEDREESGGVEEEEEQDEVPWVEMLHGSAGRDVGSRVWRVRRDLGRS
;
B,E
#
loop_
_chem_comp.id
_chem_comp.type
_chem_comp.name
_chem_comp.formula
AGS non-polymer 'PHOSPHOTHIOPHOSPHORIC ACID-ADENYLATE ESTER' 'C10 H16 N5 O12 P3 S'
MG non-polymer 'MAGNESIUM ION' 'Mg 2'
#
# COMPACT_ATOMS: atom_id res chain seq x y z
N MET A 29 -2.16 -35.08 20.70
CA MET A 29 -3.48 -34.62 20.25
C MET A 29 -3.39 -33.22 19.67
N VAL A 30 -2.39 -33.00 18.82
CA VAL A 30 -2.14 -31.71 18.17
C VAL A 30 -3.22 -31.29 17.18
N GLN A 31 -4.22 -32.13 16.96
CA GLN A 31 -5.33 -31.86 16.05
C GLN A 31 -6.32 -30.80 16.56
N TYR A 32 -5.82 -29.65 17.01
CA TYR A 32 -6.63 -28.56 17.55
C TYR A 32 -6.33 -27.28 16.78
N ILE A 33 -7.26 -26.90 15.90
CA ILE A 33 -7.14 -25.69 15.11
C ILE A 33 -8.24 -24.74 15.57
N PHE A 34 -7.84 -23.54 15.98
CA PHE A 34 -8.77 -22.55 16.50
C PHE A 34 -9.30 -21.63 15.43
N THR A 35 -10.61 -21.41 15.45
CA THR A 35 -11.32 -20.56 14.51
C THR A 35 -12.11 -19.54 15.30
N PRO A 36 -12.46 -18.40 14.69
CA PRO A 36 -13.24 -17.39 15.42
C PRO A 36 -14.74 -17.54 15.29
N TRP A 37 -15.23 -18.34 14.36
CA TRP A 37 -16.66 -18.57 14.28
C TRP A 37 -17.08 -19.61 15.30
N ARG A 38 -18.39 -19.70 15.53
CA ARG A 38 -18.88 -20.65 16.50
C ARG A 38 -18.81 -22.06 15.96
N ASN A 39 -19.39 -22.29 14.78
CA ASN A 39 -19.35 -23.59 14.13
C ASN A 39 -19.52 -23.44 12.62
N ARG A 40 -19.57 -24.57 11.93
CA ARG A 40 -19.67 -24.63 10.48
C ARG A 40 -20.94 -24.02 9.95
N ALA A 41 -22.04 -24.07 10.71
CA ALA A 41 -23.28 -23.46 10.28
C ALA A 41 -23.18 -21.94 10.18
N GLU A 42 -22.51 -21.31 11.14
CA GLU A 42 -22.25 -19.88 11.08
C GLU A 42 -21.38 -19.52 9.89
N LEU A 43 -20.29 -20.27 9.69
CA LEU A 43 -19.39 -20.01 8.57
C LEU A 43 -20.11 -20.12 7.22
N LEU A 44 -20.88 -21.19 7.02
CA LEU A 44 -21.62 -21.37 5.78
C LEU A 44 -22.65 -20.27 5.57
N ALA A 45 -23.41 -19.92 6.62
CA ALA A 45 -24.41 -18.85 6.56
C ALA A 45 -23.83 -17.55 6.02
N VAL A 46 -22.68 -17.13 6.57
CA VAL A 46 -22.00 -15.92 6.09
C VAL A 46 -21.72 -16.00 4.60
N ARG A 47 -21.10 -17.12 4.17
CA ARG A 47 -20.80 -17.38 2.75
C ARG A 47 -22.03 -17.18 1.89
N ALA A 48 -23.17 -17.75 2.31
CA ALA A 48 -24.44 -17.61 1.62
C ALA A 48 -24.80 -16.14 1.44
N GLN A 49 -24.79 -15.38 2.54
CA GLN A 49 -25.10 -13.95 2.51
C GLN A 49 -24.23 -13.17 1.53
N PHE A 50 -22.91 -13.44 1.50
CA PHE A 50 -22.03 -12.73 0.59
C PHE A 50 -22.35 -12.98 -0.88
N TYR A 51 -22.55 -14.25 -1.27
CA TYR A 51 -22.81 -14.61 -2.66
C TYR A 51 -24.18 -15.23 -2.88
N PRO A 52 -25.26 -14.43 -2.86
CA PRO A 52 -26.61 -14.99 -3.09
C PRO A 52 -26.76 -15.71 -4.42
N GLU A 53 -26.02 -15.28 -5.44
CA GLU A 53 -26.04 -15.84 -6.79
C GLU A 53 -25.84 -17.35 -6.83
N HIS A 54 -24.68 -17.82 -6.40
CA HIS A 54 -24.39 -19.25 -6.46
C HIS A 54 -25.14 -20.05 -5.40
N THR A 55 -25.28 -19.51 -4.20
CA THR A 55 -25.95 -20.23 -3.11
C THR A 55 -27.39 -20.61 -3.43
N SER A 56 -28.16 -19.68 -4.01
CA SER A 56 -29.57 -19.87 -4.40
C SER A 56 -29.93 -21.15 -5.15
N PHE A 68 -37.54 -4.34 -6.67
CA PHE A 68 -37.01 -3.40 -5.70
C PHE A 68 -36.83 -4.07 -4.35
N GLN A 69 -37.85 -4.83 -3.94
CA GLN A 69 -37.82 -5.55 -2.66
C GLN A 69 -36.66 -6.54 -2.61
N ASP A 70 -36.46 -7.29 -3.70
CA ASP A 70 -35.38 -8.27 -3.81
C ASP A 70 -34.01 -7.63 -3.57
N ASP A 71 -33.74 -6.53 -4.28
CA ASP A 71 -32.48 -5.80 -4.15
C ASP A 71 -32.29 -5.33 -2.72
N GLU A 72 -33.34 -4.76 -2.13
CA GLU A 72 -33.36 -4.29 -0.75
C GLU A 72 -32.88 -5.38 0.21
N HIS A 73 -33.54 -6.54 0.14
CA HIS A 73 -33.21 -7.68 0.99
C HIS A 73 -31.75 -8.10 0.83
N ILE A 74 -31.30 -8.27 -0.43
CA ILE A 74 -29.91 -8.65 -0.72
C ILE A 74 -28.91 -7.69 -0.07
N ARG A 75 -29.11 -6.38 -0.28
CA ARG A 75 -28.26 -5.35 0.31
C ARG A 75 -28.21 -5.49 1.82
N SER A 76 -29.39 -5.62 2.45
CA SER A 76 -29.52 -5.81 3.90
C SER A 76 -28.63 -6.94 4.41
N GLU A 77 -28.80 -8.13 3.82
CA GLU A 77 -28.03 -9.31 4.20
C GLU A 77 -26.53 -9.06 4.07
N LYS A 78 -26.08 -8.51 2.92
CA LYS A 78 -24.67 -8.21 2.70
C LYS A 78 -24.09 -7.32 3.80
N GLN A 79 -24.83 -6.27 4.20
CA GLN A 79 -24.42 -5.40 5.28
C GLN A 79 -24.16 -6.18 6.57
N LYS A 80 -25.13 -7.02 6.95
CA LYS A 80 -25.02 -7.85 8.14
C LYS A 80 -23.79 -8.76 8.08
N ALA A 81 -23.60 -9.42 6.93
CA ALA A 81 -22.45 -10.30 6.69
C ALA A 81 -21.12 -9.59 6.96
N VAL A 82 -20.95 -8.39 6.38
CA VAL A 82 -19.74 -7.58 6.55
C VAL A 82 -19.48 -7.32 8.03
N ALA A 83 -20.52 -6.85 8.74
CA ALA A 83 -20.45 -6.60 10.18
C ALA A 83 -19.94 -7.81 10.95
N ARG A 84 -20.58 -8.97 10.70
CA ARG A 84 -20.20 -10.23 11.32
C ARG A 84 -18.72 -10.54 11.15
N VAL A 85 -18.22 -10.50 9.90
CA VAL A 85 -16.81 -10.76 9.59
C VAL A 85 -15.89 -9.84 10.41
N SER A 86 -16.24 -8.55 10.49
CA SER A 86 -15.51 -7.57 11.29
C SER A 86 -15.32 -8.05 12.72
N MET A 87 -16.42 -8.52 13.33
CA MET A 87 -16.36 -9.07 14.69
C MET A 87 -15.35 -10.21 14.78
N TRP A 88 -15.43 -11.17 13.83
CA TRP A 88 -14.47 -12.28 13.79
C TRP A 88 -13.03 -11.81 13.77
N MET A 89 -12.76 -10.77 12.97
CA MET A 89 -11.41 -10.19 12.89
C MET A 89 -10.92 -9.72 14.25
N GLN A 90 -11.78 -9.03 14.99
CA GLN A 90 -11.42 -8.60 16.34
C GLN A 90 -11.09 -9.78 17.24
N ARG A 91 -11.94 -10.82 17.21
CA ARG A 91 -11.76 -12.03 18.01
C ARG A 91 -10.39 -12.68 17.83
N GLY A 92 -9.79 -12.58 16.65
CA GLY A 92 -8.46 -13.10 16.42
C GLY A 92 -8.36 -14.44 15.72
N GLY A 93 -7.36 -14.58 14.85
CA GLY A 93 -7.13 -15.80 14.12
C GLY A 93 -8.13 -16.01 13.00
N CYS A 94 -8.14 -15.12 12.02
CA CYS A 94 -9.08 -15.21 10.93
C CYS A 94 -8.36 -15.30 9.59
N PRO A 95 -8.72 -16.26 8.75
CA PRO A 95 -8.10 -16.41 7.41
C PRO A 95 -8.10 -15.14 6.59
N HIS A 96 -6.94 -14.83 6.01
CA HIS A 96 -6.72 -13.65 5.16
C HIS A 96 -7.75 -13.52 4.04
N MET A 97 -8.12 -14.65 3.43
CA MET A 97 -9.09 -14.66 2.34
C MET A 97 -10.44 -14.08 2.74
N VAL A 98 -10.93 -14.47 3.93
CA VAL A 98 -12.21 -13.96 4.44
C VAL A 98 -12.16 -12.44 4.58
N GLU A 99 -11.06 -11.93 5.15
CA GLU A 99 -10.84 -10.50 5.32
C GLU A 99 -10.94 -9.75 4.01
N SER A 100 -10.17 -10.20 3.01
CA SER A 100 -10.16 -9.59 1.69
C SER A 100 -11.56 -9.57 1.08
N THR A 101 -12.26 -10.71 1.17
CA THR A 101 -13.64 -10.81 0.67
C THR A 101 -14.53 -9.73 1.28
N ALA A 102 -14.48 -9.61 2.61
CA ALA A 102 -15.24 -8.59 3.34
C ALA A 102 -14.99 -7.19 2.81
N LEU A 103 -13.70 -6.84 2.69
CA LEU A 103 -13.27 -5.54 2.17
C LEU A 103 -13.89 -5.23 0.81
N LEU A 104 -13.67 -6.13 -0.16
CA LEU A 104 -14.21 -5.97 -1.51
C LEU A 104 -15.72 -5.75 -1.52
N VAL A 105 -16.46 -6.60 -0.81
CA VAL A 105 -17.92 -6.46 -0.72
C VAL A 105 -18.30 -5.13 -0.11
N ALA A 106 -17.58 -4.70 0.94
CA ALA A 106 -17.82 -3.41 1.60
C ALA A 106 -17.73 -2.25 0.61
N ALA A 107 -16.65 -2.21 -0.18
CA ALA A 107 -16.45 -1.17 -1.18
C ALA A 107 -17.59 -1.16 -2.21
N ILE A 108 -17.84 -2.32 -2.84
CA ILE A 108 -18.90 -2.47 -3.84
C ILE A 108 -20.24 -1.98 -3.31
N LEU A 109 -20.58 -2.42 -2.09
CA LEU A 109 -21.82 -2.03 -1.42
C LEU A 109 -21.91 -0.51 -1.23
N SER A 110 -20.81 0.11 -0.80
CA SER A 110 -20.79 1.56 -0.62
C SER A 110 -21.02 2.29 -1.93
N ASP A 111 -20.33 1.86 -2.99
CA ASP A 111 -20.42 2.46 -4.33
C ASP A 111 -21.86 2.58 -4.84
N GLU A 112 -22.65 1.51 -4.71
CA GLU A 112 -24.02 1.51 -5.20
C GLU A 112 -24.95 1.85 -4.04
N ALA A 113 -25.12 3.14 -3.80
CA ALA A 113 -25.99 3.59 -2.71
C ALA A 113 -26.56 4.95 -3.08
N GLN A 114 -27.81 4.96 -3.52
CA GLN A 114 -28.54 6.21 -3.73
C GLN A 114 -29.18 6.62 -2.41
N GLY A 115 -29.48 7.91 -2.29
CA GLY A 115 -30.04 8.41 -1.05
C GLY A 115 -29.09 9.29 -0.26
N SER A 116 -28.34 10.14 -0.97
CA SER A 116 -27.35 11.08 -0.41
C SER A 116 -26.27 10.35 0.37
N GLY A 117 -25.79 9.24 -0.18
CA GLY A 117 -24.73 8.48 0.44
C GLY A 117 -23.76 7.91 -0.58
N ALA A 118 -23.65 8.57 -1.74
CA ALA A 118 -22.79 8.09 -2.82
C ALA A 118 -21.32 8.48 -2.63
N ALA A 119 -20.97 9.05 -1.48
CA ALA A 119 -19.61 9.30 -1.00
C ALA A 119 -18.78 10.23 -1.89
N GLY A 120 -19.41 10.93 -2.84
CA GLY A 120 -18.79 12.00 -3.58
C GLY A 120 -17.96 11.57 -4.78
N GLY A 121 -17.48 10.33 -4.81
CA GLY A 121 -16.67 9.92 -5.94
C GLY A 121 -15.25 9.52 -5.65
N TYR A 122 -14.50 10.38 -4.97
CA TYR A 122 -13.10 10.11 -4.68
C TYR A 122 -12.95 9.08 -3.57
N ALA A 123 -13.90 9.05 -2.64
CA ALA A 123 -13.92 8.12 -1.52
C ALA A 123 -13.95 6.68 -2.01
N VAL A 124 -15.01 6.34 -2.76
CA VAL A 124 -15.21 5.01 -3.33
C VAL A 124 -13.94 4.50 -4.01
N ARG A 125 -13.33 5.34 -4.87
CA ARG A 125 -12.08 4.99 -5.55
C ARG A 125 -10.98 4.66 -4.56
N ALA A 126 -11.01 5.26 -3.37
CA ALA A 126 -9.98 4.97 -2.39
C ALA A 126 -10.24 3.61 -1.75
N ALA A 127 -11.49 3.40 -1.30
CA ALA A 127 -11.94 2.14 -0.69
C ALA A 127 -11.54 0.94 -1.54
N TYR A 128 -11.78 1.02 -2.85
CA TYR A 128 -11.40 -0.04 -3.77
C TYR A 128 -9.89 -0.26 -3.76
N SER A 129 -9.12 0.81 -4.00
CA SER A 129 -7.65 0.74 -4.02
C SER A 129 -7.08 0.07 -2.76
N ALA A 130 -7.63 0.42 -1.59
CA ALA A 130 -7.17 -0.14 -0.31
C ALA A 130 -7.40 -1.64 -0.24
N ALA A 131 -8.67 -2.05 -0.44
CA ALA A 131 -9.05 -3.46 -0.39
C ALA A 131 -8.21 -4.29 -1.34
N PHE A 132 -8.05 -3.79 -2.57
CA PHE A 132 -7.28 -4.49 -3.60
C PHE A 132 -5.82 -4.67 -3.20
N SER A 133 -5.15 -3.57 -2.84
CA SER A 133 -3.74 -3.60 -2.44
C SER A 133 -3.49 -4.59 -1.30
N ARG A 134 -4.35 -4.55 -0.27
CA ARG A 134 -4.25 -5.48 0.84
C ARG A 134 -4.33 -6.93 0.37
N PHE A 135 -5.37 -7.25 -0.39
CA PHE A 135 -5.60 -8.59 -0.95
C PHE A 135 -4.38 -9.16 -1.67
N VAL A 136 -3.84 -8.40 -2.64
CA VAL A 136 -2.68 -8.85 -3.42
C VAL A 136 -1.45 -9.03 -2.53
N THR A 137 -1.16 -8.01 -1.69
CA THR A 137 0.01 -8.06 -0.80
C THR A 137 -0.03 -9.29 0.10
N GLY A 138 -1.20 -9.60 0.65
CA GLY A 138 -1.42 -10.76 1.49
C GLY A 138 -1.08 -12.07 0.81
N LEU A 139 -1.73 -12.33 -0.34
CA LEU A 139 -1.48 -13.55 -1.10
C LEU A 139 -0.01 -13.76 -1.44
N LEU A 140 0.62 -12.74 -2.02
CA LEU A 140 2.02 -12.85 -2.42
C LEU A 140 2.94 -13.09 -1.23
N ASP A 141 2.80 -12.29 -0.17
CA ASP A 141 3.63 -12.42 1.03
C ASP A 141 3.52 -13.82 1.65
N SER A 142 2.29 -14.35 1.72
CA SER A 142 2.08 -15.68 2.31
C SER A 142 2.86 -16.78 1.59
N HIS A 143 2.55 -17.00 0.31
CA HIS A 143 3.24 -18.06 -0.45
C HIS A 143 4.64 -17.67 -0.91
N GLN A 144 5.51 -17.25 0.00
CA GLN A 144 6.86 -16.86 -0.38
C GLN A 144 7.86 -17.81 0.28
N ASP A 145 9.05 -17.88 -0.30
CA ASP A 145 10.15 -18.69 0.16
C ASP A 145 10.96 -17.89 1.19
N LYS A 146 11.80 -18.60 1.94
CA LYS A 146 12.64 -17.97 2.95
C LYS A 146 14.05 -17.71 2.46
N GLN A 147 14.19 -17.40 1.17
CA GLN A 147 15.42 -16.89 0.59
C GLN A 147 15.45 -15.38 0.75
N ARG A 148 16.38 -14.72 0.07
CA ARG A 148 16.65 -13.30 0.31
C ARG A 148 15.63 -12.45 -0.45
N LYS A 149 15.65 -12.45 -1.79
CA LYS A 149 14.96 -11.40 -2.53
C LYS A 149 14.27 -11.87 -3.81
N GLN A 150 13.52 -12.97 -3.74
CA GLN A 150 12.81 -13.48 -4.92
C GLN A 150 11.71 -12.52 -5.36
N SER A 151 11.50 -12.40 -6.68
CA SER A 151 10.72 -11.32 -7.27
C SER A 151 9.22 -11.60 -7.14
N MET A 152 8.46 -10.51 -6.99
CA MET A 152 7.00 -10.54 -6.87
C MET A 152 6.34 -11.27 -8.03
N TYR A 153 6.78 -10.97 -9.26
CA TYR A 153 6.23 -11.59 -10.46
C TYR A 153 6.38 -13.11 -10.45
N ASP A 154 7.58 -13.59 -10.12
CA ASP A 154 7.87 -15.03 -10.05
C ASP A 154 6.88 -15.76 -9.15
N VAL A 155 6.76 -15.28 -7.90
CA VAL A 155 5.83 -15.84 -6.92
C VAL A 155 4.41 -15.82 -7.45
N ALA A 156 3.99 -14.66 -7.99
CA ALA A 156 2.66 -14.47 -8.56
C ALA A 156 2.32 -15.53 -9.59
N LYS A 157 3.22 -15.73 -10.56
CA LYS A 157 3.05 -16.75 -11.59
C LYS A 157 2.93 -18.14 -10.99
N ALA A 158 3.88 -18.48 -10.09
CA ALA A 158 3.90 -19.79 -9.42
C ALA A 158 2.59 -20.13 -8.70
N VAL A 159 1.97 -19.14 -8.06
CA VAL A 159 0.72 -19.41 -7.34
C VAL A 159 -0.47 -19.50 -8.29
N GLY A 160 -0.40 -18.82 -9.43
CA GLY A 160 -1.50 -18.82 -10.36
C GLY A 160 -2.34 -17.58 -10.28
N LEU A 161 -1.74 -16.44 -9.95
CA LEU A 161 -2.43 -15.17 -9.84
C LEU A 161 -2.16 -14.36 -11.09
N PRO A 162 -3.22 -13.98 -11.84
CA PRO A 162 -3.06 -13.17 -13.07
C PRO A 162 -2.19 -11.94 -12.91
N ALA A 163 -1.13 -11.83 -13.74
CA ALA A 163 -0.18 -10.70 -13.73
C ALA A 163 -0.84 -9.32 -13.74
N ALA A 164 -2.06 -9.23 -14.28
CA ALA A 164 -2.82 -7.99 -14.31
C ALA A 164 -3.01 -7.43 -12.90
N PHE A 165 -3.44 -8.29 -11.97
CA PHE A 165 -3.66 -7.89 -10.58
C PHE A 165 -2.40 -7.31 -9.95
N VAL A 166 -1.28 -8.00 -10.11
CA VAL A 166 0.02 -7.55 -9.57
C VAL A 166 0.39 -6.19 -10.13
N GLU A 167 0.25 -6.04 -11.45
CA GLU A 167 0.53 -4.76 -12.12
C GLU A 167 -0.32 -3.64 -11.52
N LEU A 168 -1.63 -3.88 -11.43
CA LEU A 168 -2.55 -2.91 -10.85
C LEU A 168 -2.14 -2.54 -9.44
N ARG A 169 -1.74 -3.53 -8.63
CA ARG A 169 -1.27 -3.29 -7.26
C ARG A 169 -0.15 -2.27 -7.22
N HIS A 170 0.93 -2.55 -7.99
CA HIS A 170 2.07 -1.63 -8.08
C HIS A 170 1.65 -0.23 -8.51
N GLN A 171 0.81 -0.16 -9.55
CA GLN A 171 0.31 1.12 -10.04
C GLN A 171 -0.50 1.86 -8.97
N ALA A 172 -1.48 1.16 -8.38
CA ALA A 172 -2.37 1.70 -7.35
C ALA A 172 -1.64 2.34 -6.18
N THR A 173 -0.64 1.64 -5.65
CA THR A 173 0.09 2.19 -4.51
C THR A 173 0.90 3.44 -4.87
N HIS A 174 1.77 3.35 -5.87
CA HIS A 174 2.62 4.48 -6.21
C HIS A 174 2.13 5.43 -7.30
N GLU A 175 2.00 4.90 -8.51
CA GLU A 175 1.73 5.65 -9.74
C GLU A 175 0.28 6.09 -10.05
N GLN A 176 -0.22 7.09 -9.30
CA GLN A 176 -1.51 7.71 -9.62
C GLN A 176 -2.77 6.84 -9.57
N LEU A 177 -3.44 6.82 -8.39
CA LEU A 177 -4.66 6.06 -8.05
C LEU A 177 -5.58 5.81 -9.25
N PRO A 178 -5.89 4.54 -9.56
CA PRO A 178 -6.74 4.16 -10.70
C PRO A 178 -8.13 4.75 -10.83
N SER A 179 -8.63 4.74 -12.06
CA SER A 179 -9.96 5.23 -12.40
C SER A 179 -11.02 4.30 -11.85
N LEU A 180 -12.21 4.87 -11.60
CA LEU A 180 -13.35 4.14 -11.04
C LEU A 180 -13.76 2.91 -11.84
N THR A 181 -13.83 3.02 -13.17
CA THR A 181 -14.26 1.91 -14.03
C THR A 181 -13.33 0.69 -13.90
N ARG A 182 -12.02 0.92 -14.03
CA ARG A 182 -11.03 -0.15 -13.89
C ARG A 182 -11.16 -0.85 -12.55
N LEU A 183 -11.31 -0.06 -11.48
CA LEU A 183 -11.47 -0.61 -10.14
C LEU A 183 -12.71 -1.49 -10.04
N ARG A 184 -13.86 -1.02 -10.58
CA ARG A 184 -15.09 -1.81 -10.61
C ARG A 184 -14.89 -3.18 -11.21
N SER A 185 -14.32 -3.22 -12.42
CA SER A 185 -14.04 -4.47 -13.12
C SER A 185 -13.12 -5.38 -12.33
N ALA A 186 -11.96 -4.85 -11.93
CA ALA A 186 -10.96 -5.59 -11.17
C ALA A 186 -11.53 -6.18 -9.89
N ALA A 187 -12.31 -5.39 -9.15
CA ALA A 187 -12.94 -5.84 -7.90
C ALA A 187 -13.83 -7.05 -8.14
N ARG A 188 -14.75 -6.96 -9.09
CA ARG A 188 -15.67 -8.07 -9.39
C ARG A 188 -14.91 -9.34 -9.78
N ARG A 189 -13.92 -9.20 -10.69
CA ARG A 189 -13.10 -10.33 -11.09
C ARG A 189 -12.40 -10.96 -9.89
N ALA A 190 -11.80 -10.12 -9.04
CA ALA A 190 -11.15 -10.55 -7.80
C ALA A 190 -12.07 -11.41 -6.95
N LEU A 191 -13.29 -10.93 -6.71
CA LEU A 191 -14.30 -11.65 -5.93
C LEU A 191 -14.53 -13.06 -6.46
N GLU A 192 -14.84 -13.18 -7.77
CA GLU A 192 -15.08 -14.50 -8.36
C GLU A 192 -13.86 -15.40 -8.23
N TRP A 193 -12.67 -14.87 -8.53
CA TRP A 193 -11.41 -15.63 -8.37
C TRP A 193 -11.28 -16.19 -6.97
N ILE A 194 -11.54 -15.34 -5.96
CA ILE A 194 -11.49 -15.75 -4.56
C ILE A 194 -12.43 -16.91 -4.32
N TRP A 195 -13.67 -16.80 -4.82
CA TRP A 195 -14.66 -17.88 -4.70
C TRP A 195 -14.13 -19.21 -5.22
N TRP A 196 -13.48 -19.19 -6.39
CA TRP A 196 -12.97 -20.44 -6.93
C TRP A 196 -11.69 -20.88 -6.21
N TYR A 197 -11.10 -19.99 -5.43
CA TYR A 197 -9.87 -20.35 -4.74
C TYR A 197 -10.13 -20.86 -3.33
N TYR A 198 -11.01 -20.20 -2.58
CA TYR A 198 -11.17 -20.56 -1.17
C TYR A 198 -12.56 -21.08 -0.83
N TRP A 199 -13.58 -20.27 -1.05
CA TRP A 199 -14.88 -20.46 -0.41
C TRP A 199 -15.59 -21.72 -0.89
N LYS A 200 -15.38 -22.09 -2.16
CA LYS A 200 -16.01 -23.28 -2.70
C LYS A 200 -15.51 -24.55 -2.01
N GLY A 201 -14.29 -24.52 -1.50
CA GLY A 201 -13.83 -25.66 -0.73
C GLY A 201 -14.31 -25.74 0.70
N LEU A 202 -15.43 -25.10 1.05
CA LEU A 202 -15.93 -25.18 2.41
C LEU A 202 -17.25 -25.92 2.54
N GLY A 203 -17.67 -26.68 1.53
CA GLY A 203 -18.88 -27.45 1.66
C GLY A 203 -19.71 -27.54 0.40
N PRO A 204 -20.91 -28.12 0.51
CA PRO A 204 -21.80 -28.26 -0.65
C PRO A 204 -22.43 -26.96 -1.09
N VAL A 205 -23.31 -27.02 -2.09
CA VAL A 205 -24.01 -25.85 -2.64
C VAL A 205 -25.47 -26.21 -2.81
N ASP A 206 -26.28 -25.97 -1.79
CA ASP A 206 -27.70 -26.27 -1.84
C ASP A 206 -28.48 -25.13 -2.49
N GLN A 372 -27.57 -6.73 48.30
CA GLN A 372 -26.77 -7.11 47.14
C GLN A 372 -27.20 -8.47 46.61
N SER A 373 -28.37 -8.51 45.97
CA SER A 373 -28.90 -9.76 45.41
C SER A 373 -28.72 -9.78 43.90
N GLY A 374 -27.55 -9.37 43.44
CA GLY A 374 -27.25 -9.37 42.02
C GLY A 374 -26.24 -10.42 41.63
N TRP A 375 -25.51 -10.96 42.61
CA TRP A 375 -24.51 -11.99 42.38
C TRP A 375 -24.92 -13.21 43.19
N VAL A 376 -25.48 -14.22 42.52
CA VAL A 376 -25.91 -15.43 43.18
C VAL A 376 -25.07 -16.58 42.65
N LEU A 377 -24.24 -17.17 43.51
CA LEU A 377 -23.45 -18.33 43.16
C LEU A 377 -24.37 -19.46 42.73
N TYR A 378 -24.23 -19.90 41.48
CA TYR A 378 -25.06 -20.96 40.89
C TYR A 378 -25.12 -22.18 41.79
N ASP A 379 -26.36 -22.64 42.04
CA ASP A 379 -26.70 -23.79 42.87
C ASP A 379 -25.84 -25.02 42.59
N GLU A 380 -25.03 -25.41 43.59
CA GLU A 380 -24.12 -26.56 43.48
C GLU A 380 -24.86 -27.91 43.50
N LYS A 381 -26.16 -27.92 43.19
CA LYS A 381 -26.95 -29.13 43.19
C LYS A 381 -27.63 -29.36 41.85
N GLU A 382 -28.00 -28.29 41.16
CA GLU A 382 -28.68 -28.38 39.86
C GLU A 382 -27.75 -28.01 38.71
N TRP A 383 -26.45 -28.02 38.94
CA TRP A 383 -25.47 -27.70 37.92
C TRP A 383 -24.94 -28.96 37.27
N VAL A 384 -24.60 -28.87 35.98
CA VAL A 384 -24.08 -29.97 35.16
C VAL A 384 -22.93 -29.38 34.37
N PRO A 385 -21.77 -30.05 34.32
CA PRO A 385 -20.62 -29.48 33.61
C PRO A 385 -20.78 -29.44 32.10
N LYS A 386 -20.94 -28.25 31.56
CA LYS A 386 -21.09 -27.95 30.15
C LYS A 386 -19.87 -27.18 29.66
N PRO A 387 -19.51 -27.27 28.38
CA PRO A 387 -18.35 -26.53 27.88
C PRO A 387 -18.58 -25.04 27.84
N ILE A 388 -17.52 -24.31 27.53
CA ILE A 388 -17.55 -22.85 27.61
C ILE A 388 -18.35 -22.32 26.43
N GLY A 389 -19.39 -21.55 26.72
CA GLY A 389 -20.21 -20.94 25.70
C GLY A 389 -21.63 -21.42 25.71
N ILE A 390 -21.82 -22.75 25.64
CA ILE A 390 -23.14 -23.34 25.65
C ILE A 390 -23.86 -23.02 26.96
N VAL A 391 -25.18 -22.88 26.90
CA VAL A 391 -25.99 -22.63 28.08
C VAL A 391 -27.03 -23.75 28.06
N MET B 1 31.15 -37.27 50.34
CA MET B 1 30.04 -37.94 49.65
C MET B 1 29.42 -37.03 48.59
N HIS B 2 28.76 -37.67 47.61
CA HIS B 2 28.07 -37.04 46.48
C HIS B 2 29.03 -36.23 45.62
N HIS B 3 30.01 -36.90 45.02
CA HIS B 3 31.00 -36.22 44.19
C HIS B 3 30.68 -36.17 42.70
N SER B 4 30.99 -35.04 42.08
CA SER B 4 30.80 -34.75 40.66
C SER B 4 31.51 -33.44 40.34
N SER B 5 31.50 -33.01 39.07
CA SER B 5 32.16 -31.76 38.73
C SER B 5 31.56 -31.17 37.46
N PHE B 6 32.05 -29.97 37.14
CA PHE B 6 31.83 -29.03 36.04
C PHE B 6 30.58 -28.18 36.19
N GLN B 7 29.48 -28.73 36.72
CA GLN B 7 28.34 -27.84 36.90
C GLN B 7 28.27 -27.58 38.42
N PRO B 8 28.00 -28.61 39.32
CA PRO B 8 28.00 -28.33 40.77
C PRO B 8 29.40 -28.54 41.32
N ASN B 9 29.50 -29.19 42.49
CA ASN B 9 30.71 -29.53 43.20
C ASN B 9 30.26 -30.40 44.37
N ASN B 10 31.22 -31.13 44.94
CA ASN B 10 31.02 -32.06 46.07
C ASN B 10 30.39 -31.33 47.25
N SER B 11 29.65 -32.08 48.07
CA SER B 11 29.05 -31.49 49.26
C SER B 11 29.84 -32.01 50.44
N ASN B 12 29.38 -33.07 51.13
CA ASN B 12 30.00 -33.74 52.29
C ASN B 12 28.92 -34.74 52.73
N PHE B 13 28.67 -34.83 54.03
CA PHE B 13 27.67 -35.73 54.61
C PHE B 13 26.29 -35.16 54.39
N GLN B 14 25.47 -35.89 53.64
CA GLN B 14 24.10 -35.49 53.31
C GLN B 14 23.19 -36.45 54.06
N ARG B 15 22.62 -35.99 55.16
CA ARG B 15 21.76 -36.80 56.00
C ARG B 15 20.29 -36.54 55.67
N LYS B 16 19.64 -37.56 55.10
CA LYS B 16 18.24 -37.52 54.73
C LYS B 16 17.41 -37.89 55.95
N ALA B 17 16.47 -37.03 56.35
CA ALA B 17 15.65 -37.33 57.52
C ALA B 17 14.26 -36.77 57.34
N GLY B 18 13.25 -37.64 57.41
CA GLY B 18 11.85 -37.23 57.31
C GLY B 18 11.40 -36.55 56.02
N GLY B 19 12.24 -36.59 54.99
CA GLY B 19 11.95 -35.98 53.71
C GLY B 19 12.77 -34.74 53.44
N ARG B 20 13.55 -34.27 54.42
CA ARG B 20 14.37 -33.08 54.22
C ARG B 20 15.84 -33.49 54.18
N LEU B 21 16.68 -32.61 53.64
CA LEU B 21 18.11 -32.89 53.48
C LEU B 21 18.96 -31.94 54.28
N VAL B 22 19.69 -32.47 55.25
CA VAL B 22 20.60 -31.68 56.07
C VAL B 22 21.99 -31.87 55.49
N LEU B 23 22.55 -30.81 54.91
CA LEU B 23 23.87 -30.91 54.28
C LEU B 23 24.84 -29.91 54.90
N SER B 24 26.02 -30.40 55.25
CA SER B 24 27.11 -29.61 55.84
C SER B 24 28.17 -29.37 54.78
N THR B 25 28.69 -28.14 54.71
CA THR B 25 29.74 -27.86 53.71
C THR B 25 30.79 -26.97 54.37
N PRO B 26 32.01 -27.51 54.65
CA PRO B 26 33.08 -26.72 55.27
C PRO B 26 34.10 -26.06 54.34
N ASP B 27 33.61 -25.33 53.33
CA ASP B 27 34.40 -24.62 52.32
C ASP B 27 33.38 -23.98 51.36
N VAL B 28 33.84 -23.00 50.56
CA VAL B 28 33.03 -22.34 49.55
C VAL B 28 32.54 -23.42 48.60
N GLU B 29 31.23 -23.71 48.60
CA GLU B 29 30.69 -24.78 47.76
C GLU B 29 29.42 -24.31 47.06
N ARG B 30 29.38 -24.48 45.75
CA ARG B 30 28.25 -24.07 44.91
C ARG B 30 27.53 -25.28 44.33
N PHE B 31 26.20 -25.27 44.42
CA PHE B 31 25.41 -26.35 43.86
C PHE B 31 24.08 -25.86 43.33
N VAL B 32 23.64 -26.45 42.21
CA VAL B 32 22.37 -26.11 41.60
C VAL B 32 21.33 -26.99 42.29
N ILE B 33 20.05 -26.60 42.25
CA ILE B 33 18.97 -27.36 42.90
C ILE B 33 17.68 -27.14 42.11
N LEU B 34 17.34 -28.03 41.20
CA LEU B 34 16.11 -27.88 40.44
C LEU B 34 14.93 -28.41 41.25
N GLY B 35 13.79 -27.74 41.12
CA GLY B 35 12.57 -28.14 41.82
C GLY B 35 11.90 -27.07 42.67
N ASN B 36 11.27 -27.49 43.75
CA ASN B 36 10.59 -26.61 44.69
C ASN B 36 11.15 -26.93 46.05
N TYR B 37 11.69 -25.92 46.74
CA TYR B 37 12.31 -26.21 48.02
C TYR B 37 12.38 -24.98 48.90
N GLY B 38 12.30 -25.22 50.21
CA GLY B 38 12.39 -24.15 51.19
C GLY B 38 13.76 -24.18 51.84
N VAL B 39 14.38 -23.01 51.94
CA VAL B 39 15.71 -22.90 52.56
C VAL B 39 15.55 -22.32 53.95
N LYS B 40 16.34 -22.84 54.92
CA LYS B 40 16.33 -22.34 56.30
C LYS B 40 17.72 -22.61 56.88
N VAL B 41 18.63 -21.66 56.64
CA VAL B 41 20.00 -21.76 57.13
C VAL B 41 20.06 -21.80 58.65
N HIS B 42 20.89 -22.70 59.18
CA HIS B 42 21.09 -22.81 60.63
C HIS B 42 22.33 -22.08 61.12
N GLN B 43 23.45 -22.20 60.42
CA GLN B 43 24.67 -21.52 60.81
C GLN B 43 25.47 -21.13 59.58
N GLY B 44 25.87 -19.86 59.47
CA GLY B 44 26.69 -19.40 58.36
C GLY B 44 25.99 -18.37 57.49
N GLU B 45 26.40 -18.33 56.21
CA GLU B 45 25.87 -17.39 55.24
C GLU B 45 25.80 -18.02 53.85
N VAL B 46 24.62 -17.96 53.23
CA VAL B 46 24.41 -18.52 51.90
C VAL B 46 23.86 -17.44 50.97
N THR B 47 24.36 -17.41 49.74
CA THR B 47 23.86 -16.47 48.75
C THR B 47 23.07 -17.24 47.70
N ILE B 48 21.77 -16.97 47.62
CA ILE B 48 20.87 -17.64 46.68
C ILE B 48 20.24 -16.59 45.78
N ALA B 49 20.54 -16.68 44.48
CA ALA B 49 20.04 -15.83 43.39
C ALA B 49 19.91 -14.34 43.66
N GLY B 50 20.74 -13.77 44.53
CA GLY B 50 20.69 -12.36 44.83
C GLY B 50 20.39 -12.02 46.28
N ALA B 51 19.87 -12.96 47.06
CA ALA B 51 19.52 -12.70 48.45
C ALA B 51 20.43 -13.48 49.38
N THR B 52 20.98 -12.77 50.36
CA THR B 52 21.86 -13.35 51.36
C THR B 52 21.06 -13.80 52.57
N LEU B 53 21.14 -15.08 52.91
CA LEU B 53 20.40 -15.59 54.05
C LEU B 53 21.38 -15.97 55.15
N THR B 54 20.93 -15.79 56.40
CA THR B 54 21.71 -16.04 57.62
C THR B 54 20.81 -16.76 58.64
N PRO B 55 21.32 -17.17 59.85
CA PRO B 55 20.43 -17.83 60.84
C PRO B 55 19.12 -17.14 61.21
N ILE B 56 19.13 -15.83 61.45
CA ILE B 56 17.94 -15.12 61.90
C ILE B 56 17.13 -14.64 60.70
N ASP B 57 16.47 -15.58 60.02
CA ASP B 57 15.63 -15.32 58.85
C ASP B 57 14.66 -16.48 58.73
N ASP B 58 13.43 -16.16 58.34
CA ASP B 58 12.37 -17.15 58.17
C ASP B 58 12.66 -18.01 56.94
N VAL B 59 11.93 -19.13 56.80
CA VAL B 59 12.10 -20.03 55.67
C VAL B 59 11.72 -19.33 54.39
N GLN B 60 12.50 -19.53 53.33
CA GLN B 60 12.22 -18.93 52.04
C GLN B 60 11.90 -19.99 51.00
N TRP B 61 10.68 -19.96 50.47
CA TRP B 61 10.26 -20.92 49.47
C TRP B 61 10.78 -20.48 48.11
N VAL B 62 11.52 -21.35 47.43
CA VAL B 62 12.09 -21.06 46.12
C VAL B 62 11.55 -22.04 45.11
N HIS B 63 11.07 -21.50 43.99
CA HIS B 63 10.59 -22.29 42.85
C HIS B 63 11.64 -22.13 41.76
N ALA B 64 12.21 -23.24 41.31
CA ALA B 64 13.22 -23.17 40.26
C ALA B 64 12.83 -23.82 38.94
N PRO B 65 11.90 -23.24 38.16
CA PRO B 65 11.51 -23.81 36.87
C PRO B 65 12.61 -24.04 35.86
N HIS B 66 12.70 -25.27 35.36
CA HIS B 66 13.65 -25.72 34.33
C HIS B 66 13.66 -24.89 33.03
N CYS B 67 12.70 -23.97 32.89
CA CYS B 67 12.59 -23.11 31.73
C CYS B 67 13.62 -21.99 31.76
N HIS B 68 13.57 -21.15 32.78
CA HIS B 68 14.51 -20.03 32.92
C HIS B 68 15.85 -20.46 33.47
N ALA B 69 16.63 -19.48 33.93
CA ALA B 69 17.95 -19.74 34.49
C ALA B 69 17.81 -20.20 35.94
N LEU B 70 18.00 -21.50 36.16
CA LEU B 70 17.94 -22.12 37.48
C LEU B 70 18.83 -21.40 38.48
N PRO B 71 18.32 -21.01 39.64
CA PRO B 71 19.14 -20.33 40.65
C PRO B 71 20.23 -21.24 41.22
N VAL B 72 21.41 -20.65 41.42
CA VAL B 72 22.57 -21.35 41.96
C VAL B 72 22.71 -20.96 43.43
N LEU B 73 23.06 -21.92 44.28
CA LEU B 73 23.23 -21.66 45.70
C LEU B 73 24.71 -21.79 46.05
N ARG B 74 25.31 -20.68 46.49
CA ARG B 74 26.73 -20.64 46.84
C ARG B 74 26.85 -20.43 48.34
N THR B 75 27.57 -21.31 49.02
CA THR B 75 27.74 -21.15 50.45
C THR B 75 29.14 -20.72 50.79
N ALA B 76 29.22 -19.73 51.68
CA ALA B 76 30.43 -19.09 52.21
C ALA B 76 30.62 -19.60 53.62
N ASN B 77 31.85 -19.97 54.00
CA ASN B 77 32.48 -21.07 54.76
C ASN B 77 31.55 -21.94 55.63
N ASP B 78 32.17 -22.90 56.38
CA ASP B 78 31.57 -23.99 57.17
C ASP B 78 30.19 -23.64 57.71
N THR B 79 29.21 -24.14 56.96
CA THR B 79 27.78 -23.93 57.15
C THR B 79 27.02 -25.24 57.08
N VAL B 80 25.82 -25.22 57.67
CA VAL B 80 24.90 -26.36 57.71
C VAL B 80 23.54 -25.85 57.25
N ILE B 81 22.96 -26.50 56.24
CA ILE B 81 21.69 -26.07 55.66
C ILE B 81 20.70 -27.23 55.80
N GLU B 82 19.40 -26.88 55.82
CA GLU B 82 18.30 -27.83 55.87
C GLU B 82 17.35 -27.46 54.75
N LEU B 83 17.25 -28.32 53.74
CA LEU B 83 16.39 -28.10 52.59
C LEU B 83 15.08 -28.84 52.82
N LEU B 84 13.98 -28.07 53.01
CA LEU B 84 12.63 -28.57 53.24
C LEU B 84 11.88 -28.78 51.93
N PRO B 85 10.89 -29.68 51.91
CA PRO B 85 10.10 -29.90 50.70
C PRO B 85 8.93 -28.94 50.60
N CYS B 86 8.59 -28.59 49.35
CA CYS B 86 7.48 -27.64 49.29
C CYS B 86 6.13 -28.36 49.20
N PRO B 87 5.14 -27.91 49.98
CA PRO B 87 3.81 -28.54 49.93
C PRO B 87 2.92 -28.11 48.76
N THR B 88 2.46 -26.85 48.73
CA THR B 88 1.58 -26.27 47.71
C THR B 88 1.98 -26.58 46.27
N ALA B 89 3.29 -26.77 46.03
CA ALA B 89 3.82 -27.11 44.71
C ALA B 89 3.13 -28.31 44.07
N GLN B 90 2.69 -29.28 44.90
CA GLN B 90 1.99 -30.47 44.42
C GLN B 90 0.73 -30.07 43.63
N GLY B 91 -0.02 -29.11 44.17
CA GLY B 91 -1.20 -28.61 43.48
C GLY B 91 -0.86 -28.05 42.13
N LEU B 92 0.19 -27.22 42.07
CA LEU B 92 0.64 -26.64 40.81
C LEU B 92 1.04 -27.74 39.84
N ARG B 93 1.79 -28.73 40.33
CA ARG B 93 2.21 -29.87 39.52
C ARG B 93 1.06 -30.50 38.76
N GLU B 94 -0.04 -30.82 39.46
CA GLU B 94 -1.23 -31.43 38.83
C GLU B 94 -1.79 -30.66 37.63
N LEU B 95 -1.46 -29.37 37.47
CA LEU B 95 -1.93 -28.56 36.35
C LEU B 95 -1.51 -29.12 35.00
N ALA B 96 -0.48 -29.99 34.97
CA ALA B 96 -0.01 -30.63 33.77
C ALA B 96 -1.09 -31.49 33.12
N ARG B 97 -2.08 -31.93 33.88
CA ARG B 97 -3.13 -32.74 33.28
C ARG B 97 -4.14 -31.89 32.52
N LEU B 98 -4.06 -30.57 32.62
CA LEU B 98 -5.02 -29.72 31.92
C LEU B 98 -4.41 -28.99 30.74
N ASN B 99 -3.10 -29.16 30.49
CA ASN B 99 -2.35 -28.54 29.41
C ASN B 99 -0.93 -29.09 29.40
N PRO B 100 -0.55 -29.87 28.38
CA PRO B 100 0.80 -30.44 28.28
C PRO B 100 2.00 -29.52 28.39
N LEU B 101 1.80 -28.21 28.23
CA LEU B 101 2.90 -27.26 28.31
C LEU B 101 3.49 -27.22 29.71
N PHE B 102 2.65 -27.30 30.74
CA PHE B 102 3.12 -27.32 32.11
C PHE B 102 3.71 -28.67 32.51
N GLY B 103 3.66 -29.66 31.62
CA GLY B 103 4.20 -30.97 31.93
C GLY B 103 5.71 -30.98 32.00
N ARG B 104 6.37 -30.47 30.96
CA ARG B 104 7.83 -30.45 30.93
C ARG B 104 8.37 -29.12 31.48
N LEU B 105 8.24 -28.98 32.78
CA LEU B 105 8.73 -27.76 33.42
C LEU B 105 9.29 -27.98 34.82
N TRP B 106 9.54 -29.21 35.26
CA TRP B 106 10.04 -29.44 36.59
C TRP B 106 10.94 -30.68 36.58
N ASN B 107 11.34 -31.10 37.76
CA ASN B 107 12.20 -32.27 37.95
C ASN B 107 11.46 -33.55 37.57
N GLU B 108 12.02 -34.28 36.61
CA GLU B 108 11.41 -35.53 36.15
C GLU B 108 11.95 -36.69 36.99
N THR B 109 11.54 -36.69 38.26
CA THR B 109 11.92 -37.70 39.25
C THR B 109 10.73 -38.06 40.11
N SER B 110 10.98 -38.32 41.39
CA SER B 110 9.93 -38.71 42.34
C SER B 110 9.63 -37.56 43.31
N ASP B 111 10.59 -37.16 44.13
CA ASP B 111 10.41 -36.07 45.09
C ASP B 111 10.15 -34.71 44.45
N THR B 112 10.05 -33.68 45.30
CA THR B 112 9.78 -32.33 44.82
C THR B 112 11.01 -31.66 44.20
N PHE B 113 12.20 -31.91 44.76
CA PHE B 113 13.42 -31.28 44.26
C PHE B 113 14.55 -32.31 44.18
N GLN B 114 15.30 -32.27 43.07
CA GLN B 114 16.40 -33.20 42.88
C GLN B 114 17.68 -32.43 42.58
N ILE B 115 18.71 -32.64 43.42
CA ILE B 115 20.01 -32.01 43.22
C ILE B 115 20.53 -32.41 41.82
N ILE B 116 21.36 -31.57 41.22
CA ILE B 116 21.89 -31.83 39.89
C ILE B 116 23.40 -31.93 39.95
N TYR B 117 23.93 -32.93 39.26
CA TYR B 117 25.35 -33.21 39.16
C TYR B 117 25.70 -33.25 37.68
N THR B 118 26.91 -33.74 37.38
CA THR B 118 27.76 -33.30 36.28
C THR B 118 27.10 -33.00 34.94
N SER B 119 26.58 -34.03 34.25
CA SER B 119 25.79 -33.78 33.06
C SER B 119 24.60 -34.72 32.90
N ALA B 120 24.55 -35.82 33.64
CA ALA B 120 23.59 -36.89 33.36
C ALA B 120 22.37 -36.85 34.24
N ASP B 121 22.30 -35.90 35.17
CA ASP B 121 21.13 -35.81 36.04
C ASP B 121 20.06 -34.95 35.39
N ALA B 122 20.35 -34.40 34.23
CA ALA B 122 19.45 -33.58 33.43
C ALA B 122 18.30 -34.42 32.91
N PRO B 123 17.13 -33.81 32.71
CA PRO B 123 16.02 -34.55 32.09
C PRO B 123 16.26 -34.76 30.60
N LYS B 124 15.44 -35.64 30.03
CA LYS B 124 15.60 -36.06 28.65
C LYS B 124 15.04 -35.03 27.68
N ARG B 125 15.72 -34.90 26.54
CA ARG B 125 15.30 -34.07 25.39
C ARG B 125 15.14 -32.60 25.76
N THR B 126 15.99 -32.10 26.67
CA THR B 126 15.86 -30.73 27.13
C THR B 126 17.21 -30.26 27.64
N SER B 127 17.59 -29.03 27.25
CA SER B 127 18.81 -28.43 27.76
C SER B 127 18.59 -27.88 29.15
N LEU B 128 19.63 -27.32 29.77
CA LEU B 128 19.53 -26.91 31.17
C LEU B 128 20.51 -25.76 31.38
N ARG B 129 20.00 -24.53 31.25
CA ARG B 129 20.83 -23.33 31.41
C ARG B 129 21.26 -23.16 32.87
N GLU B 130 21.79 -21.97 33.17
CA GLU B 130 22.25 -21.69 34.53
C GLU B 130 22.47 -20.19 34.69
N LEU B 131 21.99 -19.63 35.79
CA LEU B 131 22.14 -18.21 36.06
C LEU B 131 23.59 -17.91 36.42
N ALA B 132 24.20 -17.01 35.65
CA ALA B 132 25.58 -16.61 35.89
C ALA B 132 25.65 -15.09 35.85
N SER B 133 26.22 -14.51 36.89
CA SER B 133 26.32 -13.05 37.00
C SER B 133 27.63 -12.56 36.42
N HIS B 134 27.54 -11.70 35.41
CA HIS B 134 28.71 -11.10 34.82
C HIS B 134 29.39 -10.17 35.84
N PRO B 135 30.72 -10.04 35.81
CA PRO B 135 31.42 -9.15 36.76
C PRO B 135 30.94 -7.71 36.72
N ALA B 136 30.67 -7.17 35.53
CA ALA B 136 30.18 -5.81 35.36
C ALA B 136 28.89 -5.58 36.13
N TRP B 137 27.86 -6.38 35.81
CA TRP B 137 26.54 -6.35 36.45
C TRP B 137 26.64 -6.28 37.97
N ASN B 138 27.39 -7.23 38.54
CA ASN B 138 27.59 -7.33 39.98
C ASN B 138 28.24 -6.07 40.54
N LYS B 139 29.33 -5.61 39.91
CA LYS B 139 30.02 -4.40 40.35
C LYS B 139 29.11 -3.18 40.34
N LYS B 140 28.36 -2.99 39.24
CA LYS B 140 27.42 -1.89 39.10
C LYS B 140 26.39 -1.91 40.23
N ILE B 141 25.81 -3.09 40.48
CA ILE B 141 24.84 -3.28 41.58
C ILE B 141 25.44 -2.83 42.90
N SER B 142 26.68 -3.25 43.17
CA SER B 142 27.40 -2.83 44.38
C SER B 142 27.48 -1.32 44.51
N GLU B 143 27.86 -0.64 43.42
CA GLU B 143 27.94 0.81 43.39
C GLU B 143 26.60 1.46 43.73
N LEU B 144 25.54 1.06 43.02
CA LEU B 144 24.20 1.59 43.30
C LEU B 144 23.80 1.38 44.75
N LEU B 145 24.02 0.17 45.27
CA LEU B 145 23.70 -0.17 46.66
C LEU B 145 24.37 0.75 47.67
N THR B 146 25.70 0.90 47.58
CA THR B 146 26.43 1.77 48.50
C THR B 146 25.94 3.23 48.40
N SER B 147 25.69 3.72 47.17
CA SER B 147 25.14 5.08 47.02
C SER B 147 23.78 5.21 47.69
N THR B 148 22.88 4.26 47.41
CA THR B 148 21.53 4.20 47.98
C THR B 148 21.52 4.31 49.50
N ARG B 149 22.33 3.49 50.18
CA ARG B 149 22.40 3.48 51.64
C ARG B 149 22.72 4.84 52.27
N ARG B 150 23.42 5.71 51.54
CA ARG B 150 23.76 7.05 52.00
C ARG B 150 22.98 8.12 51.24
N LYS B 151 21.68 7.86 50.99
CA LYS B 151 20.83 8.77 50.22
C LYS B 151 19.39 8.40 50.61
N PRO B 152 18.31 8.92 49.97
CA PRO B 152 16.97 8.48 50.38
C PRO B 152 16.47 7.30 49.56
N SER B 153 15.30 7.40 48.93
CA SER B 153 14.63 6.36 48.14
C SER B 153 14.84 6.55 46.64
N PRO B 154 15.84 5.89 46.05
CA PRO B 154 16.10 6.04 44.63
C PRO B 154 15.09 5.34 43.74
N ILE B 155 15.02 5.80 42.50
CA ILE B 155 14.14 5.24 41.48
C ILE B 155 15.04 4.80 40.33
N LEU B 156 14.99 3.51 40.02
CA LEU B 156 15.80 2.90 38.99
C LEU B 156 14.95 2.56 37.79
N PHE B 157 15.25 3.18 36.66
CA PHE B 157 14.52 2.99 35.42
C PHE B 157 15.37 2.08 34.56
N ILE B 158 14.91 0.85 34.37
CA ILE B 158 15.64 -0.16 33.60
C ILE B 158 14.99 -0.30 32.24
N CYS B 159 15.79 -0.25 31.17
CA CYS B 159 15.25 -0.40 29.83
C CYS B 159 16.33 -0.94 28.90
N GLY B 160 15.92 -1.21 27.67
CA GLY B 160 16.82 -1.72 26.66
C GLY B 160 16.11 -2.56 25.62
N PRO B 161 16.80 -2.83 24.51
CA PRO B 161 16.23 -3.66 23.44
C PRO B 161 15.82 -5.05 23.92
N LYS B 162 14.86 -5.65 23.19
CA LYS B 162 14.31 -6.97 23.46
C LYS B 162 15.38 -8.03 23.74
N SER B 163 14.99 -9.07 24.51
CA SER B 163 15.80 -10.19 24.96
C SER B 163 17.25 -9.81 25.27
N SER B 164 17.44 -8.94 26.25
CA SER B 164 18.75 -8.48 26.64
C SER B 164 19.09 -8.76 28.09
N GLY B 165 18.10 -8.92 28.96
CA GLY B 165 18.35 -9.21 30.35
C GLY B 165 17.80 -8.17 31.31
N LYS B 166 16.85 -7.37 30.83
CA LYS B 166 16.21 -6.35 31.67
C LYS B 166 15.56 -6.96 32.90
N SER B 167 14.72 -7.98 32.69
CA SER B 167 14.00 -8.66 33.77
C SER B 167 14.95 -9.26 34.79
N THR B 168 15.90 -10.09 34.32
CA THR B 168 16.90 -10.74 35.18
C THR B 168 17.64 -9.74 36.06
N PHE B 169 18.14 -8.67 35.44
CA PHE B 169 18.83 -7.62 36.16
C PHE B 169 17.94 -7.00 37.23
N GLY B 170 16.69 -6.68 36.85
CA GLY B 170 15.71 -6.16 37.80
C GLY B 170 15.55 -7.05 39.01
N ARG B 171 15.41 -8.37 38.76
CA ARG B 171 15.33 -9.39 39.81
C ARG B 171 16.48 -9.23 40.79
N LEU B 172 17.72 -9.19 40.25
CA LEU B 172 18.92 -9.01 41.06
C LEU B 172 18.86 -7.76 41.92
N LEU B 173 18.55 -6.62 41.29
CA LEU B 173 18.42 -5.34 41.99
C LEU B 173 17.45 -5.42 43.16
N THR B 174 16.25 -5.92 42.90
CA THR B 174 15.21 -6.04 43.93
C THR B 174 15.68 -6.88 45.10
N ASN B 175 16.12 -8.12 44.81
CA ASN B 175 16.58 -9.05 45.84
C ASN B 175 17.74 -8.50 46.64
N ARG B 176 18.74 -7.91 45.97
CA ARG B 176 19.89 -7.40 46.71
C ARG B 176 19.57 -6.17 47.55
N LEU B 177 18.86 -5.18 46.98
CA LEU B 177 18.47 -3.99 47.75
C LEU B 177 17.70 -4.36 49.00
N MET B 178 16.76 -5.29 48.85
CA MET B 178 15.94 -5.77 49.96
C MET B 178 16.77 -6.45 51.04
N THR B 179 17.47 -7.52 50.68
CA THR B 179 18.15 -8.39 51.63
C THR B 179 19.55 -7.98 52.10
N ASP B 180 20.29 -7.10 51.38
CA ASP B 180 21.68 -6.69 51.63
C ASP B 180 22.26 -6.69 53.04
N ARG B 181 21.60 -6.02 53.99
CA ARG B 181 21.98 -5.89 55.41
C ARG B 181 23.48 -5.71 55.67
N ALA B 182 24.07 -4.66 55.07
CA ALA B 182 25.50 -4.37 55.17
C ALA B 182 26.21 -4.28 56.53
N GLY B 183 26.49 -3.06 57.02
CA GLY B 183 27.20 -2.89 58.29
C GLY B 183 26.34 -2.47 59.49
N HIS B 184 25.04 -2.27 59.29
CA HIS B 184 24.06 -1.85 60.30
C HIS B 184 23.85 -2.85 61.46
N LYS B 185 24.50 -4.00 61.44
CA LYS B 185 24.40 -5.16 62.35
C LYS B 185 23.06 -5.72 61.93
N SER B 186 23.09 -6.07 60.67
CA SER B 186 22.19 -6.63 59.69
C SER B 186 21.07 -5.64 59.35
N ARG B 187 19.95 -5.73 60.11
CA ARG B 187 18.67 -4.98 60.17
C ARG B 187 17.59 -6.03 60.12
N SER B 188 16.53 -5.67 59.39
CA SER B 188 15.36 -6.46 59.06
C SER B 188 15.34 -6.33 57.54
N TRP B 189 14.35 -6.85 56.85
CA TRP B 189 14.32 -6.73 55.39
C TRP B 189 13.52 -5.50 54.96
N LYS B 190 14.23 -4.52 54.43
CA LYS B 190 13.65 -3.26 53.96
C LYS B 190 12.71 -3.51 52.79
N PRO B 191 11.41 -3.16 52.90
CA PRO B 191 10.45 -3.33 51.80
C PRO B 191 10.87 -2.72 50.47
N VAL B 192 10.31 -3.17 49.36
CA VAL B 192 10.65 -2.65 48.03
C VAL B 192 9.38 -2.69 47.18
N MET B 193 9.14 -1.63 46.40
CA MET B 193 7.99 -1.56 45.54
C MET B 193 8.44 -1.72 44.09
N VAL B 194 7.63 -2.41 43.29
CA VAL B 194 7.93 -2.67 41.89
C VAL B 194 6.78 -2.14 41.06
N LEU B 195 7.10 -1.41 40.00
CA LEU B 195 6.10 -0.86 39.10
C LEU B 195 6.28 -1.57 37.78
N ASP B 196 5.29 -2.35 37.38
CA ASP B 196 5.36 -3.10 36.14
C ASP B 196 4.52 -2.37 35.11
N LEU B 197 5.20 -1.85 34.08
CA LEU B 197 4.60 -1.12 32.98
C LEU B 197 4.73 -1.90 31.69
N ASP B 198 4.83 -3.23 31.79
CA ASP B 198 5.00 -4.12 30.65
C ASP B 198 3.73 -4.94 30.43
N PRO B 199 2.78 -4.47 29.62
CA PRO B 199 1.57 -5.28 29.37
C PRO B 199 1.87 -6.60 28.70
N GLY B 200 2.81 -6.61 27.76
CA GLY B 200 3.25 -7.78 26.99
C GLY B 200 3.55 -9.03 27.79
N GLN B 201 4.54 -8.95 28.67
CA GLN B 201 4.93 -10.07 29.52
C GLN B 201 5.15 -9.48 30.90
N PRO B 202 4.08 -9.30 31.66
CA PRO B 202 4.20 -8.68 32.98
C PRO B 202 4.86 -9.51 34.06
N GLU B 203 4.81 -8.96 35.27
CA GLU B 203 5.29 -9.62 36.48
C GLU B 203 4.41 -9.13 37.62
N PHE B 204 4.03 -10.05 38.52
CA PHE B 204 3.07 -9.82 39.60
C PHE B 204 1.71 -9.34 39.09
N SER B 205 1.32 -9.79 37.90
CA SER B 205 0.08 -9.35 37.27
C SER B 205 -0.24 -10.29 36.12
N PRO B 206 -1.50 -10.46 35.77
CA PRO B 206 -1.85 -11.18 34.55
C PRO B 206 -1.52 -10.34 33.33
N PRO B 207 -1.41 -10.95 32.14
CA PRO B 207 -1.06 -10.19 30.95
C PRO B 207 -2.17 -9.24 30.54
N GLY B 208 -1.76 -8.08 30.03
CA GLY B 208 -2.72 -7.06 29.69
C GLY B 208 -3.08 -6.13 30.82
N VAL B 209 -2.34 -6.13 31.93
CA VAL B 209 -2.61 -5.30 33.08
C VAL B 209 -1.31 -4.73 33.60
N VAL B 210 -1.33 -3.43 33.94
CA VAL B 210 -0.20 -2.72 34.50
C VAL B 210 -0.45 -2.63 36.01
N SER B 211 0.61 -2.63 36.83
CA SER B 211 0.32 -2.64 38.26
C SER B 211 1.51 -2.26 39.12
N LEU B 212 1.19 -1.88 40.36
CA LEU B 212 2.17 -1.51 41.38
C LEU B 212 2.10 -2.57 42.48
N THR B 213 3.24 -3.16 42.83
CA THR B 213 3.30 -4.22 43.82
C THR B 213 4.26 -3.87 44.95
N LYS B 214 3.95 -4.31 46.17
CA LYS B 214 4.77 -4.10 47.35
C LYS B 214 5.32 -5.44 47.81
N LEU B 215 6.64 -5.59 47.85
CA LEU B 215 7.30 -6.83 48.24
C LEU B 215 7.99 -6.73 49.60
N ARG B 216 7.79 -7.75 50.42
CA ARG B 216 8.43 -7.90 51.72
C ARG B 216 9.50 -8.97 51.69
N ARG B 217 9.19 -10.12 51.13
CA ARG B 217 10.10 -11.26 51.03
C ARG B 217 10.81 -11.20 49.68
N PRO B 218 11.90 -11.97 49.50
CA PRO B 218 12.57 -11.96 48.19
C PRO B 218 11.70 -12.57 47.12
N ASN B 219 11.94 -12.15 45.89
CA ASN B 219 11.18 -12.63 44.74
C ASN B 219 12.02 -13.68 44.02
N LEU B 220 11.88 -14.92 44.44
CA LEU B 220 12.61 -16.04 43.85
C LEU B 220 11.59 -16.97 43.23
N ALA B 221 11.08 -16.59 42.04
CA ALA B 221 10.08 -17.31 41.25
C ALA B 221 9.74 -16.55 39.97
N PRO B 222 9.53 -17.25 38.87
CA PRO B 222 9.16 -16.63 37.59
C PRO B 222 7.82 -15.92 37.64
N PRO B 223 7.40 -15.26 36.54
CA PRO B 223 6.08 -14.60 36.56
C PRO B 223 4.91 -15.56 36.67
N PHE B 224 4.94 -16.70 35.98
CA PHE B 224 3.81 -17.63 36.04
C PHE B 224 3.76 -18.48 37.31
N CYS B 225 4.34 -18.02 38.40
CA CYS B 225 4.32 -18.77 39.65
C CYS B 225 3.73 -17.94 40.78
N HIS B 226 3.23 -16.75 40.46
CA HIS B 226 2.52 -15.80 41.34
C HIS B 226 1.87 -14.65 40.56
N PRO B 227 0.99 -14.91 39.53
CA PRO B 227 0.38 -13.78 38.82
C PRO B 227 -0.55 -12.91 39.66
N GLY B 228 -1.56 -13.48 40.30
CA GLY B 228 -2.48 -12.73 41.10
C GLY B 228 -2.02 -12.66 42.55
N LEU B 229 -2.27 -11.54 43.19
CA LEU B 229 -1.91 -11.33 44.58
C LEU B 229 -3.14 -10.89 45.34
N SER B 230 -3.24 -11.32 46.59
CA SER B 230 -4.32 -10.99 47.50
C SER B 230 -4.52 -9.48 47.61
N PHE B 231 -5.54 -8.98 46.91
CA PHE B 231 -5.87 -7.56 46.85
C PHE B 231 -6.02 -6.95 48.24
N GLY B 232 -5.50 -5.74 48.40
CA GLY B 232 -5.56 -5.04 49.67
C GLY B 232 -4.24 -5.02 50.40
N ASN B 240 4.12 -8.72 56.67
CA ASN B 240 2.86 -9.45 56.66
C ASN B 240 2.37 -9.69 55.23
N GLU B 241 1.85 -10.91 55.02
CA GLU B 241 1.28 -11.43 53.77
C GLU B 241 2.25 -11.56 52.60
N GLY B 242 3.49 -11.12 52.75
CA GLY B 242 4.48 -11.31 51.71
C GLY B 242 4.38 -10.31 50.58
N MET B 243 3.41 -10.51 49.67
CA MET B 243 3.29 -9.67 48.48
C MET B 243 1.85 -9.21 48.37
N THR B 244 1.62 -7.91 48.42
CA THR B 244 0.29 -7.34 48.24
C THR B 244 0.30 -6.41 47.04
N THR B 245 -0.87 -6.19 46.47
CA THR B 245 -1.03 -5.36 45.29
C THR B 245 -1.76 -4.07 45.65
N VAL B 246 -1.14 -2.94 45.35
CA VAL B 246 -1.71 -1.65 45.69
C VAL B 246 -2.79 -1.26 44.69
N ARG B 247 -2.43 -1.20 43.40
CA ARG B 247 -3.38 -0.78 42.38
C ARG B 247 -3.03 -1.33 41.01
N MET B 248 -4.05 -1.69 40.23
CA MET B 248 -3.89 -2.20 38.88
C MET B 248 -4.79 -1.45 37.92
N HIS B 249 -4.38 -1.43 36.65
CA HIS B 249 -5.17 -0.82 35.59
C HIS B 249 -5.17 -1.71 34.36
N ALA B 250 -6.31 -1.77 33.70
CA ALA B 250 -6.54 -2.67 32.58
C ALA B 250 -6.27 -1.92 31.29
N ILE B 251 -5.08 -2.11 30.73
CA ILE B 251 -4.76 -1.63 29.39
C ILE B 251 -4.98 -2.83 28.47
N ALA B 252 -6.18 -2.89 27.89
CA ALA B 252 -6.63 -4.10 27.23
C ALA B 252 -5.94 -4.32 25.89
N SER B 253 -4.66 -4.63 25.92
CA SER B 253 -3.89 -4.98 24.73
C SER B 253 -2.66 -5.75 25.17
N VAL B 254 -1.82 -6.09 24.21
CA VAL B 254 -0.56 -6.76 24.51
C VAL B 254 0.56 -5.96 23.86
N THR B 255 0.22 -4.76 23.39
CA THR B 255 1.13 -3.80 22.79
C THR B 255 0.53 -2.42 22.98
N PRO B 256 0.98 -1.63 24.01
CA PRO B 256 0.45 -0.27 24.27
C PRO B 256 0.27 0.69 23.09
N ALA B 257 0.91 0.40 21.96
CA ALA B 257 0.81 1.19 20.74
C ALA B 257 -0.56 1.07 20.10
N LEU B 258 -1.60 1.43 20.85
CA LEU B 258 -2.98 1.41 20.42
C LEU B 258 -3.67 2.60 21.07
N ASP B 259 -3.00 3.20 22.09
CA ASP B 259 -3.53 4.38 22.80
C ASP B 259 -2.52 4.96 23.79
N PRO B 260 -1.43 5.59 23.30
CA PRO B 260 -0.40 6.20 24.18
C PRO B 260 -0.89 7.06 25.34
N ALA B 261 -1.94 7.86 25.11
CA ALA B 261 -2.51 8.76 26.11
C ALA B 261 -2.91 8.02 27.38
N HIS B 262 -3.72 6.97 27.23
CA HIS B 262 -4.17 6.16 28.37
C HIS B 262 -2.99 5.59 29.13
N PHE B 263 -2.04 5.00 28.40
CA PHE B 263 -0.84 4.39 28.98
C PHE B 263 -0.09 5.36 29.89
N ILE B 264 0.22 6.56 29.38
CA ILE B 264 0.91 7.57 30.17
C ILE B 264 0.06 8.00 31.37
N ALA B 265 -1.24 8.18 31.15
CA ALA B 265 -2.18 8.51 32.22
C ALA B 265 -2.09 7.51 33.37
N CYS B 266 -2.15 6.21 33.03
CA CYS B 266 -2.02 5.13 34.01
C CYS B 266 -0.72 5.26 34.79
N ALA B 267 0.39 5.43 34.07
CA ALA B 267 1.70 5.66 34.67
C ALA B 267 1.66 6.75 35.74
N ARG B 268 1.01 7.87 35.41
CA ARG B 268 0.87 9.00 36.35
C ARG B 268 0.13 8.59 37.61
N ASP B 269 -1.07 8.02 37.47
CA ASP B 269 -1.90 7.59 38.61
C ASP B 269 -1.14 6.66 39.55
N LEU B 270 -0.53 5.61 39.00
CA LEU B 270 0.23 4.66 39.81
C LEU B 270 1.39 5.33 40.53
N PHE B 271 2.23 6.09 39.79
CA PHE B 271 3.35 6.80 40.39
C PHE B 271 2.88 7.72 41.52
N ALA B 272 1.75 8.40 41.32
CA ALA B 272 1.13 9.24 42.34
C ALA B 272 0.98 8.48 43.66
N TYR B 273 0.26 7.36 43.62
CA TYR B 273 0.11 6.51 44.82
C TYR B 273 1.44 6.14 45.43
N TYR B 274 2.40 5.74 44.58
CA TYR B 274 3.75 5.41 45.06
C TYR B 274 4.33 6.57 45.86
N ARG B 275 4.27 7.77 45.29
CA ARG B 275 4.76 9.00 45.92
C ARG B 275 4.20 9.14 47.34
N ARG B 276 2.88 9.00 47.44
CA ARG B 276 2.15 9.10 48.70
C ARG B 276 2.68 8.13 49.75
N SER B 277 2.68 6.84 49.44
CA SER B 277 3.12 5.84 50.41
C SER B 277 4.63 5.91 50.70
N ALA B 278 5.45 6.14 49.67
CA ALA B 278 6.90 6.22 49.82
C ALA B 278 7.33 7.31 50.78
N SER B 279 6.73 8.50 50.66
CA SER B 279 7.00 9.70 51.46
C SER B 279 7.29 9.48 52.93
N GLN B 280 6.54 8.57 53.57
CA GLN B 280 6.77 8.29 54.99
C GLN B 280 7.92 7.30 55.16
N GLU B 281 7.63 6.02 55.02
CA GLU B 281 8.62 4.95 55.15
C GLU B 281 9.45 4.82 53.86
N ASN B 282 10.71 5.24 53.92
CA ASN B 282 11.68 5.18 52.81
C ASN B 282 11.72 3.80 52.16
N ILE B 283 11.35 3.74 50.88
CA ILE B 283 11.33 2.49 50.10
C ILE B 283 11.64 2.75 48.62
N PRO B 284 12.70 2.17 48.09
CA PRO B 284 13.04 2.35 46.67
C PRO B 284 12.03 1.71 45.75
N LEU B 285 12.02 2.16 44.50
CA LEU B 285 11.08 1.66 43.50
C LEU B 285 11.85 1.24 42.25
N VAL B 286 11.66 0.01 41.81
CA VAL B 286 12.29 -0.54 40.62
C VAL B 286 11.23 -0.68 39.55
N VAL B 287 11.40 0.03 38.43
CA VAL B 287 10.43 0.01 37.34
C VAL B 287 11.09 -0.54 36.08
N ASN B 288 10.42 -1.48 35.41
CA ASN B 288 10.92 -2.06 34.18
C ASN B 288 9.93 -1.76 33.06
N THR B 289 10.44 -1.29 31.94
CA THR B 289 9.65 -0.88 30.79
C THR B 289 9.47 -2.03 29.81
N PRO B 290 8.53 -1.90 28.80
CA PRO B 290 8.36 -2.97 27.80
C PRO B 290 9.59 -3.34 27.01
N GLY B 291 10.20 -2.35 26.37
CA GLY B 291 11.38 -2.59 25.58
C GLY B 291 11.21 -2.34 24.11
N TRP B 292 11.28 -1.07 23.73
CA TRP B 292 11.19 -0.62 22.36
C TRP B 292 12.42 0.22 22.06
N ILE B 293 12.66 0.47 20.77
CA ILE B 293 13.81 1.25 20.34
C ILE B 293 13.47 2.12 19.14
N GLN B 294 12.62 1.64 18.24
CA GLN B 294 12.25 2.36 17.04
C GLN B 294 10.76 2.70 17.04
N GLY B 295 10.43 3.82 16.42
CA GLY B 295 9.04 4.20 16.32
C GLY B 295 8.47 4.87 17.56
N THR B 296 7.14 4.80 17.65
CA THR B 296 6.33 5.35 18.74
C THR B 296 6.88 4.98 20.12
N GLY B 297 7.27 3.71 20.27
CA GLY B 297 7.82 3.19 21.53
C GLY B 297 8.90 4.06 22.14
N LEU B 298 9.89 4.44 21.33
CA LEU B 298 10.98 5.32 21.78
C LEU B 298 10.44 6.61 22.37
N ASP B 299 9.47 7.22 21.68
CA ASP B 299 8.81 8.45 22.15
C ASP B 299 8.19 8.22 23.52
N LEU B 300 7.45 7.11 23.65
CA LEU B 300 6.84 6.73 24.94
C LEU B 300 7.88 6.67 26.04
N LEU B 301 8.98 5.96 25.79
CA LEU B 301 10.09 5.86 26.76
C LEU B 301 10.57 7.24 27.18
N ALA B 302 10.72 8.15 26.21
CA ALA B 302 11.13 9.54 26.48
C ALA B 302 10.15 10.22 27.44
N GLU B 303 8.86 10.21 27.10
CA GLU B 303 7.82 10.80 27.93
C GLU B 303 7.81 10.19 29.34
N LEU B 304 7.92 8.86 29.42
CA LEU B 304 7.99 8.16 30.70
C LEU B 304 9.11 8.70 31.58
N ILE B 305 10.32 8.84 31.00
CA ILE B 305 11.46 9.41 31.73
C ILE B 305 11.14 10.80 32.24
N ALA B 306 10.51 11.62 31.38
CA ALA B 306 10.09 12.97 31.76
C ALA B 306 9.14 12.98 32.96
N VAL B 307 8.05 12.21 32.86
CA VAL B 307 7.04 12.17 33.93
C VAL B 307 7.60 11.62 35.24
N LEU B 308 8.17 10.41 35.20
CA LEU B 308 8.66 9.76 36.42
C LEU B 308 9.83 10.49 37.08
N ARG B 309 10.75 11.02 36.29
CA ARG B 309 12.00 11.68 36.71
C ARG B 309 12.81 10.70 37.55
N PRO B 310 13.33 9.62 36.96
CA PRO B 310 14.07 8.63 37.73
C PRO B 310 15.45 9.10 38.14
N THR B 311 15.90 8.59 39.28
CA THR B 311 17.22 8.91 39.78
C THR B 311 18.29 8.39 38.83
N GLU B 312 18.18 7.13 38.40
CA GLU B 312 19.18 6.57 37.50
C GLU B 312 18.55 5.70 36.42
N VAL B 313 19.09 5.77 35.21
CA VAL B 313 18.60 5.01 34.06
C VAL B 313 19.67 4.02 33.65
N LEU B 314 19.27 2.77 33.49
CA LEU B 314 20.18 1.69 33.11
C LEU B 314 19.75 1.12 31.76
N TYR B 315 20.63 1.22 30.77
CA TYR B 315 20.36 0.73 29.41
C TYR B 315 21.16 -0.55 29.22
N MET B 316 20.48 -1.69 29.23
CA MET B 316 21.16 -2.99 29.12
C MET B 316 21.54 -3.41 27.71
N SER B 317 22.30 -2.60 26.98
CA SER B 317 22.71 -3.04 25.64
C SER B 317 24.20 -3.03 25.36
N GLU B 318 24.84 -1.86 25.55
CA GLU B 318 26.25 -1.51 25.34
C GLU B 318 26.68 -1.59 23.86
N ASP B 319 25.82 -2.09 22.98
CA ASP B 319 26.10 -2.08 21.56
C ASP B 319 24.86 -1.68 20.79
N GLY B 320 24.02 -0.84 21.39
CA GLY B 320 22.72 -0.54 20.85
C GLY B 320 22.79 0.35 19.63
N PRO B 321 21.66 0.54 18.96
CA PRO B 321 21.61 1.46 17.82
C PRO B 321 21.86 2.88 18.28
N GLU B 322 22.56 3.65 17.45
CA GLU B 322 22.94 5.01 17.80
C GLU B 322 21.75 5.95 17.94
N GLU B 323 20.73 5.77 17.10
CA GLU B 323 19.53 6.60 17.14
C GLU B 323 18.82 6.54 18.50
N THR B 324 18.50 5.33 18.95
CA THR B 324 17.80 5.17 20.23
C THR B 324 18.64 5.66 21.41
N VAL B 325 19.92 5.27 21.47
CA VAL B 325 20.82 5.71 22.53
C VAL B 325 20.88 7.24 22.60
N SER B 326 21.07 7.88 21.44
CA SER B 326 21.11 9.34 21.37
C SER B 326 19.82 9.96 21.89
N ALA B 327 18.67 9.55 21.32
CA ALA B 327 17.35 10.01 21.72
C ALA B 327 17.15 9.90 23.23
N LEU B 328 17.43 8.72 23.77
CA LEU B 328 17.35 8.46 25.20
C LEU B 328 18.22 9.43 25.99
N ARG B 329 19.49 9.58 25.57
CA ARG B 329 20.41 10.49 26.25
C ARG B 329 19.88 11.93 26.27
N GLU B 330 19.30 12.40 25.15
CA GLU B 330 18.70 13.74 25.10
C GLU B 330 17.60 13.89 26.14
N ALA B 331 16.60 13.00 26.10
CA ALA B 331 15.50 13.02 27.04
C ALA B 331 16.00 12.94 28.48
N CYS B 332 16.88 11.98 28.75
CA CYS B 332 17.48 11.78 30.07
C CYS B 332 18.18 13.04 30.57
N ALA B 333 19.01 13.64 29.72
CA ALA B 333 19.72 14.88 30.05
C ALA B 333 18.76 16.02 30.37
N SER B 334 17.67 16.12 29.61
CA SER B 334 16.67 17.18 29.77
C SER B 334 16.15 17.36 31.20
N SER B 335 15.71 16.28 31.88
CA SER B 335 15.21 16.48 33.24
C SER B 335 16.28 16.83 34.27
N SER B 336 16.87 18.01 34.09
CA SER B 336 17.90 18.74 34.83
C SER B 336 19.24 18.00 34.90
N THR B 337 19.23 16.74 35.34
CA THR B 337 20.40 15.86 35.40
C THR B 337 19.87 14.46 35.71
N ILE B 338 20.31 13.43 34.97
CA ILE B 338 19.89 12.05 35.26
C ILE B 338 21.01 11.10 34.83
N PRO B 339 21.73 10.47 35.77
CA PRO B 339 22.78 9.50 35.42
C PRO B 339 22.33 8.34 34.52
N PHE B 340 22.90 8.27 33.32
CA PHE B 340 22.56 7.26 32.31
C PHE B 340 23.75 6.36 32.08
N THR B 341 23.67 5.10 32.49
CA THR B 341 24.79 4.19 32.29
C THR B 341 24.37 2.97 31.48
N MET B 342 25.30 2.48 30.67
CA MET B 342 25.06 1.32 29.83
C MET B 342 25.71 0.11 30.48
N LEU B 343 25.10 -1.05 30.29
CA LEU B 343 25.67 -2.28 30.82
C LEU B 343 25.61 -3.38 29.77
N PRO B 344 26.47 -4.41 29.88
CA PRO B 344 26.44 -5.54 28.94
C PRO B 344 25.14 -6.34 28.91
N SER B 345 25.13 -7.38 28.09
CA SER B 345 23.98 -8.26 27.96
C SER B 345 24.53 -9.66 27.70
N GLN B 346 23.75 -10.50 27.03
CA GLN B 346 24.14 -11.87 26.66
C GLN B 346 23.06 -12.53 25.83
N PRO B 347 23.47 -13.30 24.82
CA PRO B 347 22.53 -14.01 23.96
C PRO B 347 22.49 -15.49 24.28
N SER B 360 13.62 -22.97 22.20
CA SER B 360 13.41 -21.84 23.10
C SER B 360 11.93 -21.59 23.32
N TRP B 361 11.63 -20.79 24.34
CA TRP B 361 10.26 -20.43 24.70
C TRP B 361 10.01 -18.99 24.28
N THR B 362 9.14 -18.81 23.30
CA THR B 362 8.81 -17.49 22.80
C THR B 362 7.94 -16.74 23.81
N PRO B 363 7.92 -15.40 23.75
CA PRO B 363 7.08 -14.61 24.67
C PRO B 363 5.60 -14.98 24.67
N ALA B 364 5.05 -15.32 23.50
CA ALA B 364 3.65 -15.69 23.34
C ALA B 364 3.22 -16.81 24.28
N THR B 365 3.92 -17.95 24.21
CA THR B 365 3.59 -19.10 25.06
C THR B 365 3.75 -18.77 26.53
N LEU B 366 4.82 -18.06 26.90
CA LEU B 366 5.05 -17.66 28.29
C LEU B 366 3.88 -16.83 28.81
N ARG B 367 3.46 -15.84 28.01
CA ARG B 367 2.31 -14.99 28.31
C ARG B 367 1.06 -15.83 28.56
N SER B 368 0.76 -16.72 27.61
CA SER B 368 -0.38 -17.63 27.72
C SER B 368 -0.36 -18.42 29.03
N MET B 369 0.80 -18.98 29.38
CA MET B 369 0.95 -19.72 30.64
C MET B 369 0.58 -18.85 31.84
N ALA B 370 1.07 -17.61 31.86
CA ALA B 370 0.74 -16.65 32.91
C ALA B 370 -0.77 -16.53 33.09
N MET B 371 -1.45 -16.21 31.98
CA MET B 371 -2.92 -16.06 31.97
C MET B 371 -3.62 -17.29 32.50
N GLN B 372 -3.31 -18.47 31.93
CA GLN B 372 -3.93 -19.72 32.34
C GLN B 372 -3.74 -19.99 33.83
N SER B 373 -2.52 -19.76 34.34
CA SER B 373 -2.23 -19.93 35.75
C SER B 373 -3.13 -19.07 36.63
N TYR B 374 -3.32 -17.80 36.24
CA TYR B 374 -4.14 -16.84 36.98
C TYR B 374 -5.54 -17.34 37.33
N PHE B 375 -6.31 -17.79 36.32
CA PHE B 375 -7.68 -18.26 36.55
C PHE B 375 -7.76 -19.48 37.46
N HIS B 376 -6.72 -20.31 37.52
CA HIS B 376 -6.78 -21.47 38.39
C HIS B 376 -6.39 -21.17 39.82
N LEU B 377 -5.95 -19.95 40.13
CA LEU B 377 -5.57 -19.56 41.48
C LEU B 377 -6.71 -19.80 42.46
N SER B 378 -6.41 -20.47 43.57
CA SER B 378 -7.43 -20.79 44.55
C SER B 378 -7.83 -19.55 45.34
N PRO B 379 -9.13 -19.33 45.55
CA PRO B 379 -9.59 -18.16 46.33
C PRO B 379 -9.29 -18.17 47.82
N PHE B 380 -8.08 -18.57 48.23
CA PHE B 380 -7.62 -18.64 49.63
C PHE B 380 -8.57 -19.33 50.61
CA GLY B 387 4.57 -19.49 55.05
C GLY B 387 4.41 -19.52 53.54
N PRO B 388 3.47 -20.35 53.05
CA PRO B 388 3.24 -20.46 51.60
C PRO B 388 2.82 -19.16 50.90
N GLY B 389 2.73 -19.22 49.57
CA GLY B 389 2.37 -18.04 48.81
C GLY B 389 0.92 -18.04 48.37
N CYS B 390 0.53 -18.97 47.51
CA CYS B 390 -0.83 -19.05 47.01
C CYS B 390 -1.07 -20.42 46.41
N GLU B 391 -2.13 -21.08 46.85
CA GLU B 391 -2.48 -22.40 46.35
C GLU B 391 -3.10 -22.32 44.97
N TRP B 392 -3.13 -23.47 44.29
CA TRP B 392 -3.71 -23.59 42.97
C TRP B 392 -4.77 -24.68 43.00
N ASN B 393 -5.88 -24.45 42.31
CA ASN B 393 -6.98 -25.39 42.27
C ASN B 393 -6.91 -26.12 40.92
N PRO B 394 -6.51 -27.38 40.88
CA PRO B 394 -6.41 -28.10 39.60
C PRO B 394 -7.71 -28.56 38.94
N THR B 395 -8.87 -28.06 39.35
CA THR B 395 -10.08 -28.51 38.68
C THR B 395 -10.36 -27.63 37.47
N PRO B 396 -10.62 -28.23 36.29
CA PRO B 396 -10.92 -27.46 35.07
C PRO B 396 -12.01 -26.40 35.23
N LEU B 397 -11.85 -25.32 34.45
CA LEU B 397 -12.78 -24.19 34.47
C LEU B 397 -14.22 -24.60 34.18
N THR B 398 -14.43 -25.55 33.26
CA THR B 398 -15.77 -26.01 32.91
C THR B 398 -16.51 -26.57 34.12
N HIS B 399 -15.84 -27.44 34.89
CA HIS B 399 -16.44 -28.09 36.05
C HIS B 399 -16.85 -27.11 37.16
N LEU B 400 -16.19 -25.96 37.27
CA LEU B 400 -16.51 -24.97 38.29
C LEU B 400 -17.95 -24.46 38.17
N CYS B 401 -18.41 -23.80 39.22
CA CYS B 401 -19.74 -23.21 39.23
C CYS B 401 -19.64 -21.73 38.96
N PRO B 402 -20.23 -21.24 37.88
CA PRO B 402 -20.14 -19.82 37.56
C PRO B 402 -20.98 -18.93 38.46
N TRP B 403 -20.68 -17.64 38.38
CA TRP B 403 -21.41 -16.59 39.08
C TRP B 403 -22.53 -16.11 38.17
N ARG B 404 -23.75 -16.14 38.69
CA ARG B 404 -24.95 -15.76 37.95
C ARG B 404 -25.28 -14.30 38.22
N VAL B 405 -24.95 -13.40 37.30
CA VAL B 405 -25.25 -11.99 37.48
C VAL B 405 -26.49 -11.63 36.68
N ARG B 406 -27.36 -10.82 37.28
CA ARG B 406 -28.59 -10.39 36.66
C ARG B 406 -28.31 -9.20 35.73
N LEU B 407 -29.22 -8.96 34.79
CA LEU B 407 -29.05 -7.88 33.84
C LEU B 407 -30.25 -6.96 33.70
N ALA B 408 -31.45 -7.35 34.12
CA ALA B 408 -32.60 -6.46 34.06
C ALA B 408 -33.04 -6.24 35.49
N GLY B 409 -32.67 -5.11 36.09
CA GLY B 409 -33.06 -4.83 37.45
C GLY B 409 -33.65 -3.46 37.74
N ARG B 410 -32.74 -2.52 37.93
CA ARG B 410 -32.88 -1.10 38.25
C ARG B 410 -31.43 -0.64 38.22
N PRO B 411 -31.07 0.65 38.07
CA PRO B 411 -29.64 1.00 38.07
C PRO B 411 -28.92 0.94 39.42
N ASP B 412 -29.49 0.24 40.41
CA ASP B 412 -28.89 0.10 41.73
C ASP B 412 -29.04 -1.31 42.29
N GLU B 413 -29.81 -2.19 41.66
CA GLU B 413 -30.02 -3.57 42.11
C GLU B 413 -30.04 -4.46 40.87
N ARG B 414 -28.95 -4.43 40.11
CA ARG B 414 -28.87 -5.19 38.87
C ARG B 414 -27.59 -6.01 38.76
N GLY B 415 -26.51 -5.56 39.40
CA GLY B 415 -25.26 -6.30 39.32
C GLY B 415 -24.23 -5.58 38.48
N VAL B 416 -24.16 -5.84 37.19
CA VAL B 416 -23.21 -5.13 36.32
C VAL B 416 -23.89 -3.90 35.72
N LEU B 417 -23.24 -2.75 35.86
CA LEU B 417 -23.80 -1.50 35.35
C LEU B 417 -23.87 -1.46 33.83
N GLY B 418 -23.04 -2.23 33.14
CA GLY B 418 -23.06 -2.24 31.69
C GLY B 418 -21.76 -2.77 31.13
N ILE B 419 -21.64 -2.67 29.81
CA ILE B 419 -20.47 -3.14 29.08
C ILE B 419 -19.91 -2.05 28.19
N VAL B 420 -18.66 -1.67 28.41
CA VAL B 420 -17.97 -0.66 27.63
C VAL B 420 -17.02 -1.40 26.70
N CYS B 421 -16.61 -0.76 25.60
CA CYS B 421 -15.68 -1.38 24.67
C CYS B 421 -14.58 -0.37 24.34
N TYR B 422 -13.35 -0.86 24.21
CA TYR B 422 -12.21 -0.01 23.88
C TYR B 422 -11.73 -0.23 22.46
N ASP B 423 -11.32 0.86 21.81
CA ASP B 423 -10.76 0.92 20.46
C ASP B 423 -11.58 0.36 19.31
N HIS B 424 -12.79 -0.14 19.59
CA HIS B 424 -13.62 -0.73 18.56
C HIS B 424 -15.05 -0.81 19.06
N GLN B 425 -15.98 -0.35 18.26
CA GLN B 425 -17.34 -0.42 18.70
C GLN B 425 -17.98 -1.68 18.15
N TYR B 426 -19.30 -1.77 18.28
CA TYR B 426 -20.07 -2.92 17.83
C TYR B 426 -21.52 -2.50 17.69
N ALA B 427 -22.24 -3.21 16.86
CA ALA B 427 -23.67 -2.99 16.74
C ALA B 427 -24.35 -3.80 17.84
N PRO B 428 -25.64 -3.57 18.15
CA PRO B 428 -26.30 -4.35 19.21
C PRO B 428 -26.30 -5.87 19.07
N GLU B 429 -26.82 -6.35 17.93
CA GLU B 429 -26.92 -7.78 17.62
C GLU B 429 -25.60 -8.54 17.78
N LEU B 430 -24.51 -7.98 17.23
CA LEU B 430 -23.19 -8.60 17.30
C LEU B 430 -22.66 -8.80 18.72
N VAL B 431 -22.80 -7.79 19.59
CA VAL B 431 -22.30 -7.74 20.98
C VAL B 431 -22.43 -9.02 21.78
N SER B 432 -23.62 -9.62 21.85
CA SER B 432 -23.83 -10.86 22.60
C SER B 432 -22.86 -11.95 22.19
N ASP B 433 -22.78 -12.23 20.88
CA ASP B 433 -21.86 -13.23 20.38
C ASP B 433 -20.41 -12.79 20.54
N ALA B 434 -20.13 -11.50 20.30
CA ALA B 434 -18.76 -10.98 20.34
C ALA B 434 -18.12 -11.02 21.72
N ILE B 435 -18.84 -10.57 22.75
CA ILE B 435 -18.29 -10.53 24.10
C ILE B 435 -18.01 -11.93 24.63
N ASN B 436 -19.05 -12.76 24.69
CA ASN B 436 -19.08 -14.16 25.17
C ASN B 436 -17.86 -14.95 24.74
N GLY B 437 -17.16 -15.54 25.71
CA GLY B 437 -16.01 -16.33 25.40
C GLY B 437 -14.68 -15.67 25.71
N MET B 438 -14.61 -14.35 25.56
CA MET B 438 -13.37 -13.62 25.76
C MET B 438 -13.13 -13.33 27.23
N VAL B 439 -12.07 -12.58 27.50
CA VAL B 439 -11.67 -12.17 28.83
C VAL B 439 -11.97 -10.69 28.93
N MET B 440 -12.48 -10.27 30.07
CA MET B 440 -12.84 -8.89 30.36
C MET B 440 -12.33 -8.50 31.74
N GLY B 441 -12.66 -7.29 32.16
CA GLY B 441 -12.23 -6.84 33.47
C GLY B 441 -13.26 -6.11 34.31
N LEU B 442 -13.48 -6.55 35.54
CA LEU B 442 -14.38 -5.86 36.45
C LEU B 442 -13.73 -4.53 36.79
N VAL B 443 -14.40 -3.43 36.53
CA VAL B 443 -13.85 -2.11 36.82
C VAL B 443 -14.77 -1.40 37.80
N ARG B 444 -14.23 -1.05 38.95
CA ARG B 444 -14.97 -0.37 40.01
C ARG B 444 -14.86 1.14 39.83
N ILE B 445 -16.01 1.82 39.85
CA ILE B 445 -16.05 3.27 39.72
C ILE B 445 -15.88 3.86 41.10
N GLU B 446 -14.89 4.74 41.26
CA GLU B 446 -14.67 5.39 42.56
C GLU B 446 -15.55 6.62 42.63
N LYS B 447 -15.22 7.63 41.82
CA LYS B 447 -15.94 8.89 41.75
C LYS B 447 -16.83 8.88 40.51
N LYS B 448 -18.08 9.36 40.66
CA LYS B 448 -19.05 9.44 39.56
C LYS B 448 -18.56 10.19 38.32
N GLU B 449 -17.47 10.97 38.42
CA GLU B 449 -16.86 11.74 37.33
C GLU B 449 -16.26 10.90 36.20
N ALA B 450 -16.47 9.59 36.21
CA ALA B 450 -15.92 8.69 35.20
C ALA B 450 -16.86 8.63 34.00
N LEU B 451 -18.04 8.04 34.18
CA LEU B 451 -19.03 7.89 33.11
C LEU B 451 -19.70 9.18 32.65
N ARG B 452 -19.15 10.34 32.99
CA ARG B 452 -19.70 11.64 32.58
C ARG B 452 -19.42 11.81 31.10
N GLY B 453 -20.48 11.78 30.30
CA GLY B 453 -20.38 11.89 28.85
C GLY B 453 -20.94 10.71 28.11
N LEU B 454 -21.14 9.59 28.80
CA LEU B 454 -21.68 8.38 28.21
C LEU B 454 -23.16 8.22 28.56
N ALA B 455 -23.93 7.74 27.60
CA ALA B 455 -25.37 7.54 27.72
C ALA B 455 -25.65 6.24 28.46
N VAL B 456 -25.55 6.32 29.79
CA VAL B 456 -25.74 5.22 30.74
C VAL B 456 -27.13 4.61 30.56
N PRO B 457 -27.24 3.30 30.39
CA PRO B 457 -28.54 2.64 30.21
C PRO B 457 -29.46 2.74 31.41
N GLY B 458 -30.75 2.55 31.14
CA GLY B 458 -31.78 2.68 32.15
C GLY B 458 -32.52 1.36 32.30
N ASP B 459 -32.91 1.07 33.55
CA ASP B 459 -33.60 -0.11 34.06
C ASP B 459 -34.53 -0.92 33.16
N THR B 460 -35.38 -0.23 32.39
CA THR B 460 -36.39 -0.79 31.45
C THR B 460 -37.56 -1.38 32.23
N PRO B 501 -35.55 -7.40 25.79
CA PRO B 501 -34.35 -7.59 26.62
C PRO B 501 -33.05 -7.60 25.83
N LEU B 502 -32.14 -6.69 26.18
CA LEU B 502 -30.86 -6.58 25.51
C LEU B 502 -29.80 -6.16 26.52
N LEU B 503 -28.55 -6.51 26.21
CA LEU B 503 -27.41 -6.21 27.06
C LEU B 503 -27.25 -4.70 27.25
N PRO B 504 -27.11 -4.22 28.48
CA PRO B 504 -26.93 -2.78 28.71
C PRO B 504 -25.63 -2.20 28.19
N LEU B 505 -25.49 -2.16 26.87
CA LEU B 505 -24.29 -1.62 26.23
C LEU B 505 -24.23 -0.12 26.47
N ILE B 506 -23.11 0.34 27.01
CA ILE B 506 -22.86 1.76 27.27
C ILE B 506 -22.19 2.37 26.04
N PRO B 507 -22.94 3.00 25.14
CA PRO B 507 -22.35 3.62 23.93
C PRO B 507 -21.17 4.54 24.24
N ASN B 508 -20.11 4.40 23.47
CA ASN B 508 -18.90 5.21 23.65
C ASN B 508 -18.35 5.53 22.27
N PRO B 509 -19.01 6.45 21.52
CA PRO B 509 -18.55 6.83 20.17
C PRO B 509 -17.09 7.20 20.06
N THR B 510 -16.57 7.96 21.03
CA THR B 510 -15.18 8.40 21.08
C THR B 510 -14.20 7.25 20.86
N GLY B 511 -14.29 6.22 21.69
CA GLY B 511 -13.36 5.12 21.53
C GLY B 511 -12.41 4.98 22.69
N SER B 512 -12.00 6.14 23.22
CA SER B 512 -11.05 6.19 24.32
C SER B 512 -11.56 5.46 25.56
N PRO B 513 -10.65 4.95 26.39
CA PRO B 513 -11.05 4.22 27.60
C PRO B 513 -11.42 5.14 28.76
N LEU B 514 -11.99 4.51 29.79
CA LEU B 514 -12.37 5.20 31.01
C LEU B 514 -11.14 5.77 31.69
N SER B 515 -11.27 6.99 32.20
CA SER B 515 -10.19 7.70 32.87
C SER B 515 -9.59 6.88 34.02
N PRO B 516 -8.27 6.78 34.11
CA PRO B 516 -7.65 6.01 35.19
C PRO B 516 -7.84 6.59 36.58
N GLN B 517 -7.84 7.92 36.71
CA GLN B 517 -7.97 8.62 37.99
C GLN B 517 -9.28 8.34 38.71
N TYR B 518 -10.28 7.80 38.03
CA TYR B 518 -11.60 7.59 38.62
C TYR B 518 -12.06 6.15 38.70
N THR B 519 -11.32 5.19 38.12
CA THR B 519 -11.74 3.79 38.11
C THR B 519 -10.55 2.86 38.30
N SER B 520 -10.81 1.68 38.87
CA SER B 520 -9.75 0.69 39.11
C SER B 520 -10.19 -0.70 38.67
N LEU B 521 -9.22 -1.58 38.45
CA LEU B 521 -9.48 -2.95 38.03
C LEU B 521 -9.60 -3.86 39.25
N VAL B 522 -10.57 -4.78 39.23
CA VAL B 522 -10.78 -5.71 40.33
C VAL B 522 -10.59 -7.14 39.79
N GLY B 523 -9.54 -7.36 38.99
CA GLY B 523 -9.32 -8.71 38.49
C GLY B 523 -10.09 -9.13 37.25
N LEU B 524 -9.42 -9.80 36.32
CA LEU B 524 -10.03 -10.23 35.07
C LEU B 524 -11.17 -11.23 35.30
N VAL B 525 -12.07 -11.31 34.31
CA VAL B 525 -13.26 -12.17 34.33
C VAL B 525 -13.39 -12.93 33.01
N LEU B 526 -13.67 -14.22 33.08
CA LEU B 526 -13.90 -15.06 31.89
C LEU B 526 -15.39 -15.40 31.78
N ILE B 527 -16.02 -15.08 30.65
CA ILE B 527 -17.44 -15.36 30.42
C ILE B 527 -17.63 -16.78 29.88
N ARG B 528 -18.58 -17.51 30.47
CA ARG B 528 -18.85 -18.87 30.04
C ARG B 528 -20.35 -19.06 29.73
N GLY B 529 -20.94 -18.10 29.03
CA GLY B 529 -22.34 -18.30 28.74
C GLY B 529 -23.31 -17.19 29.06
N VAL B 530 -24.04 -16.71 28.05
CA VAL B 530 -25.03 -15.66 28.22
C VAL B 530 -26.37 -16.17 27.71
N SER B 531 -27.41 -16.04 28.53
CA SER B 531 -28.76 -16.48 28.19
C SER B 531 -29.72 -15.36 28.58
N LEU B 532 -30.11 -14.55 27.61
CA LEU B 532 -31.01 -13.43 27.85
C LEU B 532 -32.41 -13.66 27.32
N THR B 533 -32.98 -14.85 27.47
CA THR B 533 -34.32 -15.03 26.92
C THR B 533 -35.41 -15.36 27.93
N ALA B 534 -36.60 -15.03 27.45
CA ALA B 534 -38.01 -15.11 27.87
C ALA B 534 -38.42 -14.06 28.88
N SER B 535 -37.70 -13.95 30.03
CA SER B 535 -37.88 -12.94 31.11
C SER B 535 -36.92 -13.19 32.27
N ASN B 536 -35.61 -12.90 32.12
CA ASN B 536 -34.54 -13.02 33.12
C ASN B 536 -33.15 -12.83 32.51
N PRO B 537 -32.83 -11.66 31.86
CA PRO B 537 -31.48 -11.48 31.30
C PRO B 537 -30.34 -11.76 32.27
N GLU B 538 -29.42 -12.68 31.96
CA GLU B 538 -28.34 -12.95 32.91
C GLU B 538 -27.06 -13.39 32.20
N LEU B 539 -25.96 -13.30 32.94
CA LEU B 539 -24.62 -13.69 32.50
C LEU B 539 -24.03 -14.70 33.48
N HIS B 540 -23.34 -15.70 32.96
CA HIS B 540 -22.63 -16.69 33.78
C HIS B 540 -21.14 -16.43 33.60
N LEU B 541 -20.49 -15.88 34.62
CA LEU B 541 -19.06 -15.60 34.52
C LEU B 541 -18.30 -16.21 35.69
N LEU B 542 -17.03 -16.55 35.45
CA LEU B 542 -16.17 -17.17 36.47
C LEU B 542 -14.91 -16.35 36.64
N THR B 543 -14.50 -16.13 37.91
CA THR B 543 -13.33 -15.31 38.19
C THR B 543 -12.55 -15.94 39.35
N PRO B 544 -11.31 -15.49 39.64
CA PRO B 544 -10.60 -16.06 40.79
C PRO B 544 -10.88 -15.29 42.06
N VAL B 545 -11.38 -14.06 41.91
CA VAL B 545 -11.72 -13.10 42.96
C VAL B 545 -12.55 -13.75 44.07
N PRO B 546 -12.12 -13.64 45.33
CA PRO B 546 -12.88 -14.24 46.41
C PRO B 546 -14.25 -13.63 46.56
N PRO B 547 -15.24 -14.41 47.02
CA PRO B 547 -16.61 -13.92 47.21
C PRO B 547 -16.74 -12.69 48.09
N SER B 548 -15.91 -12.60 49.13
CA SER B 548 -15.89 -11.50 50.09
C SER B 548 -15.87 -10.13 49.40
N VAL B 549 -14.89 -9.91 48.53
CA VAL B 549 -14.77 -8.63 47.84
C VAL B 549 -15.92 -8.42 46.86
N LEU B 550 -16.25 -9.46 46.08
CA LEU B 550 -17.33 -9.42 45.08
C LEU B 550 -18.67 -8.95 45.65
N HIS B 551 -19.08 -9.51 46.78
CA HIS B 551 -20.35 -9.11 47.40
C HIS B 551 -20.33 -7.66 47.87
N SER B 552 -19.20 -7.20 48.41
CA SER B 552 -19.09 -5.85 48.97
C SER B 552 -18.84 -4.76 47.92
N PHE B 553 -19.84 -4.51 47.08
CA PHE B 553 -19.72 -3.44 46.08
C PHE B 553 -21.05 -2.87 45.57
N ARG B 554 -22.18 -3.27 46.18
CA ARG B 554 -23.55 -2.82 45.87
C ARG B 554 -24.05 -3.03 44.44
N GLY B 555 -23.17 -3.35 43.49
CA GLY B 555 -23.58 -3.53 42.10
C GLY B 555 -23.63 -2.26 41.27
N ASP B 556 -24.12 -1.16 41.85
CA ASP B 556 -24.19 0.10 41.11
C ASP B 556 -22.82 0.60 40.65
N GLU B 557 -21.80 0.46 41.50
CA GLU B 557 -20.45 0.90 41.18
C GLU B 557 -19.60 -0.27 40.65
N LEU B 558 -19.97 -0.73 39.45
CA LEU B 558 -19.25 -1.86 38.85
C LEU B 558 -19.55 -2.01 37.36
N VAL B 559 -18.58 -1.68 36.51
CA VAL B 559 -18.76 -1.73 35.05
C VAL B 559 -17.84 -2.83 34.51
N LEU B 560 -18.24 -3.41 33.37
CA LEU B 560 -17.50 -4.49 32.73
C LEU B 560 -16.81 -3.97 31.47
N VAL B 561 -15.48 -4.06 31.42
CA VAL B 561 -14.70 -3.60 30.27
C VAL B 561 -14.23 -4.78 29.43
N ALA B 562 -14.57 -4.77 28.14
CA ALA B 562 -14.19 -5.83 27.20
C ALA B 562 -13.36 -5.25 26.06
N GLY B 563 -12.09 -5.64 25.99
CA GLY B 563 -11.20 -5.14 24.95
C GLY B 563 -10.60 -6.22 24.07
N LYS B 564 -9.28 -6.34 24.07
CA LYS B 564 -8.54 -7.32 23.28
C LYS B 564 -8.20 -8.55 24.10
N PHE B 565 -7.12 -8.46 24.86
CA PHE B 565 -6.60 -9.50 25.78
C PHE B 565 -6.05 -10.78 25.15
N ASP B 566 -6.29 -11.03 23.85
CA ASP B 566 -5.83 -12.22 23.13
C ASP B 566 -6.56 -13.43 23.69
N ALA B 567 -7.65 -13.83 23.01
CA ALA B 567 -8.63 -14.87 23.30
C ALA B 567 -8.07 -16.10 23.99
N PRO B 568 -8.62 -16.44 25.15
CA PRO B 568 -8.10 -17.57 25.94
C PRO B 568 -8.37 -18.93 25.34
N THR B 569 -7.59 -19.20 24.29
CA THR B 569 -7.66 -20.44 23.53
C THR B 569 -7.48 -21.68 24.41
N TRP B 570 -6.60 -21.61 25.40
CA TRP B 570 -6.34 -22.70 26.34
C TRP B 570 -7.58 -23.17 27.10
N ALA B 571 -8.47 -22.23 27.45
CA ALA B 571 -9.67 -22.50 28.25
C ALA B 571 -10.57 -23.58 27.69
N TYR B 572 -10.99 -23.44 26.44
CA TYR B 572 -11.89 -24.39 25.79
C TYR B 572 -11.35 -25.82 25.81
N VAL B 573 -10.13 -25.99 25.30
CA VAL B 573 -9.46 -27.29 25.18
C VAL B 573 -9.24 -27.97 26.52
N GLU B 574 -8.87 -27.19 27.57
CA GLU B 574 -8.59 -27.65 28.93
C GLU B 574 -9.48 -28.78 29.46
N GLY B 575 -10.80 -28.61 29.34
CA GLY B 575 -11.74 -29.66 29.73
C GLY B 575 -11.46 -30.99 29.04
N LEU B 576 -11.30 -30.96 27.71
CA LEU B 576 -11.02 -32.15 26.92
C LEU B 576 -9.74 -32.83 27.36
N TYR B 577 -8.65 -32.06 27.47
CA TYR B 577 -7.36 -32.60 27.93
C TYR B 577 -7.50 -33.34 29.25
N TRP B 578 -8.12 -32.69 30.25
CA TRP B 578 -8.31 -33.31 31.57
C TRP B 578 -9.02 -34.64 31.47
N LYS B 579 -10.15 -34.66 30.75
CA LYS B 579 -10.95 -35.88 30.57
C LYS B 579 -10.14 -36.99 29.90
N SER B 580 -9.40 -36.66 28.85
CA SER B 580 -8.60 -37.67 28.15
C SER B 580 -7.44 -38.18 28.99
N ASN B 581 -6.63 -37.27 29.55
CA ASN B 581 -5.43 -37.65 30.30
C ASN B 581 -5.77 -38.45 31.56
N SER B 582 -6.74 -37.97 32.36
CA SER B 582 -7.12 -38.66 33.58
C SER B 582 -7.60 -40.09 33.31
N LYS B 583 -8.39 -40.27 32.25
CA LYS B 583 -8.91 -41.58 31.82
C LYS B 583 -7.85 -42.67 31.64
N ASP B 610 -20.88 -33.83 22.59
CA ASP B 610 -19.60 -33.14 22.56
C ASP B 610 -19.50 -32.25 21.33
N GLU B 611 -19.84 -30.97 21.49
CA GLU B 611 -19.80 -30.00 20.41
C GLU B 611 -19.16 -28.71 20.93
N VAL B 612 -17.90 -28.82 21.35
CA VAL B 612 -17.08 -27.73 21.90
C VAL B 612 -17.01 -26.54 20.97
N PRO B 613 -17.58 -25.40 21.36
CA PRO B 613 -17.55 -24.21 20.51
C PRO B 613 -16.15 -23.63 20.38
N TRP B 614 -15.85 -23.13 19.17
CA TRP B 614 -14.64 -22.44 18.71
C TRP B 614 -13.49 -23.38 18.38
N VAL B 615 -13.47 -24.56 18.98
CA VAL B 615 -12.40 -25.53 18.76
C VAL B 615 -12.84 -26.51 17.70
N GLU B 616 -12.03 -26.65 16.66
CA GLU B 616 -12.31 -27.56 15.57
C GLU B 616 -11.33 -28.73 15.63
N MET B 617 -11.85 -29.93 15.89
CA MET B 617 -11.03 -31.12 15.96
C MET B 617 -10.74 -31.64 14.57
N LEU B 618 -9.48 -31.97 14.29
CA LEU B 618 -9.10 -32.49 12.98
C LEU B 618 -9.43 -33.98 12.92
N HIS B 619 -10.55 -34.31 12.27
CA HIS B 619 -10.95 -35.71 12.11
C HIS B 619 -10.68 -36.20 10.70
N MET C 29 14.32 31.53 -21.85
CA MET C 29 13.07 31.85 -21.17
C MET C 29 12.47 30.60 -20.56
N VAL C 30 13.30 29.82 -19.86
CA VAL C 30 12.91 28.58 -19.20
C VAL C 30 11.96 28.76 -18.03
N GLN C 31 11.62 30.01 -17.69
CA GLN C 31 10.70 30.34 -16.60
C GLN C 31 9.24 30.03 -16.90
N TYR C 32 8.95 28.81 -17.35
CA TYR C 32 7.61 28.37 -17.70
C TYR C 32 7.27 27.10 -16.93
N ILE C 33 6.44 27.24 -15.90
CA ILE C 33 5.99 26.13 -15.08
C ILE C 33 4.51 25.96 -15.32
N PHE C 34 4.11 24.76 -15.72
CA PHE C 34 2.72 24.46 -16.04
C PHE C 34 1.95 23.93 -14.84
N THR C 35 0.76 24.46 -14.65
CA THR C 35 -0.14 24.10 -13.57
C THR C 35 -1.48 23.71 -14.17
N PRO C 36 -2.29 22.92 -13.45
CA PRO C 36 -3.60 22.54 -14.00
C PRO C 36 -4.73 23.48 -13.64
N TRP C 37 -4.54 24.37 -12.68
CA TRP C 37 -5.59 25.34 -12.39
C TRP C 37 -5.52 26.49 -13.38
N ARG C 38 -6.58 27.29 -13.39
CA ARG C 38 -6.63 28.40 -14.32
C ARG C 38 -5.71 29.52 -13.86
N ASN C 39 -5.87 29.97 -12.62
CA ASN C 39 -5.02 31.00 -12.05
C ASN C 39 -5.00 30.89 -10.52
N ARG C 40 -4.31 31.84 -9.89
CA ARG C 40 -4.13 31.87 -8.45
C ARG C 40 -5.43 32.03 -7.68
N ALA C 41 -6.42 32.70 -8.27
CA ALA C 41 -7.71 32.86 -7.61
C ALA C 41 -8.43 31.53 -7.46
N GLU C 42 -8.38 30.68 -8.49
CA GLU C 42 -8.95 29.34 -8.40
C GLU C 42 -8.24 28.50 -7.35
N LEU C 43 -6.90 28.53 -7.36
CA LEU C 43 -6.11 27.77 -6.39
C LEU C 43 -6.44 28.19 -4.95
N LEU C 44 -6.44 29.49 -4.68
CA LEU C 44 -6.76 29.99 -3.35
C LEU C 44 -8.18 29.62 -2.91
N ALA C 45 -9.16 29.79 -3.81
CA ALA C 45 -10.55 29.45 -3.53
C ALA C 45 -10.70 28.02 -3.04
N VAL C 46 -10.07 27.06 -3.75
CA VAL C 46 -10.11 25.65 -3.32
C VAL C 46 -9.57 25.50 -1.90
N ARG C 47 -8.39 26.09 -1.63
CA ARG C 47 -7.78 26.07 -0.29
C ARG C 47 -8.76 26.53 0.77
N ALA C 48 -9.44 27.65 0.49
CA ALA C 48 -10.46 28.19 1.39
C ALA C 48 -11.52 27.15 1.70
N GLN C 49 -12.11 26.56 0.66
CA GLN C 49 -13.14 25.54 0.79
C GLN C 49 -12.70 24.35 1.66
N PHE C 50 -11.47 23.87 1.46
CA PHE C 50 -10.98 22.74 2.26
C PHE C 50 -10.86 23.06 3.75
N TYR C 51 -10.27 24.21 4.11
CA TYR C 51 -10.06 24.59 5.51
C TYR C 51 -10.82 25.85 5.90
N PRO C 52 -12.15 25.77 6.09
CA PRO C 52 -12.91 26.96 6.52
C PRO C 52 -12.42 27.58 7.81
N GLU C 53 -11.88 26.77 8.72
CA GLU C 53 -11.39 27.18 10.03
C GLU C 53 -10.40 28.33 9.97
N HIS C 54 -9.25 28.12 9.33
CA HIS C 54 -8.22 29.15 9.27
C HIS C 54 -8.57 30.28 8.31
N THR C 55 -9.18 29.97 7.17
CA THR C 55 -9.50 30.98 6.17
C THR C 55 -10.43 32.07 6.71
N SER C 56 -11.48 31.69 7.44
CA SER C 56 -12.48 32.60 8.04
C SER C 56 -11.95 33.82 8.78
N PHE C 68 -27.14 23.86 12.33
CA PHE C 68 -27.37 22.83 11.33
C PHE C 68 -27.07 23.36 9.93
N GLN C 69 -27.56 24.57 9.66
CA GLN C 69 -27.35 25.21 8.36
C GLN C 69 -25.86 25.41 8.06
N ASP C 70 -25.11 25.88 9.08
CA ASP C 70 -23.68 26.11 8.96
C ASP C 70 -22.93 24.84 8.55
N ASP C 71 -23.20 23.72 9.26
CA ASP C 71 -22.59 22.43 8.96
C ASP C 71 -22.92 22.00 7.52
N GLU C 72 -24.19 22.13 7.16
CA GLU C 72 -24.68 21.82 5.81
C GLU C 72 -23.85 22.51 4.74
N HIS C 73 -23.74 23.84 4.86
CA HIS C 73 -22.98 24.65 3.92
C HIS C 73 -21.54 24.20 3.82
N ILE C 74 -20.87 24.03 4.97
CA ILE C 74 -19.47 23.58 5.02
C ILE C 74 -19.27 22.25 4.27
N ARG C 75 -20.13 21.26 4.58
CA ARG C 75 -20.08 19.96 3.91
C ARG C 75 -20.21 20.12 2.39
N SER C 76 -21.20 20.92 1.95
CA SER C 76 -21.44 21.21 0.54
C SER C 76 -20.17 21.69 -0.16
N GLU C 77 -19.57 22.76 0.39
CA GLU C 77 -18.35 23.32 -0.17
C GLU C 77 -17.23 22.30 -0.27
N LYS C 78 -16.99 21.54 0.82
CA LYS C 78 -15.96 20.51 0.83
C LYS C 78 -16.14 19.51 -0.31
N GLN C 79 -17.38 19.04 -0.53
CA GLN C 79 -17.70 18.14 -1.62
C GLN C 79 -17.27 18.72 -2.97
N LYS C 80 -17.67 19.97 -3.23
CA LYS C 80 -17.31 20.66 -4.46
C LYS C 80 -15.80 20.75 -4.64
N ALA C 81 -15.09 21.13 -3.57
CA ALA C 81 -13.63 21.22 -3.57
C ALA C 81 -12.97 19.92 -4.01
N VAL C 82 -13.40 18.80 -3.40
CA VAL C 82 -12.87 17.47 -3.73
C VAL C 82 -13.04 17.18 -5.22
N ALA C 83 -14.27 17.39 -5.73
CA ALA C 83 -14.58 17.20 -7.14
C ALA C 83 -13.62 17.98 -8.04
N ARG C 84 -13.46 19.27 -7.75
CA ARG C 84 -12.56 20.16 -8.48
C ARG C 84 -11.15 19.60 -8.58
N VAL C 85 -10.57 19.24 -7.42
CA VAL C 85 -9.22 18.67 -7.36
C VAL C 85 -9.09 17.43 -8.26
N SER C 86 -10.10 16.56 -8.22
CA SER C 86 -10.15 15.37 -9.08
C SER C 86 -9.97 15.74 -10.55
N MET C 87 -10.71 16.76 -11.00
CA MET C 87 -10.59 17.26 -12.37
C MET C 87 -9.14 17.66 -12.68
N TRP C 88 -8.53 18.45 -11.79
CA TRP C 88 -7.13 18.87 -11.94
C TRP C 88 -6.21 17.68 -12.13
N MET C 89 -6.42 16.62 -11.34
CA MET C 89 -5.62 15.41 -11.44
C MET C 89 -5.68 14.81 -12.84
N GLN C 90 -6.90 14.73 -13.40
CA GLN C 90 -7.05 14.24 -14.76
C GLN C 90 -6.28 15.09 -15.76
N ARG C 91 -6.41 16.42 -15.64
CA ARG C 91 -5.72 17.37 -16.52
C ARG C 91 -4.21 17.16 -16.60
N GLY C 92 -3.59 16.68 -15.53
CA GLY C 92 -2.18 16.39 -15.54
C GLY C 92 -1.24 17.43 -14.94
N GLY C 93 -0.22 16.95 -14.25
CA GLY C 93 0.78 17.80 -13.62
C GLY C 93 0.25 18.47 -12.37
N CYS C 94 -0.09 17.69 -11.35
CA CYS C 94 -0.65 18.23 -10.13
C CYS C 94 0.21 17.85 -8.94
N PRO C 95 0.59 18.81 -8.09
CA PRO C 95 1.38 18.53 -6.89
C PRO C 95 0.82 17.42 -6.00
N HIS C 96 1.71 16.51 -5.60
CA HIS C 96 1.38 15.37 -4.75
C HIS C 96 0.64 15.76 -3.48
N MET C 97 1.04 16.88 -2.86
CA MET C 97 0.43 17.36 -1.64
C MET C 97 -1.06 17.64 -1.80
N VAL C 98 -1.45 18.29 -2.90
CA VAL C 98 -2.85 18.58 -3.17
C VAL C 98 -3.67 17.30 -3.24
N GLU C 99 -3.14 16.30 -3.96
CA GLU C 99 -3.77 14.99 -4.09
C GLU C 99 -4.04 14.35 -2.74
N SER C 100 -2.99 14.26 -1.90
CA SER C 100 -3.11 13.68 -0.57
C SER C 100 -4.18 14.40 0.25
N THR C 101 -4.15 15.75 0.22
CA THR C 101 -5.13 16.55 0.92
C THR C 101 -6.56 16.16 0.53
N ALA C 102 -6.80 16.10 -0.79
CA ALA C 102 -8.09 15.70 -1.34
C ALA C 102 -8.57 14.37 -0.79
N LEU C 103 -7.69 13.36 -0.86
CA LEU C 103 -7.96 12.02 -0.35
C LEU C 103 -8.42 12.04 1.11
N LEU C 104 -7.60 12.62 1.98
CA LEU C 104 -7.90 12.72 3.41
C LEU C 104 -9.26 13.36 3.68
N VAL C 105 -9.52 14.51 3.04
CA VAL C 105 -10.81 15.19 3.20
C VAL C 105 -11.96 14.31 2.72
N ALA C 106 -11.76 13.62 1.60
CA ALA C 106 -12.76 12.69 1.05
C ALA C 106 -13.17 11.64 2.06
N ALA C 107 -12.18 10.98 2.67
CA ALA C 107 -12.43 9.95 3.68
C ALA C 107 -13.19 10.51 4.87
N ILE C 108 -12.66 11.58 5.48
CA ILE C 108 -13.30 12.24 6.63
C ILE C 108 -14.74 12.59 6.35
N LEU C 109 -14.99 13.20 5.18
CA LEU C 109 -16.33 13.58 4.73
C LEU C 109 -17.25 12.38 4.64
N SER C 110 -16.77 11.27 4.07
CA SER C 110 -17.57 10.06 3.96
C SER C 110 -17.95 9.50 5.32
N ASP C 111 -16.97 9.44 6.23
CA ASP C 111 -17.16 8.93 7.60
C ASP C 111 -18.32 9.59 8.33
N GLU C 112 -18.41 10.92 8.28
CA GLU C 112 -19.46 11.66 8.98
C GLU C 112 -20.60 11.94 8.01
N ALA C 113 -21.47 10.95 7.86
CA ALA C 113 -22.61 11.10 6.95
C ALA C 113 -23.76 10.26 7.47
N GLN C 114 -24.73 10.91 8.11
CA GLN C 114 -25.97 10.26 8.49
C GLN C 114 -26.94 10.32 7.32
N GLY C 115 -27.91 9.42 7.31
CA GLY C 115 -28.85 9.36 6.21
C GLY C 115 -28.67 8.14 5.32
N SER C 116 -28.41 6.99 5.94
CA SER C 116 -28.20 5.69 5.27
C SER C 116 -27.03 5.74 4.29
N GLY C 117 -25.95 6.39 4.70
CA GLY C 117 -24.76 6.48 3.89
C GLY C 117 -23.48 6.37 4.70
N ALA C 118 -23.56 5.71 5.86
CA ALA C 118 -22.43 5.59 6.76
C ALA C 118 -21.46 4.47 6.36
N ALA C 119 -21.68 3.84 5.20
CA ALA C 119 -20.77 2.93 4.53
C ALA C 119 -20.46 1.64 5.31
N GLY C 120 -21.19 1.37 6.38
CA GLY C 120 -21.14 0.10 7.06
C GLY C 120 -20.04 -0.06 8.09
N GLY C 121 -18.96 0.72 7.98
CA GLY C 121 -17.90 0.57 8.96
C GLY C 121 -16.55 0.14 8.41
N TYR C 122 -16.52 -0.97 7.67
CA TYR C 122 -15.26 -1.48 7.14
C TYR C 122 -14.75 -0.65 5.97
N ALA C 123 -15.68 -0.06 5.20
CA ALA C 123 -15.36 0.77 4.06
C ALA C 123 -14.52 1.97 4.47
N VAL C 124 -15.08 2.80 5.37
CA VAL C 124 -14.43 3.99 5.90
C VAL C 124 -12.99 3.70 6.35
N ARG C 125 -12.82 2.62 7.14
CA ARG C 125 -11.50 2.20 7.59
C ARG C 125 -10.56 1.93 6.42
N ALA C 126 -11.10 1.49 5.28
CA ALA C 126 -10.26 1.21 4.13
C ALA C 126 -9.84 2.52 3.48
N ALA C 127 -10.82 3.41 3.22
CA ALA C 127 -10.60 4.73 2.64
C ALA C 127 -9.48 5.48 3.35
N TYR C 128 -9.51 5.48 4.68
CA TYR C 128 -8.47 6.12 5.48
C TYR C 128 -7.11 5.48 5.22
N SER C 129 -7.02 4.14 5.38
CA SER C 129 -5.77 3.42 5.15
C SER C 129 -5.14 3.71 3.79
N ALA C 130 -5.97 3.78 2.74
CA ALA C 130 -5.50 4.05 1.38
C ALA C 130 -4.89 5.43 1.28
N ALA C 131 -5.67 6.46 1.66
CA ALA C 131 -5.21 7.84 1.60
C ALA C 131 -3.91 8.05 2.36
N PHE C 132 -3.85 7.49 3.56
CA PHE C 132 -2.68 7.60 4.42
C PHE C 132 -1.45 6.97 3.79
N SER C 133 -1.56 5.69 3.38
CA SER C 133 -0.44 4.98 2.76
C SER C 133 0.12 5.72 1.55
N ARG C 134 -0.78 6.20 0.68
CA ARG C 134 -0.37 6.98 -0.50
C ARG C 134 0.44 8.21 -0.09
N PHE C 135 -0.12 9.02 0.82
CA PHE C 135 0.51 10.23 1.34
C PHE C 135 1.94 10.00 1.83
N VAL C 136 2.13 9.03 2.73
CA VAL C 136 3.45 8.74 3.29
C VAL C 136 4.42 8.25 2.21
N THR C 137 3.98 7.28 1.39
CA THR C 137 4.81 6.73 0.32
C THR C 137 5.31 7.82 -0.62
N GLY C 138 4.42 8.75 -0.99
CA GLY C 138 4.74 9.87 -1.84
C GLY C 138 5.84 10.75 -1.28
N LEU C 139 5.65 11.27 -0.07
CA LEU C 139 6.63 12.13 0.59
C LEU C 139 8.01 11.48 0.67
N LEU C 140 8.07 10.25 1.20
CA LEU C 140 9.35 9.55 1.36
C LEU C 140 10.04 9.31 0.03
N ASP C 141 9.31 8.77 -0.96
CA ASP C 141 9.87 8.49 -2.27
C ASP C 141 10.44 9.74 -2.94
N SER C 142 9.73 10.86 -2.84
CA SER C 142 10.18 12.12 -3.45
C SER C 142 11.53 12.58 -2.92
N HIS C 143 11.61 12.87 -1.62
CA HIS C 143 12.87 13.34 -1.03
C HIS C 143 13.88 12.23 -0.80
N GLN C 144 14.23 11.45 -1.81
CA GLN C 144 15.18 10.37 -1.62
C GLN C 144 16.41 10.65 -2.47
N ASP C 145 17.52 10.01 -2.11
CA ASP C 145 18.81 10.12 -2.78
C ASP C 145 18.87 9.07 -3.88
N LYS C 146 19.82 9.22 -4.79
CA LYS C 146 20.00 8.30 -5.90
C LYS C 146 21.10 7.28 -5.62
N GLN C 147 21.25 6.88 -4.35
CA GLN C 147 22.08 5.76 -3.96
C GLN C 147 21.26 4.48 -4.05
N ARG C 148 21.77 3.39 -3.49
CA ARG C 148 21.17 2.07 -3.72
C ARG C 148 19.99 1.88 -2.75
N LYS C 149 20.22 1.81 -1.43
CA LYS C 149 19.20 1.27 -0.54
C LYS C 149 19.10 1.98 0.81
N GLN C 150 19.07 3.32 0.81
CA GLN C 150 18.95 4.07 2.06
C GLN C 150 17.60 3.85 2.72
N SER C 151 17.58 3.80 4.05
CA SER C 151 16.44 3.30 4.82
C SER C 151 15.34 4.36 4.92
N MET C 152 14.10 3.86 4.94
CA MET C 152 12.89 4.69 5.05
C MET C 152 12.93 5.61 6.27
N TYR C 153 13.33 5.07 7.42
CA TYR C 153 13.40 5.83 8.67
C TYR C 153 14.36 7.01 8.56
N ASP C 154 15.55 6.78 8.01
CA ASP C 154 16.57 7.82 7.84
C ASP C 154 16.01 9.02 7.07
N VAL C 155 15.44 8.74 5.88
CA VAL C 155 14.84 9.77 5.04
C VAL C 155 13.74 10.50 5.79
N ALA C 156 12.84 9.74 6.44
CA ALA C 156 11.74 10.27 7.23
C ALA C 156 12.22 11.30 8.26
N LYS C 157 13.22 10.92 9.05
CA LYS C 157 13.79 11.82 10.05
C LYS C 157 14.36 13.08 9.40
N ALA C 158 15.18 12.90 8.35
CA ALA C 158 15.80 14.01 7.62
C ALA C 158 14.80 15.04 7.10
N VAL C 159 13.65 14.58 6.62
CA VAL C 159 12.66 15.53 6.09
C VAL C 159 11.88 16.20 7.21
N GLY C 160 11.74 15.55 8.36
CA GLY C 160 11.00 16.10 9.46
C GLY C 160 9.60 15.52 9.58
N LEU C 161 9.43 14.25 9.20
CA LEU C 161 8.15 13.57 9.27
C LEU C 161 8.13 12.70 10.50
N PRO C 162 7.17 12.92 11.43
CA PRO C 162 7.05 12.10 12.65
C PRO C 162 7.08 10.59 12.42
N ALA C 163 8.01 9.89 13.08
CA ALA C 163 8.18 8.43 12.96
C ALA C 163 6.90 7.63 13.15
N ALA C 164 5.93 8.20 13.88
CA ALA C 164 4.62 7.57 14.10
C ALA C 164 3.93 7.27 12.76
N PHE C 165 3.91 8.28 11.88
CA PHE C 165 3.28 8.13 10.56
C PHE C 165 3.89 6.98 9.77
N VAL C 166 5.23 6.94 9.70
CA VAL C 166 5.95 5.89 8.99
C VAL C 166 5.59 4.51 9.55
N GLU C 167 5.61 4.40 10.88
CA GLU C 167 5.25 3.15 11.55
C GLU C 167 3.86 2.71 11.16
N LEU C 168 2.89 3.63 11.28
CA LEU C 168 1.51 3.35 10.89
C LEU C 168 1.42 2.88 9.45
N ARG C 169 2.16 3.53 8.54
CA ARG C 169 2.20 3.14 7.12
C ARG C 169 2.56 1.67 6.96
N HIS C 170 3.72 1.27 7.53
CA HIS C 170 4.17 -0.12 7.48
C HIS C 170 3.12 -1.07 8.04
N GLN C 171 2.57 -0.73 9.21
CA GLN C 171 1.54 -1.56 9.83
C GLN C 171 0.29 -1.68 8.95
N ALA C 172 -0.23 -0.52 8.49
CA ALA C 172 -1.43 -0.44 7.64
C ALA C 172 -1.35 -1.32 6.40
N THR C 173 -0.24 -1.26 5.67
CA THR C 173 -0.13 -2.06 4.46
C THR C 173 -0.09 -3.56 4.75
N HIS C 174 0.84 -4.01 5.59
CA HIS C 174 0.99 -5.45 5.84
C HIS C 174 0.23 -6.01 7.05
N GLU C 175 0.60 -5.56 8.24
CA GLU C 175 0.17 -6.09 9.53
C GLU C 175 -1.19 -5.69 10.09
N GLN C 176 -2.27 -6.22 9.49
CA GLN C 176 -3.64 -6.04 10.03
C GLN C 176 -4.20 -4.63 10.14
N LEU C 177 -4.93 -4.18 9.09
CA LEU C 177 -5.57 -2.87 8.91
C LEU C 177 -6.00 -2.20 10.23
N PRO C 178 -5.50 -1.00 10.52
CA PRO C 178 -5.82 -0.27 11.76
C PRO C 178 -7.27 -0.01 12.14
N SER C 179 -7.47 0.21 13.44
CA SER C 179 -8.77 0.51 14.01
C SER C 179 -9.23 1.90 13.60
N LEU C 180 -10.55 2.08 13.57
CA LEU C 180 -11.19 3.34 13.16
C LEU C 180 -10.72 4.56 13.95
N THR C 181 -10.63 4.44 15.28
CA THR C 181 -10.23 5.57 16.15
C THR C 181 -8.82 6.08 15.80
N ARG C 182 -7.85 5.17 15.73
CA ARG C 182 -6.48 5.52 15.39
C ARG C 182 -6.42 6.25 14.05
N LEU C 183 -7.13 5.72 13.06
CA LEU C 183 -7.19 6.33 11.73
C LEU C 183 -7.74 7.74 11.80
N ARG C 184 -8.85 7.95 12.53
CA ARG C 184 -9.44 9.28 12.72
C ARG C 184 -8.42 10.30 13.22
N SER C 185 -7.73 9.96 14.31
CA SER C 185 -6.72 10.82 14.90
C SER C 185 -5.59 11.11 13.93
N ALA C 186 -4.98 10.06 13.38
CA ALA C 186 -3.88 10.16 12.43
C ALA C 186 -4.24 11.03 11.23
N ALA C 187 -5.43 10.82 10.65
CA ALA C 187 -5.90 11.61 9.51
C ALA C 187 -5.92 13.10 9.82
N ARG C 188 -6.59 13.49 10.92
CA ARG C 188 -6.69 14.89 11.31
C ARG C 188 -5.31 15.52 11.51
N ARG C 189 -4.42 14.83 12.25
CA ARG C 189 -3.06 15.30 12.45
C ARG C 189 -2.35 15.50 11.13
N ALA C 190 -2.45 14.51 10.23
CA ALA C 190 -1.87 14.57 8.90
C ALA C 190 -2.29 15.83 8.16
N LEU C 191 -3.60 16.11 8.15
CA LEU C 191 -4.16 17.31 7.51
C LEU C 191 -3.49 18.58 8.00
N GLU C 192 -3.48 18.79 9.32
CA GLU C 192 -2.85 20.00 9.88
C GLU C 192 -1.38 20.09 9.51
N TRP C 193 -0.64 18.99 9.64
CA TRP C 193 0.78 18.94 9.25
C TRP C 193 0.97 19.40 7.82
N ILE C 194 0.12 18.87 6.90
CA ILE C 194 0.17 19.26 5.49
C ILE C 194 -0.01 20.76 5.35
N TRP C 195 -1.01 21.33 6.04
CA TRP C 195 -1.26 22.77 6.04
C TRP C 195 -0.01 23.57 6.41
N TRP C 196 0.70 23.14 7.45
CA TRP C 196 1.90 23.88 7.84
C TRP C 196 3.06 23.58 6.91
N TYR C 197 2.94 22.55 6.08
CA TYR C 197 4.04 22.22 5.19
C TYR C 197 3.88 22.85 3.82
N TYR C 198 2.68 22.81 3.24
CA TYR C 198 2.51 23.27 1.87
C TYR C 198 1.61 24.49 1.72
N TRP C 199 0.35 24.36 2.16
CA TRP C 199 -0.71 25.25 1.72
C TRP C 199 -0.54 26.68 2.25
N LYS C 200 0.04 26.80 3.44
CA LYS C 200 0.28 28.13 4.02
C LYS C 200 1.26 28.94 3.20
N GLY C 201 2.16 28.28 2.50
CA GLY C 201 3.04 29.00 1.62
C GLY C 201 2.46 29.41 0.28
N LEU C 202 1.13 29.50 0.14
CA LEU C 202 0.54 29.90 -1.13
C LEU C 202 -0.16 31.25 -1.08
N GLY C 203 0.08 32.06 -0.05
CA GLY C 203 -0.51 33.38 -0.02
C GLY C 203 -0.95 33.85 1.35
N PRO C 204 -1.63 35.00 1.41
CA PRO C 204 -2.09 35.54 2.69
C PRO C 204 -3.26 34.79 3.28
N VAL C 205 -3.79 35.26 4.41
CA VAL C 205 -4.91 34.64 5.11
C VAL C 205 -5.90 35.73 5.51
N ASP C 206 -6.85 36.03 4.64
CA ASP C 206 -7.86 37.05 4.91
C ASP C 206 -9.01 36.50 5.73
N GLN C 372 -26.50 23.01 -43.58
CA GLN C 372 -25.44 22.84 -42.59
C GLN C 372 -24.97 24.19 -42.06
N SER C 373 -25.81 24.83 -41.25
CA SER C 373 -25.47 26.14 -40.68
C SER C 373 -25.07 25.99 -39.22
N GLY C 374 -24.25 24.98 -38.93
CA GLY C 374 -23.78 24.75 -37.58
C GLY C 374 -22.31 25.06 -37.41
N TRP C 375 -21.58 25.15 -38.52
CA TRP C 375 -20.15 25.46 -38.50
C TRP C 375 -19.95 26.75 -39.29
N VAL C 376 -19.75 27.86 -38.59
CA VAL C 376 -19.55 29.15 -39.23
C VAL C 376 -18.15 29.63 -38.90
N LEU C 377 -17.29 29.70 -39.92
CA LEU C 377 -15.94 30.23 -39.75
C LEU C 377 -16.02 31.65 -39.24
N TYR C 378 -15.46 31.88 -38.05
CA TYR C 378 -15.46 33.19 -37.38
C TYR C 378 -14.99 34.30 -38.32
N ASP C 379 -15.80 35.36 -38.38
CA ASP C 379 -15.59 36.55 -39.21
C ASP C 379 -14.16 37.09 -39.13
N GLU C 380 -13.45 37.02 -40.26
CA GLU C 380 -12.06 37.48 -40.37
C GLU C 380 -11.93 39.02 -40.33
N LYS C 381 -12.94 39.72 -39.81
CA LYS C 381 -12.93 41.16 -39.74
C LYS C 381 -13.13 41.66 -38.33
N GLU C 382 -13.92 40.95 -37.53
CA GLU C 382 -14.21 41.32 -36.16
C GLU C 382 -13.48 40.46 -35.14
N TRP C 383 -12.43 39.76 -35.58
CA TRP C 383 -11.64 38.91 -34.71
C TRP C 383 -10.41 39.65 -34.22
N VAL C 384 -9.98 39.32 -33.00
CA VAL C 384 -8.82 39.92 -32.34
C VAL C 384 -8.06 38.76 -31.71
N PRO C 385 -6.74 38.68 -31.89
CA PRO C 385 -5.99 37.54 -31.34
C PRO C 385 -5.90 37.54 -29.82
N LYS C 386 -6.59 36.59 -29.20
CA LYS C 386 -6.64 36.36 -27.78
C LYS C 386 -5.98 35.02 -27.46
N PRO C 387 -5.44 34.84 -26.25
CA PRO C 387 -4.80 33.57 -25.90
C PRO C 387 -5.81 32.44 -25.76
N ILE C 388 -5.28 31.23 -25.59
CA ILE C 388 -6.11 30.04 -25.59
C ILE C 388 -6.87 29.97 -24.27
N GLY C 389 -8.19 29.92 -24.36
CA GLY C 389 -9.04 29.80 -23.19
C GLY C 389 -9.94 30.99 -22.99
N ILE C 390 -9.37 32.20 -22.97
CA ILE C 390 -10.13 33.41 -22.78
C ILE C 390 -11.11 33.60 -23.95
N VAL C 391 -12.27 34.20 -23.66
CA VAL C 391 -13.26 34.48 -24.68
C VAL C 391 -13.49 35.99 -24.56
N MET D 1 38.18 16.21 -56.23
CA MET D 1 37.76 17.33 -55.42
C MET D 1 36.91 16.87 -54.24
N HIS D 2 36.89 17.71 -53.19
CA HIS D 2 36.14 17.51 -51.94
C HIS D 2 36.61 16.26 -51.21
N HIS D 3 37.87 16.23 -50.80
CA HIS D 3 38.45 15.08 -50.12
C HIS D 3 38.38 15.15 -48.60
N SER D 4 38.11 13.99 -47.97
CA SER D 4 38.00 13.78 -46.53
C SER D 4 37.91 12.29 -46.27
N SER D 5 37.86 11.87 -45.01
CA SER D 5 37.77 10.45 -44.72
C SER D 5 37.14 10.22 -43.34
N PHE D 6 36.92 8.93 -43.05
CA PHE D 6 36.40 8.22 -41.88
C PHE D 6 34.88 8.21 -41.80
N GLN D 7 34.20 9.30 -42.18
CA GLN D 7 32.75 9.21 -42.14
C GLN D 7 32.32 9.12 -43.61
N PRO D 8 32.53 10.17 -44.50
CA PRO D 8 32.15 10.01 -45.91
C PRO D 8 33.32 9.44 -46.70
N ASN D 9 33.57 9.99 -47.88
CA ASN D 9 34.64 9.64 -48.80
C ASN D 9 34.58 10.67 -49.92
N ASN D 10 35.68 10.78 -50.67
CA ASN D 10 35.85 11.71 -51.78
C ASN D 10 34.75 11.52 -52.82
N SER D 11 34.44 12.60 -53.55
CA SER D 11 33.44 12.50 -54.59
C SER D 11 34.19 12.55 -55.91
N ASN D 12 34.29 13.73 -56.56
CA ASN D 12 34.99 14.00 -57.82
C ASN D 12 34.58 15.45 -58.14
N PHE D 13 34.23 15.74 -59.39
CA PHE D 13 33.83 17.06 -59.84
C PHE D 13 32.41 17.35 -59.37
N GLN D 14 32.26 18.37 -58.54
CA GLN D 14 30.98 18.78 -57.98
C GLN D 14 30.65 20.12 -58.62
N ARG D 15 29.75 20.10 -59.59
CA ARG D 15 29.36 21.30 -60.32
C ARG D 15 28.08 21.89 -59.75
N LYS D 16 28.20 23.06 -59.13
CA LYS D 16 27.09 23.79 -58.54
C LYS D 16 26.42 24.62 -59.63
N ALA D 17 25.12 24.44 -59.82
CA ALA D 17 24.44 25.21 -60.87
C ALA D 17 23.01 25.51 -60.45
N GLY D 18 22.65 26.80 -60.40
CA GLY D 18 21.30 27.22 -60.05
C GLY D 18 20.77 26.84 -58.68
N GLY D 19 21.63 26.36 -57.80
CA GLY D 19 21.25 25.94 -56.47
C GLY D 19 21.27 24.44 -56.29
N ARG D 20 21.50 23.66 -57.35
CA ARG D 20 21.55 22.22 -57.22
C ARG D 20 22.98 21.74 -57.44
N LEU D 21 23.26 20.52 -57.00
CA LEU D 21 24.61 19.95 -57.09
C LEU D 21 24.65 18.73 -57.98
N VAL D 22 25.39 18.81 -59.07
CA VAL D 22 25.57 17.69 -59.98
C VAL D 22 26.90 17.04 -59.63
N LEU D 23 26.87 15.84 -59.11
CA LEU D 23 28.09 15.15 -58.71
C LEU D 23 28.24 13.81 -59.42
N SER D 24 29.42 13.58 -59.98
CA SER D 24 29.77 12.37 -60.69
C SER D 24 30.68 11.51 -59.81
N THR D 25 30.44 10.20 -59.76
CA THR D 25 31.29 9.33 -58.95
C THR D 25 31.55 8.05 -59.72
N PRO D 26 32.80 7.84 -60.21
CA PRO D 26 33.15 6.63 -60.97
C PRO D 26 33.75 5.46 -60.18
N ASP D 27 33.11 5.08 -59.07
CA ASP D 27 33.50 3.98 -58.16
C ASP D 27 32.49 3.97 -57.03
N VAL D 28 32.44 2.86 -56.28
CA VAL D 28 31.57 2.70 -55.12
C VAL D 28 31.91 3.82 -54.15
N GLU D 29 31.01 4.79 -53.96
CA GLU D 29 31.28 5.92 -53.08
C GLU D 29 30.10 6.22 -52.17
N ARG D 30 30.36 6.30 -50.88
CA ARG D 30 29.34 6.54 -49.86
C ARG D 30 29.51 7.92 -49.23
N PHE D 31 28.41 8.66 -49.11
CA PHE D 31 28.45 9.97 -48.47
C PHE D 31 27.16 10.27 -47.72
N VAL D 32 27.31 10.93 -46.57
CA VAL D 32 26.19 11.33 -45.75
C VAL D 32 25.72 12.68 -46.30
N ILE D 33 24.45 13.06 -46.05
CA ILE D 33 23.88 14.31 -46.54
C ILE D 33 22.84 14.80 -45.55
N LEU D 34 23.20 15.69 -44.65
CA LEU D 34 22.23 16.20 -43.69
C LEU D 34 21.43 17.34 -44.32
N GLY D 35 20.14 17.42 -43.99
CA GLY D 35 19.27 18.45 -44.51
C GLY D 35 18.00 17.98 -45.18
N ASN D 36 17.54 18.74 -46.17
CA ASN D 36 16.34 18.43 -46.94
C ASN D 36 16.77 18.45 -48.40
N TYR D 37 16.54 17.36 -49.11
CA TYR D 37 17.02 17.33 -50.49
C TYR D 37 16.25 16.31 -51.32
N GLY D 38 16.11 16.61 -52.60
CA GLY D 38 15.44 15.72 -53.53
C GLY D 38 16.48 15.04 -54.41
N VAL D 39 16.33 13.73 -54.55
CA VAL D 39 17.25 12.94 -55.36
C VAL D 39 16.58 12.60 -56.69
N LYS D 40 17.36 12.65 -57.79
CA LYS D 40 16.86 12.32 -59.12
C LYS D 40 18.06 11.80 -59.92
N VAL D 41 18.32 10.49 -59.81
CA VAL D 41 19.42 9.84 -60.51
C VAL D 41 19.25 9.93 -62.01
N HIS D 42 20.35 10.24 -62.72
CA HIS D 42 20.34 10.30 -64.16
C HIS D 42 20.87 9.03 -64.82
N GLN D 43 21.96 8.47 -64.32
CA GLN D 43 22.52 7.24 -64.87
C GLN D 43 23.16 6.42 -63.76
N GLY D 44 22.79 5.14 -63.65
CA GLY D 44 23.37 4.25 -62.68
C GLY D 44 22.37 3.73 -61.66
N GLU D 45 22.88 3.40 -60.47
CA GLU D 45 22.08 2.86 -59.38
C GLU D 45 22.58 3.34 -58.03
N VAL D 46 21.69 3.92 -57.23
CA VAL D 46 22.04 4.43 -55.90
C VAL D 46 21.13 3.80 -54.85
N THR D 47 21.72 3.43 -53.71
CA THR D 47 20.94 2.87 -52.62
C THR D 47 20.89 3.90 -51.49
N ILE D 48 19.69 4.39 -51.20
CA ILE D 48 19.47 5.38 -50.15
C ILE D 48 18.51 4.81 -49.12
N ALA D 49 19.01 4.65 -47.89
CA ALA D 49 18.30 4.17 -46.70
C ALA D 49 17.32 3.01 -46.87
N GLY D 50 17.55 2.14 -47.84
CA GLY D 50 16.68 1.00 -48.07
C GLY D 50 16.02 0.96 -49.44
N ALA D 51 15.99 2.07 -50.16
CA ALA D 51 15.34 2.12 -51.47
C ALA D 51 16.37 2.32 -52.56
N THR D 52 16.28 1.48 -53.59
CA THR D 52 17.17 1.51 -54.74
C THR D 52 16.58 2.40 -55.83
N LEU D 53 17.30 3.44 -56.23
CA LEU D 53 16.80 4.34 -57.26
C LEU D 53 17.63 4.16 -58.52
N THR D 54 16.98 4.33 -59.68
CA THR D 54 17.55 4.17 -61.00
C THR D 54 17.07 5.31 -61.91
N PRO D 55 17.51 5.45 -63.19
CA PRO D 55 17.00 6.54 -64.06
C PRO D 55 15.49 6.70 -64.19
N ILE D 56 14.75 5.62 -64.36
CA ILE D 56 13.30 5.72 -64.59
C ILE D 56 12.57 5.70 -63.25
N ASP D 57 12.65 6.82 -62.52
CA ASP D 57 12.01 7.00 -61.23
C ASP D 57 11.86 8.50 -61.00
N ASP D 58 10.74 8.90 -60.41
CA ASP D 58 10.45 10.29 -60.12
C ASP D 58 11.37 10.78 -58.98
N VAL D 59 11.41 12.11 -58.79
CA VAL D 59 12.23 12.71 -57.73
C VAL D 59 11.72 12.27 -56.37
N GLN D 60 12.63 11.94 -55.47
CA GLN D 60 12.28 11.53 -54.12
C GLN D 60 12.77 12.54 -53.09
N TRP D 61 11.84 13.15 -52.38
CA TRP D 61 12.18 14.15 -51.36
C TRP D 61 12.57 13.42 -50.08
N VAL D 62 13.77 13.69 -49.58
CA VAL D 62 14.28 13.06 -48.37
C VAL D 62 14.53 14.12 -47.30
N HIS D 63 14.01 13.89 -46.11
CA HIS D 63 14.23 14.73 -44.95
C HIS D 63 15.17 13.98 -44.04
N ALA D 64 16.33 14.56 -43.72
CA ALA D 64 17.28 13.87 -42.84
C ALA D 64 17.53 14.56 -41.51
N PRO D 65 16.57 14.56 -40.57
CA PRO D 65 16.77 15.19 -39.26
C PRO D 65 17.96 14.72 -38.45
N HIS D 66 18.79 15.65 -38.01
CA HIS D 66 19.98 15.46 -37.18
C HIS D 66 19.72 14.69 -35.86
N CYS D 67 18.45 14.45 -35.53
CA CYS D 67 18.06 13.73 -34.33
C CYS D 67 18.28 12.23 -34.48
N HIS D 68 17.61 11.61 -35.44
CA HIS D 68 17.74 10.18 -35.67
C HIS D 68 18.98 9.81 -36.45
N ALA D 69 19.01 8.60 -36.99
CA ALA D 69 20.14 8.11 -37.76
C ALA D 69 20.06 8.65 -39.18
N LEU D 70 20.91 9.63 -39.49
CA LEU D 70 20.99 10.25 -40.81
C LEU D 70 21.17 9.21 -41.90
N PRO D 71 20.35 9.23 -42.95
CA PRO D 71 20.49 8.27 -44.04
C PRO D 71 21.78 8.44 -44.82
N VAL D 72 22.40 7.32 -45.18
CA VAL D 72 23.64 7.28 -45.93
C VAL D 72 23.31 6.95 -47.38
N LEU D 73 23.99 7.60 -48.33
CA LEU D 73 23.77 7.37 -49.74
C LEU D 73 25.00 6.68 -50.32
N ARG D 74 24.82 5.44 -50.80
CA ARG D 74 25.90 4.65 -51.37
C ARG D 74 25.64 4.48 -52.86
N THR D 75 26.62 4.85 -53.69
CA THR D 75 26.44 4.70 -55.11
C THR D 75 27.29 3.57 -55.66
N ALA D 76 26.66 2.76 -56.50
CA ALA D 76 27.22 1.59 -57.18
C ALA D 76 27.45 1.98 -58.63
N ASN D 77 28.59 1.63 -59.23
CA ASN D 77 29.60 2.24 -60.13
C ASN D 77 29.19 3.52 -60.86
N ASP D 78 30.11 4.00 -61.74
CA ASP D 78 30.10 5.29 -62.48
C ASP D 78 28.69 5.79 -62.77
N THR D 79 28.28 6.71 -61.90
CA THR D 79 26.98 7.34 -61.85
C THR D 79 27.08 8.85 -61.72
N VAL D 80 26.00 9.53 -62.10
CA VAL D 80 25.87 10.98 -62.05
C VAL D 80 24.56 11.29 -61.36
N ILE D 81 24.60 12.09 -60.31
CA ILE D 81 23.41 12.42 -59.51
C ILE D 81 23.22 13.93 -59.54
N GLU D 82 21.97 14.36 -59.33
CA GLU D 82 21.58 15.77 -59.26
C GLU D 82 20.78 15.93 -57.98
N LEU D 83 21.33 16.64 -57.01
CA LEU D 83 20.69 16.88 -55.73
C LEU D 83 19.99 18.23 -55.78
N LEU D 84 18.64 18.21 -55.76
CA LEU D 84 17.77 19.37 -55.79
C LEU D 84 17.48 19.90 -54.39
N PRO D 85 17.17 21.18 -54.25
CA PRO D 85 16.84 21.75 -52.94
C PRO D 85 15.36 21.60 -52.60
N CYS D 86 15.09 21.42 -51.31
CA CYS D 86 13.66 21.25 -51.03
C CYS D 86 12.97 22.59 -50.76
N PRO D 87 11.79 22.81 -51.35
CA PRO D 87 11.06 24.07 -51.13
C PRO D 87 10.28 24.15 -49.81
N THR D 88 9.21 23.35 -49.66
CA THR D 88 8.32 23.29 -48.47
C THR D 88 9.04 23.25 -47.14
N ALA D 89 10.25 22.68 -47.11
CA ALA D 89 11.09 22.59 -45.91
C ALA D 89 11.29 23.94 -45.23
N GLN D 90 11.33 25.03 -46.02
CA GLN D 90 11.50 26.39 -45.48
C GLN D 90 10.38 26.71 -44.49
N GLY D 91 9.14 26.36 -44.86
CA GLY D 91 8.01 26.57 -43.97
C GLY D 91 8.19 25.83 -42.66
N LEU D 92 8.59 24.55 -42.74
CA LEU D 92 8.83 23.76 -41.54
C LEU D 92 9.92 24.41 -40.70
N ARG D 93 11.01 24.84 -41.34
CA ARG D 93 12.12 25.51 -40.67
C ARG D 93 11.65 26.64 -39.76
N GLU D 94 10.81 27.55 -40.29
CA GLU D 94 10.28 28.67 -39.50
C GLU D 94 9.58 28.29 -38.19
N LEU D 95 9.16 27.02 -38.03
CA LEU D 95 8.49 26.55 -36.81
C LEU D 95 9.37 26.70 -35.57
N ALA D 96 10.68 26.86 -35.75
CA ALA D 96 11.63 27.07 -34.66
C ALA D 96 11.32 28.34 -33.89
N ARG D 97 10.63 29.30 -34.51
CA ARG D 97 10.31 30.53 -33.79
C ARG D 97 9.15 30.34 -32.83
N LEU D 98 8.45 29.21 -32.89
CA LEU D 98 7.31 28.98 -32.01
C LEU D 98 7.59 27.98 -30.91
N ASN D 99 8.79 27.38 -30.88
CA ASN D 99 9.23 26.40 -29.90
C ASN D 99 10.69 26.07 -30.15
N PRO D 100 11.59 26.44 -29.23
CA PRO D 100 13.04 26.17 -29.39
C PRO D 100 13.49 24.74 -29.64
N LEU D 101 12.61 23.76 -29.38
CA LEU D 101 12.98 22.37 -29.59
C LEU D 101 13.21 22.07 -31.07
N PHE D 102 12.42 22.68 -31.95
CA PHE D 102 12.59 22.49 -33.38
C PHE D 102 13.76 23.31 -33.92
N GLY D 103 14.41 24.12 -33.08
CA GLY D 103 15.53 24.92 -33.53
C GLY D 103 16.76 24.09 -33.85
N ARG D 104 17.18 23.25 -32.91
CA ARG D 104 18.37 22.43 -33.10
C ARG D 104 17.98 21.05 -33.67
N LEU D 105 17.60 21.07 -34.94
CA LEU D 105 17.23 19.82 -35.58
C LEU D 105 17.57 19.77 -37.06
N TRP D 106 18.40 20.67 -37.59
CA TRP D 106 18.74 20.66 -39.00
C TRP D 106 20.15 21.20 -39.18
N ASN D 107 20.54 21.38 -40.44
CA ASN D 107 21.85 21.88 -40.79
C ASN D 107 22.03 23.34 -40.36
N GLU D 108 23.03 23.59 -39.54
CA GLU D 108 23.30 24.93 -39.04
C GLU D 108 24.25 25.64 -40.00
N THR D 109 23.72 25.94 -41.19
CA THR D 109 24.44 26.62 -42.27
C THR D 109 23.52 27.63 -42.95
N SER D 110 23.67 27.77 -44.27
CA SER D 110 22.89 28.72 -45.05
C SER D 110 21.86 27.99 -45.89
N ASP D 111 22.29 27.17 -46.86
CA ASP D 111 21.39 26.42 -47.72
C ASP D 111 20.52 25.39 -47.00
N THR D 112 19.74 24.64 -47.77
CA THR D 112 18.85 23.65 -47.19
C THR D 112 19.58 22.38 -46.75
N PHE D 113 20.59 21.94 -47.49
CA PHE D 113 21.33 20.72 -47.17
C PHE D 113 22.83 20.94 -47.31
N GLN D 114 23.59 20.45 -46.34
CA GLN D 114 25.05 20.59 -46.37
C GLN D 114 25.70 19.23 -46.24
N ILE D 115 26.53 18.88 -47.24
CA ILE D 115 27.27 17.63 -47.21
C ILE D 115 28.14 17.60 -45.94
N ILE D 116 28.44 16.40 -45.45
CA ILE D 116 29.23 16.26 -44.23
C ILE D 116 30.51 15.51 -44.54
N TYR D 117 31.60 16.01 -43.98
CA TYR D 117 32.93 15.45 -44.12
C TYR D 117 33.48 15.22 -42.72
N THR D 118 34.78 14.93 -42.64
CA THR D 118 35.41 14.03 -41.67
C THR D 118 34.91 14.09 -40.23
N SER D 119 35.16 15.18 -39.51
CA SER D 119 34.56 15.37 -38.20
C SER D 119 34.13 16.80 -37.90
N ALA D 120 34.59 17.77 -38.67
CA ALA D 120 34.45 19.17 -38.27
C ALA D 120 33.28 19.85 -38.95
N ASP D 121 32.55 19.16 -39.82
CA ASP D 121 31.42 19.77 -40.49
C ASP D 121 30.16 19.63 -39.64
N ALA D 122 30.28 18.94 -38.52
CA ALA D 122 29.22 18.72 -37.55
C ALA D 122 28.81 20.03 -36.88
N PRO D 123 27.56 20.17 -36.48
CA PRO D 123 27.16 21.35 -35.72
C PRO D 123 27.70 21.32 -34.30
N LYS D 124 27.61 22.47 -33.65
CA LYS D 124 28.19 22.66 -32.33
C LYS D 124 27.31 22.06 -31.25
N ARG D 125 27.98 21.52 -30.22
CA ARG D 125 27.35 21.01 -28.99
C ARG D 125 26.35 19.89 -29.25
N THR D 126 26.62 19.05 -30.26
CA THR D 126 25.68 18.00 -30.64
C THR D 126 26.44 16.89 -31.34
N SER D 127 26.13 15.65 -30.97
CA SER D 127 26.72 14.49 -31.63
C SER D 127 26.00 14.23 -32.95
N LEU D 128 26.45 13.23 -33.69
CA LEU D 128 25.94 13.02 -35.05
C LEU D 128 26.06 11.53 -35.35
N ARG D 129 24.99 10.78 -35.10
CA ARG D 129 24.97 9.34 -35.33
C ARG D 129 25.00 9.03 -36.83
N GLU D 130 24.73 7.76 -37.17
CA GLU D 130 24.73 7.35 -38.56
C GLU D 130 24.06 5.99 -38.69
N LEU D 131 23.18 5.85 -39.67
CA LEU D 131 22.47 4.60 -39.91
C LEU D 131 23.43 3.56 -40.47
N ALA D 132 23.57 2.43 -39.78
CA ALA D 132 24.44 1.35 -40.22
C ALA D 132 23.65 0.06 -40.13
N SER D 133 23.62 -0.70 -41.21
CA SER D 133 22.88 -1.95 -41.27
C SER D 133 23.77 -3.12 -40.89
N HIS D 134 23.38 -3.83 -39.85
CA HIS D 134 24.09 -5.02 -39.42
C HIS D 134 23.97 -6.10 -40.50
N PRO D 135 25.00 -6.95 -40.66
CA PRO D 135 24.92 -8.02 -41.68
C PRO D 135 23.74 -8.97 -41.51
N ALA D 136 23.40 -9.31 -40.26
CA ALA D 136 22.28 -10.20 -39.95
C ALA D 136 20.98 -9.64 -40.50
N TRP D 137 20.62 -8.42 -40.06
CA TRP D 137 19.44 -7.67 -40.48
C TRP D 137 19.24 -7.72 -41.99
N ASN D 138 20.29 -7.30 -42.70
CA ASN D 138 20.28 -7.25 -44.16
C ASN D 138 20.02 -8.64 -44.77
N LYS D 139 20.75 -9.65 -44.30
CA LYS D 139 20.59 -11.02 -44.80
C LYS D 139 19.16 -11.53 -44.58
N LYS D 140 18.63 -11.32 -43.37
CA LYS D 140 17.27 -11.72 -43.03
C LYS D 140 16.25 -11.08 -43.98
N ILE D 141 16.40 -9.76 -44.19
CA ILE D 141 15.54 -9.02 -45.13
C ILE D 141 15.57 -9.64 -46.51
N SER D 142 16.78 -9.98 -46.99
CA SER D 142 16.96 -10.65 -48.28
C SER D 142 16.16 -11.95 -48.36
N GLU D 143 16.26 -12.77 -47.30
CA GLU D 143 15.52 -14.03 -47.24
C GLU D 143 14.01 -13.82 -47.33
N LEU D 144 13.48 -12.92 -46.49
CA LEU D 144 12.05 -12.61 -46.52
C LEU D 144 11.61 -12.14 -47.90
N LEU D 145 12.38 -11.23 -48.50
CA LEU D 145 12.09 -10.70 -49.82
C LEU D 145 11.97 -11.78 -50.89
N THR D 146 13.00 -12.65 -51.00
CA THR D 146 12.96 -13.73 -51.99
C THR D 146 11.77 -14.67 -51.75
N SER D 147 11.47 -15.01 -50.48
CA SER D 147 10.30 -15.84 -50.18
C SER D 147 9.01 -15.16 -50.62
N THR D 148 8.85 -13.88 -50.25
CA THR D 148 7.69 -13.06 -50.60
C THR D 148 7.38 -13.06 -52.09
N ARG D 149 8.40 -12.79 -52.93
CA ARG D 149 8.23 -12.75 -54.39
C ARG D 149 7.64 -14.03 -54.98
N ARG D 150 7.84 -15.17 -54.33
CA ARG D 150 7.30 -16.45 -54.80
C ARG D 150 6.19 -16.95 -53.87
N LYS D 151 5.32 -16.03 -53.43
CA LYS D 151 4.23 -16.35 -52.50
C LYS D 151 3.20 -15.22 -52.67
N PRO D 152 2.12 -15.10 -51.85
CA PRO D 152 1.21 -13.96 -52.05
C PRO D 152 1.59 -12.75 -51.22
N SER D 153 0.67 -12.21 -50.41
CA SER D 153 0.83 -11.03 -49.57
C SER D 153 1.12 -11.38 -48.11
N PRO D 154 2.39 -11.40 -47.72
CA PRO D 154 2.76 -11.76 -46.34
C PRO D 154 2.45 -10.66 -45.34
N ILE D 155 2.32 -11.07 -44.09
CA ILE D 155 2.09 -10.17 -42.97
C ILE D 155 3.25 -10.36 -42.00
N LEU D 156 3.96 -9.28 -41.74
CA LEU D 156 5.14 -9.27 -40.88
C LEU D 156 4.80 -8.58 -39.57
N PHE D 157 4.89 -9.33 -38.48
CA PHE D 157 4.58 -8.84 -37.15
C PHE D 157 5.92 -8.59 -36.46
N ILE D 158 6.26 -7.32 -36.27
CA ILE D 158 7.53 -6.92 -35.67
C ILE D 158 7.29 -6.52 -34.23
N CYS D 159 8.08 -7.07 -33.30
CA CYS D 159 7.93 -6.70 -31.90
C CYS D 159 9.26 -6.90 -31.18
N GLY D 160 9.26 -6.52 -29.90
CA GLY D 160 10.44 -6.64 -29.08
C GLY D 160 10.48 -5.62 -27.97
N PRO D 161 11.38 -5.82 -27.00
CA PRO D 161 11.55 -4.89 -25.89
C PRO D 161 11.91 -3.48 -26.36
N LYS D 162 11.56 -2.48 -25.52
CA LYS D 162 11.80 -1.06 -25.75
C LYS D 162 13.21 -0.76 -26.24
N SER D 163 13.36 0.35 -26.97
CA SER D 163 14.58 0.86 -27.61
C SER D 163 15.51 -0.24 -28.12
N SER D 164 15.02 -1.02 -29.08
CA SER D 164 15.78 -2.11 -29.66
C SER D 164 15.98 -1.98 -31.16
N GLY D 165 15.13 -1.25 -31.85
CA GLY D 165 15.27 -1.08 -33.28
C GLY D 165 14.10 -1.60 -34.10
N LYS D 166 12.95 -1.76 -33.44
CA LYS D 166 11.74 -2.21 -34.12
C LYS D 166 11.35 -1.27 -35.26
N SER D 167 11.26 0.03 -34.96
CA SER D 167 10.89 1.05 -35.94
C SER D 167 11.84 1.07 -37.13
N THR D 168 13.14 1.21 -36.85
CA THR D 168 14.19 1.24 -37.88
C THR D 168 14.09 0.06 -38.82
N PHE D 169 14.01 -1.15 -38.24
CA PHE D 169 13.87 -2.37 -39.03
C PHE D 169 12.64 -2.32 -39.90
N GLY D 170 11.50 -1.92 -39.32
CA GLY D 170 10.27 -1.75 -40.08
C GLY D 170 10.44 -0.86 -41.28
N ARG D 171 11.10 0.29 -41.08
CA ARG D 171 11.42 1.23 -42.13
C ARG D 171 12.14 0.53 -43.29
N LEU D 172 13.20 -0.22 -42.95
CA LEU D 172 13.96 -0.99 -43.93
C LEU D 172 13.07 -1.96 -44.70
N LEU D 173 12.29 -2.77 -43.99
CA LEU D 173 11.37 -3.73 -44.61
C LEU D 173 10.45 -3.07 -45.61
N THR D 174 9.77 -1.99 -45.19
CA THR D 174 8.84 -1.26 -46.04
C THR D 174 9.50 -0.75 -47.31
N ASN D 175 10.59 0.01 -47.14
CA ASN D 175 11.33 0.59 -48.27
C ASN D 175 11.84 -0.48 -49.23
N ARG D 176 12.43 -1.55 -48.70
CA ARG D 176 12.98 -2.57 -49.58
C ARG D 176 11.91 -3.38 -50.31
N LEU D 177 10.87 -3.84 -49.59
CA LEU D 177 9.77 -4.58 -50.24
C LEU D 177 9.15 -3.77 -51.36
N MET D 178 8.92 -2.48 -51.11
CA MET D 178 8.34 -1.58 -52.10
C MET D 178 9.22 -1.40 -53.33
N THR D 179 10.44 -0.93 -53.12
CA THR D 179 11.34 -0.53 -54.21
C THR D 179 12.19 -1.63 -54.87
N ASP D 180 12.40 -2.79 -54.24
CA ASP D 180 13.28 -3.91 -54.69
C ASP D 180 13.53 -4.15 -56.18
N ARG D 181 12.47 -4.28 -56.98
CA ARG D 181 12.50 -4.52 -58.43
C ARG D 181 13.59 -5.50 -58.92
N ALA D 182 13.57 -6.72 -58.38
CA ALA D 182 14.57 -7.76 -58.68
C ALA D 182 14.88 -8.15 -60.14
N GLY D 183 14.36 -9.29 -60.62
CA GLY D 183 14.64 -9.76 -61.98
C GLY D 183 13.52 -9.57 -63.00
N HIS D 184 12.38 -9.03 -62.59
CA HIS D 184 11.19 -8.78 -63.41
C HIS D 184 11.38 -7.77 -64.56
N LYS D 185 12.57 -7.17 -64.70
CA LYS D 185 12.99 -6.11 -65.63
C LYS D 185 12.26 -4.93 -65.04
N SER D 186 12.69 -4.73 -63.80
CA SER D 186 12.41 -3.82 -62.71
C SER D 186 11.00 -4.02 -62.17
N ARG D 187 10.01 -3.28 -62.74
CA ARG D 187 8.55 -3.22 -62.56
C ARG D 187 8.24 -1.74 -62.39
N SER D 188 7.30 -1.49 -61.48
CA SER D 188 6.84 -0.20 -61.01
C SER D 188 6.99 -0.38 -59.50
N TRP D 189 6.56 0.57 -58.68
CA TRP D 189 6.71 0.41 -57.23
C TRP D 189 5.44 -0.19 -56.63
N LYS D 190 5.54 -1.43 -56.17
CA LYS D 190 4.46 -2.17 -55.57
C LYS D 190 4.00 -1.51 -54.27
N PRO D 191 2.73 -1.08 -54.16
CA PRO D 191 2.22 -0.46 -52.93
C PRO D 191 2.43 -1.27 -51.66
N VAL D 192 2.39 -0.65 -50.49
CA VAL D 192 2.59 -1.34 -49.21
C VAL D 192 1.71 -0.65 -48.17
N MET D 193 1.04 -1.43 -47.33
CA MET D 193 0.20 -0.90 -46.28
C MET D 193 0.88 -1.09 -44.94
N VAL D 194 0.72 -0.11 -44.05
CA VAL D 194 1.33 -0.13 -42.73
C VAL D 194 0.23 0.02 -41.71
N LEU D 195 0.24 -0.82 -40.68
CA LEU D 195 -0.73 -0.78 -39.60
C LEU D 195 0.02 -0.35 -38.35
N ASP D 196 -0.30 0.82 -37.84
CA ASP D 196 0.37 1.33 -36.67
C ASP D 196 -0.56 1.14 -35.48
N LEU D 197 -0.14 0.28 -34.56
CA LEU D 197 -0.87 -0.05 -33.34
C LEU D 197 -0.12 0.46 -32.12
N ASP D 198 0.68 1.52 -32.29
CA ASP D 198 1.50 2.10 -31.23
C ASP D 198 0.95 3.47 -30.86
N PRO D 199 0.03 3.57 -29.88
CA PRO D 199 -0.46 4.89 -29.49
C PRO D 199 0.62 5.80 -28.93
N GLY D 200 1.54 5.24 -28.15
CA GLY D 200 2.66 5.92 -27.52
C GLY D 200 3.47 6.84 -28.39
N GLN D 201 4.10 6.27 -29.42
CA GLN D 201 4.91 7.03 -30.37
C GLN D 201 4.55 6.48 -31.74
N PRO D 202 3.47 6.97 -32.32
CA PRO D 202 3.00 6.46 -33.60
C PRO D 202 3.83 6.84 -34.82
N GLU D 203 3.30 6.47 -35.97
CA GLU D 203 3.87 6.81 -37.27
C GLU D 203 2.70 6.96 -38.23
N PHE D 204 2.76 7.98 -39.09
CA PHE D 204 1.68 8.38 -40.00
C PHE D 204 0.39 8.71 -39.27
N SER D 205 0.50 9.23 -38.05
CA SER D 205 -0.66 9.53 -37.22
C SER D 205 -0.21 10.42 -36.07
N PRO D 206 -1.11 11.24 -35.52
CA PRO D 206 -0.79 11.97 -34.31
C PRO D 206 -0.81 11.03 -33.12
N PRO D 207 -0.18 11.41 -32.00
CA PRO D 207 -0.14 10.52 -30.83
C PRO D 207 -1.51 10.31 -30.22
N GLY D 208 -1.75 9.10 -29.72
CA GLY D 208 -3.04 8.76 -29.19
C GLY D 208 -4.03 8.25 -30.21
N VAL D 209 -3.59 7.91 -31.41
CA VAL D 209 -4.46 7.43 -32.48
C VAL D 209 -3.79 6.25 -33.18
N VAL D 210 -4.58 5.21 -33.45
CA VAL D 210 -4.13 4.02 -34.15
C VAL D 210 -4.62 4.17 -35.58
N SER D 211 -3.89 3.61 -36.58
CA SER D 211 -4.34 3.86 -37.94
C SER D 211 -3.71 2.94 -38.97
N LEU D 212 -4.37 2.86 -40.11
CA LEU D 212 -3.94 2.07 -41.26
C LEU D 212 -3.58 3.04 -42.39
N THR D 213 -2.37 2.92 -42.93
CA THR D 213 -1.89 3.82 -43.96
C THR D 213 -1.48 3.05 -45.22
N LYS D 214 -1.67 3.66 -46.39
CA LYS D 214 -1.30 3.09 -47.68
C LYS D 214 -0.18 3.92 -48.28
N LEU D 215 0.97 3.31 -48.53
CA LEU D 215 2.13 4.00 -49.08
C LEU D 215 2.43 3.61 -50.51
N ARG D 216 2.72 4.61 -51.33
CA ARG D 216 3.11 4.45 -52.73
C ARG D 216 4.59 4.74 -52.92
N ARG D 217 5.06 5.85 -52.37
CA ARG D 217 6.45 6.28 -52.46
C ARG D 217 7.21 5.78 -51.24
N PRO D 218 8.54 5.78 -51.27
CA PRO D 218 9.30 5.35 -50.09
C PRO D 218 9.09 6.28 -48.91
N ASN D 219 9.24 5.73 -47.71
CA ASN D 219 9.06 6.49 -46.49
C ASN D 219 10.44 6.86 -45.95
N LEU D 220 10.95 8.00 -46.40
CA LEU D 220 12.27 8.49 -45.97
C LEU D 220 12.05 9.79 -45.25
N ALA D 221 11.60 9.69 -43.98
CA ALA D 221 11.31 10.81 -43.07
C ALA D 221 10.81 10.29 -41.73
N PRO D 222 11.20 10.93 -40.64
CA PRO D 222 10.75 10.56 -39.28
C PRO D 222 9.25 10.71 -39.08
N PRO D 223 8.72 10.34 -37.91
CA PRO D 223 7.27 10.52 -37.70
C PRO D 223 6.82 11.97 -37.65
N PHE D 224 7.60 12.86 -37.04
CA PHE D 224 7.18 14.26 -36.95
C PHE D 224 7.41 15.07 -38.23
N CYS D 225 7.46 14.42 -39.39
CA CYS D 225 7.66 15.12 -40.64
C CYS D 225 6.55 14.82 -41.63
N HIS D 226 5.52 14.10 -41.19
CA HIS D 226 4.29 13.74 -41.89
C HIS D 226 3.23 13.11 -40.96
N PRO D 227 2.81 13.76 -39.84
CA PRO D 227 1.80 13.12 -38.99
C PRO D 227 0.43 12.95 -39.62
N GLY D 228 -0.18 14.03 -40.12
CA GLY D 228 -1.48 13.94 -40.73
C GLY D 228 -1.36 13.72 -42.23
N LEU D 229 -2.29 12.95 -42.77
CA LEU D 229 -2.32 12.65 -44.19
C LEU D 229 -3.70 13.00 -44.73
N SER D 230 -3.72 13.49 -45.97
CA SER D 230 -4.95 13.86 -46.68
C SER D 230 -5.96 12.72 -46.69
N PHE D 231 -6.96 12.83 -45.82
CA PHE D 231 -8.01 11.84 -45.65
C PHE D 231 -8.69 11.49 -46.96
N GLY D 232 -8.95 10.20 -47.15
CA GLY D 232 -9.60 9.72 -48.36
C GLY D 232 -8.64 9.02 -49.30
N ASN D 240 -0.72 7.78 -56.96
CA ASN D 240 -1.35 9.08 -56.78
C ASN D 240 -1.40 9.49 -55.31
N GLU D 241 -1.11 10.77 -55.07
CA GLU D 241 -1.09 11.46 -53.77
C GLU D 241 -0.06 10.95 -52.77
N GLY D 242 0.70 9.92 -53.11
CA GLY D 242 1.77 9.47 -52.24
C GLY D 242 1.32 8.64 -51.06
N MET D 243 0.77 9.28 -50.03
CA MET D 243 0.40 8.60 -48.79
C MET D 243 -1.02 9.01 -48.44
N THR D 244 -1.94 8.05 -48.40
CA THR D 244 -3.30 8.31 -47.98
C THR D 244 -3.63 7.47 -46.76
N THR D 245 -4.63 7.91 -46.00
CA THR D 245 -5.03 7.24 -44.78
C THR D 245 -6.39 6.59 -44.96
N VAL D 246 -6.46 5.30 -44.72
CA VAL D 246 -7.71 4.56 -44.91
C VAL D 246 -8.64 4.78 -43.72
N ARG D 247 -8.18 4.47 -42.51
CA ARG D 247 -9.04 4.58 -41.34
C ARG D 247 -8.23 4.79 -40.07
N MET D 248 -8.75 5.60 -39.15
CA MET D 248 -8.12 5.86 -37.87
C MET D 248 -9.11 5.69 -36.73
N HIS D 249 -8.60 5.38 -35.55
CA HIS D 249 -9.43 5.25 -34.35
C HIS D 249 -8.73 5.93 -33.18
N ALA D 250 -9.53 6.58 -32.35
CA ALA D 250 -9.04 7.39 -31.25
C ALA D 250 -9.04 6.55 -29.98
N ILE D 251 -7.87 6.02 -29.63
CA ILE D 251 -7.66 5.37 -28.34
C ILE D 251 -7.04 6.43 -27.44
N ALA D 252 -7.90 7.13 -26.69
CA ALA D 252 -7.48 8.35 -26.02
C ALA D 252 -6.60 8.07 -24.81
N SER D 253 -5.38 7.62 -25.06
CA SER D 253 -4.38 7.43 -24.02
C SER D 253 -3.01 7.42 -24.69
N VAL D 254 -1.98 7.18 -23.90
CA VAL D 254 -0.63 7.04 -24.41
C VAL D 254 -0.06 5.73 -23.92
N THR D 255 -0.92 4.90 -23.34
CA THR D 255 -0.62 3.56 -22.86
C THR D 255 -1.91 2.75 -22.89
N PRO D 256 -2.14 1.90 -23.94
CA PRO D 256 -3.37 1.08 -24.05
C PRO D 256 -3.86 0.32 -22.82
N ALA D 257 -3.00 0.16 -21.81
CA ALA D 257 -3.33 -0.52 -20.58
C ALA D 257 -4.30 0.31 -19.72
N LEU D 258 -5.46 0.62 -20.29
CA LEU D 258 -6.50 1.38 -19.63
C LEU D 258 -7.83 0.82 -20.12
N ASP D 259 -7.78 -0.01 -21.20
CA ASP D 259 -8.97 -0.65 -21.78
C ASP D 259 -8.62 -1.64 -22.88
N PRO D 260 -8.00 -2.79 -22.55
CA PRO D 260 -7.64 -3.82 -23.56
C PRO D 260 -8.70 -4.21 -24.58
N ALA D 261 -9.96 -4.31 -24.14
CA ALA D 261 -11.09 -4.68 -25.01
C ALA D 261 -11.20 -3.78 -26.23
N HIS D 262 -11.26 -2.46 -26.00
CA HIS D 262 -11.35 -1.49 -27.09
C HIS D 262 -10.19 -1.62 -28.05
N PHE D 263 -8.97 -1.69 -27.51
CA PHE D 263 -7.73 -1.83 -28.30
C PHE D 263 -7.81 -2.99 -29.27
N ILE D 264 -8.14 -4.19 -28.76
CA ILE D 264 -8.26 -5.38 -29.62
C ILE D 264 -9.38 -5.20 -30.64
N ALA D 265 -10.51 -4.63 -30.21
CA ALA D 265 -11.63 -4.33 -31.11
C ALA D 265 -11.18 -3.49 -32.30
N CYS D 266 -10.46 -2.39 -32.01
CA CYS D 266 -9.90 -1.52 -33.04
C CYS D 266 -9.03 -2.30 -34.01
N ALA D 267 -8.11 -3.11 -33.47
CA ALA D 267 -7.25 -3.98 -34.26
C ALA D 267 -8.07 -4.81 -35.25
N ARG D 268 -9.17 -5.40 -34.78
CA ARG D 268 -10.04 -6.20 -35.64
C ARG D 268 -10.62 -5.40 -36.79
N ASP D 269 -11.27 -4.26 -36.48
CA ASP D 269 -11.89 -3.40 -37.48
C ASP D 269 -10.89 -2.99 -38.58
N LEU D 270 -9.72 -2.48 -38.18
CA LEU D 270 -8.70 -2.07 -39.14
C LEU D 270 -8.24 -3.23 -40.00
N PHE D 271 -7.86 -4.36 -39.37
CA PHE D 271 -7.43 -5.55 -40.11
C PHE D 271 -8.50 -5.98 -41.11
N ALA D 272 -9.77 -5.93 -40.70
CA ALA D 272 -10.91 -6.23 -41.58
C ALA D 272 -10.81 -5.46 -42.88
N TYR D 273 -10.78 -4.13 -42.78
CA TYR D 273 -10.62 -3.27 -43.97
C TYR D 273 -9.41 -3.68 -44.80
N TYR D 274 -8.27 -3.92 -44.14
CA TYR D 274 -7.06 -4.37 -44.84
C TYR D 274 -7.35 -5.60 -45.67
N ARG D 275 -7.98 -6.62 -45.04
CA ARG D 275 -8.37 -7.87 -45.70
C ARG D 275 -9.12 -7.60 -46.99
N ARG D 276 -10.13 -6.74 -46.89
CA ARG D 276 -10.98 -6.36 -48.01
C ARG D 276 -10.18 -5.78 -49.18
N SER D 277 -9.40 -4.73 -48.93
CA SER D 277 -8.64 -4.09 -50.01
C SER D 277 -7.50 -4.96 -50.52
N ALA D 278 -6.79 -5.67 -49.63
CA ALA D 278 -5.67 -6.53 -50.01
C ALA D 278 -6.08 -7.63 -50.97
N SER D 279 -7.22 -8.29 -50.70
CA SER D 279 -7.78 -9.40 -51.48
C SER D 279 -7.66 -9.29 -52.99
N GLN D 280 -7.86 -8.09 -53.54
CA GLN D 280 -7.74 -7.91 -54.98
C GLN D 280 -6.28 -7.73 -55.38
N GLU D 281 -5.78 -6.50 -55.25
CA GLU D 281 -4.39 -6.15 -55.58
C GLU D 281 -3.45 -6.57 -54.45
N ASN D 282 -2.66 -7.62 -54.70
CA ASN D 282 -1.66 -8.15 -53.76
C ASN D 282 -0.76 -7.07 -53.18
N ILE D 283 -0.83 -6.88 -51.86
CA ILE D 283 -0.03 -5.87 -51.14
C ILE D 283 0.30 -6.34 -49.72
N PRO D 284 1.58 -6.47 -49.39
CA PRO D 284 1.98 -6.88 -48.04
C PRO D 284 1.65 -5.83 -46.99
N LEU D 285 1.59 -6.28 -45.74
CA LEU D 285 1.26 -5.40 -44.62
C LEU D 285 2.32 -5.54 -43.54
N VAL D 286 2.91 -4.43 -43.14
CA VAL D 286 3.91 -4.40 -42.08
C VAL D 286 3.28 -3.75 -40.86
N VAL D 287 3.20 -4.48 -39.75
CA VAL D 287 2.60 -3.99 -38.52
C VAL D 287 3.64 -3.96 -37.41
N ASN D 288 3.71 -2.84 -36.68
CA ASN D 288 4.64 -2.69 -35.57
C ASN D 288 3.83 -2.46 -34.29
N THR D 289 4.17 -3.20 -33.26
CA THR D 289 3.48 -3.16 -31.98
C THR D 289 4.12 -2.16 -31.03
N PRO D 290 3.43 -1.79 -29.88
CA PRO D 290 4.04 -0.86 -28.90
C PRO D 290 5.39 -1.28 -28.34
N GLY D 291 5.42 -2.47 -27.77
CA GLY D 291 6.64 -2.98 -27.18
C GLY D 291 6.60 -3.17 -25.69
N TRP D 292 6.01 -4.27 -25.28
CA TRP D 292 5.90 -4.67 -23.88
C TRP D 292 6.49 -6.06 -23.75
N ILE D 293 6.75 -6.47 -22.52
CA ILE D 293 7.32 -7.78 -22.24
C ILE D 293 6.75 -8.38 -20.96
N GLN D 294 6.47 -7.55 -19.97
CA GLN D 294 5.95 -8.02 -18.69
C GLN D 294 4.55 -7.47 -18.44
N GLY D 295 3.75 -8.25 -17.71
CA GLY D 295 2.41 -7.80 -17.39
C GLY D 295 1.39 -7.99 -18.49
N THR D 296 0.32 -7.18 -18.37
CA THR D 296 -0.82 -7.14 -19.30
C THR D 296 -0.37 -7.05 -20.75
N GLY D 297 0.62 -6.21 -21.03
CA GLY D 297 1.17 -6.02 -22.37
C GLY D 297 1.47 -7.30 -23.11
N LEU D 298 2.19 -8.23 -22.44
CA LEU D 298 2.52 -9.52 -23.02
C LEU D 298 1.27 -10.27 -23.47
N ASP D 299 0.25 -10.27 -22.61
CA ASP D 299 -1.03 -10.90 -22.91
C ASP D 299 -1.64 -10.30 -24.18
N LEU D 300 -1.64 -8.95 -24.25
CA LEU D 300 -2.13 -8.24 -25.42
C LEU D 300 -1.42 -8.70 -26.69
N LEU D 301 -0.08 -8.73 -26.64
CA LEU D 301 0.71 -9.22 -27.77
C LEU D 301 0.29 -10.62 -28.21
N ALA D 302 0.06 -11.50 -27.24
CA ALA D 302 -0.43 -12.87 -27.51
C ALA D 302 -1.74 -12.83 -28.28
N GLU D 303 -2.74 -12.13 -27.72
CA GLU D 303 -4.06 -12.00 -28.36
C GLU D 303 -3.94 -11.42 -29.77
N LEU D 304 -3.12 -10.37 -29.93
CA LEU D 304 -2.88 -9.76 -31.23
C LEU D 304 -2.40 -10.79 -32.25
N ILE D 305 -1.40 -11.60 -31.87
CA ILE D 305 -0.89 -12.66 -32.75
C ILE D 305 -2.02 -13.61 -33.13
N ALA D 306 -2.85 -13.99 -32.16
CA ALA D 306 -4.00 -14.87 -32.40
C ALA D 306 -4.97 -14.28 -33.43
N VAL D 307 -5.42 -13.04 -33.20
CA VAL D 307 -6.39 -12.39 -34.09
C VAL D 307 -5.84 -12.18 -35.49
N LEU D 308 -4.69 -11.50 -35.61
CA LEU D 308 -4.12 -11.16 -36.91
C LEU D 308 -3.66 -12.37 -37.71
N ARG D 309 -3.08 -13.37 -37.06
CA ARG D 309 -2.50 -14.58 -37.64
C ARG D 309 -1.42 -14.18 -38.65
N PRO D 310 -0.31 -13.59 -38.19
CA PRO D 310 0.73 -13.14 -39.12
C PRO D 310 1.53 -14.28 -39.72
N THR D 311 2.00 -14.04 -40.94
CA THR D 311 2.83 -15.02 -41.61
C THR D 311 4.15 -15.22 -40.88
N GLU D 312 4.81 -14.13 -40.49
CA GLU D 312 6.09 -14.27 -39.78
C GLU D 312 6.22 -13.25 -38.66
N VAL D 313 6.81 -13.68 -37.55
CA VAL D 313 7.01 -12.85 -36.37
C VAL D 313 8.49 -12.63 -36.18
N LEU D 314 8.90 -11.38 -36.01
CA LEU D 314 10.30 -11.00 -35.82
C LEU D 314 10.46 -10.37 -34.44
N TYR D 315 11.29 -10.99 -33.61
CA TYR D 315 11.54 -10.51 -32.26
C TYR D 315 12.95 -9.90 -32.24
N MET D 316 13.02 -8.56 -32.19
CA MET D 316 14.31 -7.87 -32.25
C MET D 316 15.08 -7.81 -30.94
N SER D 317 15.36 -8.94 -30.31
CA SER D 317 16.14 -8.87 -29.06
C SER D 317 17.41 -9.72 -29.02
N GLU D 318 17.25 -11.04 -29.26
CA GLU D 318 18.25 -12.11 -29.26
C GLU D 318 18.87 -12.37 -27.88
N ASP D 319 18.59 -11.53 -26.90
CA ASP D 319 19.03 -11.77 -25.54
C ASP D 319 17.91 -11.45 -24.56
N GLY D 320 16.66 -11.65 -24.98
CA GLY D 320 15.52 -11.21 -24.22
C GLY D 320 15.27 -12.05 -23.00
N PRO D 321 14.35 -11.61 -22.16
CA PRO D 321 13.98 -12.41 -20.98
C PRO D 321 13.31 -13.71 -21.41
N GLU D 322 13.59 -14.78 -20.67
CA GLU D 322 13.10 -16.10 -21.02
C GLU D 322 11.58 -16.22 -20.92
N GLU D 323 10.97 -15.55 -19.94
CA GLU D 323 9.52 -15.57 -19.76
C GLU D 323 8.77 -15.05 -20.99
N THR D 324 9.10 -13.84 -21.44
CA THR D 324 8.42 -13.25 -22.60
C THR D 324 8.66 -14.06 -23.87
N VAL D 325 9.91 -14.46 -24.14
CA VAL D 325 10.23 -15.26 -25.33
C VAL D 325 9.42 -16.56 -25.33
N SER D 326 9.40 -17.26 -24.19
CA SER D 326 8.64 -18.50 -24.05
C SER D 326 7.15 -18.27 -24.34
N ALA D 327 6.54 -17.32 -23.61
CA ALA D 327 5.13 -16.96 -23.78
C ALA D 327 4.80 -16.68 -25.25
N LEU D 328 5.61 -15.81 -25.88
CA LEU D 328 5.44 -15.48 -27.29
C LEU D 328 5.51 -16.73 -28.15
N ARG D 329 6.53 -17.57 -27.94
CA ARG D 329 6.67 -18.81 -28.71
C ARG D 329 5.44 -19.71 -28.58
N GLU D 330 4.87 -19.83 -27.37
CA GLU D 330 3.66 -20.62 -27.17
C GLU D 330 2.51 -20.09 -28.01
N ALA D 331 2.19 -18.79 -27.85
CA ALA D 331 1.13 -18.14 -28.60
C ALA D 331 1.35 -18.28 -30.11
N CYS D 332 2.57 -17.96 -30.55
CA CYS D 332 2.96 -18.05 -31.96
C CYS D 332 2.76 -19.46 -32.51
N ALA D 333 3.24 -20.47 -31.78
CA ALA D 333 3.08 -21.87 -32.16
C ALA D 333 1.61 -22.27 -32.28
N SER D 334 0.78 -21.80 -31.35
CA SER D 334 -0.65 -22.11 -31.30
C SER D 334 -1.40 -21.89 -32.61
N SER D 335 -1.25 -20.72 -33.26
CA SER D 335 -2.00 -20.54 -34.52
C SER D 335 -1.47 -21.37 -35.70
N SER D 336 -1.62 -22.68 -35.56
CA SER D 336 -1.29 -23.82 -36.42
C SER D 336 0.19 -23.95 -36.73
N THR D 337 0.81 -22.88 -37.22
CA THR D 337 2.26 -22.77 -37.50
C THR D 337 2.56 -21.31 -37.79
N ILE D 338 3.59 -20.74 -37.18
CA ILE D 338 3.98 -19.35 -37.45
C ILE D 338 5.48 -19.21 -37.24
N PRO D 339 6.28 -19.01 -38.32
CA PRO D 339 7.73 -18.81 -38.18
C PRO D 339 8.14 -17.65 -37.27
N PHE D 340 8.83 -17.97 -36.17
CA PHE D 340 9.27 -17.00 -35.18
C PHE D 340 10.78 -16.92 -35.16
N THR D 341 11.35 -15.81 -35.62
CA THR D 341 12.81 -15.68 -35.64
C THR D 341 13.26 -14.48 -34.83
N MET D 342 14.42 -14.62 -34.19
CA MET D 342 15.00 -13.58 -33.39
C MET D 342 16.10 -12.90 -34.17
N LEU D 343 16.28 -11.61 -33.94
CA LEU D 343 17.34 -10.87 -34.61
C LEU D 343 18.06 -9.98 -33.60
N PRO D 344 19.32 -9.59 -33.90
CA PRO D 344 20.07 -8.69 -33.02
C PRO D 344 19.46 -7.31 -32.81
N SER D 345 20.15 -6.47 -32.05
CA SER D 345 19.72 -5.11 -31.78
C SER D 345 20.98 -4.28 -31.67
N GLN D 346 20.93 -3.17 -30.91
CA GLN D 346 22.06 -2.28 -30.68
C GLN D 346 21.67 -1.16 -29.71
N PRO D 347 22.59 -0.80 -28.82
CA PRO D 347 22.35 0.25 -27.84
C PRO D 347 23.09 1.52 -28.23
N SER D 360 20.31 12.54 -25.09
CA SER D 360 19.38 11.76 -25.89
C SER D 360 17.99 12.39 -25.86
N TRP D 361 17.14 11.94 -26.79
CA TRP D 361 15.77 12.43 -26.91
C TRP D 361 14.82 11.35 -26.40
N THR D 362 14.18 11.62 -25.27
CA THR D 362 13.25 10.68 -24.68
C THR D 362 11.97 10.60 -25.50
N PRO D 363 11.21 9.49 -25.39
CA PRO D 363 9.94 9.36 -26.12
C PRO D 363 8.94 10.48 -25.90
N ALA D 364 8.86 11.00 -24.67
CA ALA D 364 7.94 12.08 -24.32
C ALA D 364 8.07 13.29 -25.23
N THR D 365 9.28 13.86 -25.31
CA THR D 365 9.53 15.03 -26.15
C THR D 365 9.23 14.75 -27.61
N LEU D 366 9.66 13.59 -28.11
CA LEU D 366 9.41 13.20 -29.50
C LEU D 366 7.92 13.18 -29.79
N ARG D 367 7.15 12.55 -28.90
CA ARG D 367 5.69 12.50 -28.96
C ARG D 367 5.09 13.90 -29.05
N SER D 368 5.49 14.77 -28.11
CA SER D 368 5.05 16.16 -28.08
C SER D 368 5.30 16.86 -29.41
N MET D 369 6.51 16.71 -29.96
CA MET D 369 6.84 17.30 -31.25
C MET D 369 5.88 16.85 -32.35
N ALA D 370 5.57 15.55 -32.39
CA ALA D 370 4.61 14.99 -33.34
C ALA D 370 3.28 15.73 -33.27
N MET D 371 2.71 15.79 -32.05
CA MET D 371 1.44 16.47 -31.81
C MET D 371 1.46 17.92 -32.26
N GLN D 372 2.46 18.69 -31.80
CA GLN D 372 2.59 20.10 -32.17
C GLN D 372 2.65 20.29 -33.68
N SER D 373 3.44 19.46 -34.36
CA SER D 373 3.56 19.52 -35.81
C SER D 373 2.21 19.35 -36.49
N TYR D 374 1.42 18.37 -36.02
CA TYR D 374 0.09 18.07 -36.59
C TYR D 374 -0.83 19.28 -36.72
N PHE D 375 -1.05 20.01 -35.63
CA PHE D 375 -1.94 21.19 -35.66
C PHE D 375 -1.48 22.29 -36.60
N HIS D 376 -0.18 22.40 -36.85
CA HIS D 376 0.28 23.45 -37.75
C HIS D 376 0.21 23.06 -39.22
N LEU D 377 -0.15 21.82 -39.53
CA LEU D 377 -0.26 21.35 -40.91
C LEU D 377 -1.22 22.23 -41.71
N SER D 378 -0.77 22.68 -42.87
CA SER D 378 -1.58 23.57 -43.69
C SER D 378 -2.72 22.80 -44.36
N PRO D 379 -3.94 23.35 -44.36
CA PRO D 379 -5.08 22.68 -45.00
C PRO D 379 -5.07 22.59 -46.52
N PHE D 380 -3.93 22.27 -47.13
CA PHE D 380 -3.73 22.15 -48.58
C PHE D 380 -4.28 23.31 -49.42
CA GLY D 387 5.86 16.39 -55.90
C GLY D 387 5.99 16.43 -54.39
N PRO D 388 5.76 17.61 -53.79
CA PRO D 388 5.85 17.76 -52.33
C PRO D 388 4.91 16.87 -51.52
N GLY D 389 5.07 16.90 -50.19
CA GLY D 389 4.24 16.09 -49.34
C GLY D 389 3.11 16.86 -48.68
N CYS D 390 3.46 17.81 -47.80
CA CYS D 390 2.46 18.60 -47.10
C CYS D 390 3.11 19.84 -46.52
N GLU D 391 2.55 21.00 -46.82
CA GLU D 391 3.07 22.26 -46.33
C GLU D 391 2.74 22.47 -44.86
N TRP D 392 3.45 23.40 -44.24
CA TRP D 392 3.26 23.76 -42.85
C TRP D 392 2.98 25.25 -42.76
N ASN D 393 2.05 25.63 -41.89
CA ASN D 393 1.69 27.03 -41.71
C ASN D 393 2.36 27.52 -40.44
N PRO D 394 3.39 28.35 -40.51
CA PRO D 394 4.08 28.82 -39.30
C PRO D 394 3.37 29.88 -38.45
N THR D 395 2.08 30.13 -38.65
CA THR D 395 1.44 31.15 -37.82
C THR D 395 0.92 30.50 -36.54
N PRO D 396 1.22 31.08 -35.37
CA PRO D 396 0.74 30.54 -34.08
C PRO D 396 -0.76 30.28 -34.02
N LEU D 397 -1.11 29.26 -33.23
CA LEU D 397 -2.50 28.82 -33.05
C LEU D 397 -3.40 29.95 -32.56
N THR D 398 -2.90 30.80 -31.66
CA THR D 398 -3.69 31.90 -31.13
C THR D 398 -4.17 32.86 -32.23
N HIS D 399 -3.27 33.25 -33.12
CA HIS D 399 -3.59 34.17 -34.21
C HIS D 399 -4.63 33.65 -35.18
N LEU D 400 -4.74 32.33 -35.35
CA LEU D 400 -5.72 31.74 -36.27
C LEU D 400 -7.15 32.10 -35.88
N CYS D 401 -8.07 31.86 -36.83
CA CYS D 401 -9.47 32.13 -36.60
C CYS D 401 -10.17 30.82 -36.29
N PRO D 402 -10.75 30.67 -35.11
CA PRO D 402 -11.42 29.43 -34.74
C PRO D 402 -12.75 29.20 -35.45
N TRP D 403 -13.20 27.96 -35.37
CA TRP D 403 -14.48 27.52 -35.91
C TRP D 403 -15.53 27.71 -34.81
N ARG D 404 -16.59 28.44 -35.13
CA ARG D 404 -17.66 28.74 -34.18
C ARG D 404 -18.78 27.73 -34.35
N VAL D 405 -18.87 26.75 -33.44
CA VAL D 405 -19.93 25.75 -33.52
C VAL D 405 -21.02 26.10 -32.52
N ARG D 406 -22.27 25.93 -32.94
CA ARG D 406 -23.43 26.23 -32.11
C ARG D 406 -23.69 25.04 -31.18
N LEU D 407 -24.44 25.30 -30.10
CA LEU D 407 -24.75 24.25 -29.14
C LEU D 407 -26.22 24.14 -28.77
N ALA D 408 -27.05 25.16 -29.01
CA ALA D 408 -28.47 25.04 -28.73
C ALA D 408 -29.18 25.19 -30.07
N GLY D 409 -29.59 24.08 -30.66
CA GLY D 409 -30.29 24.13 -31.94
C GLY D 409 -31.57 23.34 -32.06
N ARG D 410 -31.38 22.06 -32.36
CA ARG D 410 -32.33 20.97 -32.58
C ARG D 410 -31.38 19.78 -32.78
N PRO D 411 -31.79 18.51 -32.62
CA PRO D 411 -30.82 17.42 -32.84
C PRO D 411 -30.40 17.15 -34.28
N ASP D 412 -30.64 18.09 -35.20
CA ASP D 412 -30.27 17.96 -36.60
C ASP D 412 -29.71 19.24 -37.20
N GLU D 413 -29.75 20.37 -36.49
CA GLU D 413 -29.23 21.65 -36.95
C GLU D 413 -28.55 22.34 -35.76
N ARG D 414 -27.55 21.66 -35.20
CA ARG D 414 -26.87 22.18 -34.02
C ARG D 414 -25.35 22.15 -34.16
N GLY D 415 -24.83 21.21 -34.93
CA GLY D 415 -23.38 21.13 -35.07
C GLY D 415 -22.80 19.91 -34.39
N VAL D 416 -22.40 20.01 -33.13
CA VAL D 416 -21.88 18.87 -32.40
C VAL D 416 -23.02 18.19 -31.65
N LEU D 417 -23.16 16.88 -31.84
CA LEU D 417 -24.24 16.12 -31.20
C LEU D 417 -24.07 16.05 -29.69
N GLY D 418 -22.87 16.20 -29.17
CA GLY D 418 -22.65 16.13 -27.73
C GLY D 418 -21.20 15.83 -27.40
N ILE D 419 -20.95 15.60 -26.11
CA ILE D 419 -19.62 15.31 -25.60
C ILE D 419 -19.63 14.05 -24.76
N VAL D 420 -18.86 13.05 -25.17
CA VAL D 420 -18.74 11.79 -24.46
C VAL D 420 -17.41 11.83 -23.73
N CYS D 421 -17.25 11.01 -22.69
CA CYS D 421 -15.99 10.96 -21.94
C CYS D 421 -15.61 9.50 -21.74
N TYR D 422 -14.31 9.21 -21.84
CA TYR D 422 -13.80 7.87 -21.65
C TYR D 422 -13.06 7.71 -20.34
N ASP D 423 -13.23 6.53 -19.71
CA ASP D 423 -12.58 6.10 -18.47
C ASP D 423 -12.78 6.97 -17.23
N HIS D 424 -13.53 8.05 -17.33
CA HIS D 424 -13.72 8.96 -16.21
C HIS D 424 -14.92 9.84 -16.48
N GLN D 425 -15.81 9.94 -15.52
CA GLN D 425 -16.96 10.78 -15.75
C GLN D 425 -16.70 12.15 -15.16
N TYR D 426 -17.74 12.95 -15.07
CA TYR D 426 -17.66 14.31 -14.56
C TYR D 426 -19.07 14.76 -14.18
N ALA D 427 -19.13 15.71 -13.27
CA ALA D 427 -20.40 16.31 -12.92
C ALA D 427 -20.66 17.41 -13.94
N PRO D 428 -21.91 17.96 -14.02
CA PRO D 428 -22.17 19.03 -15.00
C PRO D 428 -21.31 20.28 -14.92
N GLU D 429 -21.30 20.91 -13.74
CA GLU D 429 -20.54 22.13 -13.48
C GLU D 429 -19.06 22.03 -13.88
N LEU D 430 -18.40 20.94 -13.49
CA LEU D 430 -16.98 20.73 -13.78
C LEU D 430 -16.66 20.68 -15.28
N VAL D 431 -17.47 19.97 -16.08
CA VAL D 431 -17.31 19.72 -17.51
C VAL D 431 -16.82 20.90 -18.35
N SER D 432 -17.48 22.06 -18.25
CA SER D 432 -17.08 23.25 -19.02
C SER D 432 -15.61 23.60 -18.81
N ASP D 433 -15.19 23.71 -17.55
CA ASP D 433 -13.80 24.01 -17.24
C ASP D 433 -12.89 22.84 -17.61
N ALA D 434 -13.34 21.61 -17.36
CA ALA D 434 -12.52 20.42 -17.59
C ALA D 434 -12.19 20.18 -19.06
N ILE D 435 -13.19 20.24 -19.94
CA ILE D 435 -12.97 19.98 -21.36
C ILE D 435 -12.04 21.02 -21.98
N ASN D 436 -12.44 22.30 -21.92
CA ASN D 436 -11.77 23.49 -22.44
C ASN D 436 -10.25 23.45 -22.26
N GLY D 437 -9.53 23.60 -23.35
CA GLY D 437 -8.08 23.61 -23.25
C GLY D 437 -7.42 22.34 -23.75
N MET D 438 -8.06 21.20 -23.54
CA MET D 438 -7.49 19.92 -23.92
C MET D 438 -7.68 19.62 -25.39
N VAL D 439 -7.27 18.41 -25.78
CA VAL D 439 -7.38 17.93 -27.15
C VAL D 439 -8.46 16.86 -27.14
N MET D 440 -9.30 16.87 -28.16
CA MET D 440 -10.40 15.93 -28.33
C MET D 440 -10.41 15.40 -29.75
N GLY D 441 -11.41 14.59 -30.06
CA GLY D 441 -11.51 14.06 -31.41
C GLY D 441 -12.90 14.06 -32.03
N LEU D 442 -13.02 14.60 -33.24
CA LEU D 442 -14.28 14.58 -33.95
C LEU D 442 -14.54 13.14 -34.34
N VAL D 443 -15.66 12.58 -33.93
CA VAL D 443 -15.99 11.20 -34.24
C VAL D 443 -17.29 11.16 -35.03
N ARG D 444 -17.22 10.63 -36.25
CA ARG D 444 -18.36 10.54 -37.13
C ARG D 444 -19.09 9.22 -36.91
N ILE D 445 -20.40 9.29 -36.73
CA ILE D 445 -21.23 8.10 -36.52
C ILE D 445 -21.63 7.58 -37.89
N GLU D 446 -21.32 6.31 -38.16
CA GLU D 446 -21.71 5.73 -39.45
C GLU D 446 -23.13 5.19 -39.33
N LYS D 447 -23.29 4.13 -38.54
CA LYS D 447 -24.57 3.48 -38.30
C LYS D 447 -25.09 3.90 -36.93
N LYS D 448 -26.40 4.21 -36.87
CA LYS D 448 -27.07 4.62 -35.63
C LYS D 448 -26.90 3.66 -34.45
N GLU D 449 -26.46 2.42 -34.68
CA GLU D 449 -26.20 1.39 -33.68
C GLU D 449 -25.08 1.69 -32.69
N ALA D 450 -24.53 2.90 -32.72
CA ALA D 450 -23.42 3.30 -31.85
C ALA D 450 -23.97 3.79 -30.52
N LEU D 451 -24.63 4.94 -30.53
CA LEU D 451 -25.19 5.56 -29.33
C LEU D 451 -26.40 4.83 -28.71
N ARG D 452 -26.63 3.58 -29.09
CA ARG D 452 -27.73 2.79 -28.55
C ARG D 452 -27.38 2.41 -27.12
N GLY D 453 -28.09 2.99 -26.15
CA GLY D 453 -27.86 2.76 -24.75
C GLY D 453 -27.54 4.02 -23.98
N LEU D 454 -27.18 5.09 -24.68
CA LEU D 454 -26.87 6.37 -24.06
C LEU D 454 -28.05 7.33 -24.18
N ALA D 455 -28.25 8.11 -23.12
CA ALA D 455 -29.35 9.08 -23.02
C ALA D 455 -28.96 10.35 -23.77
N VAL D 456 -29.13 10.30 -25.09
CA VAL D 456 -28.82 11.38 -26.04
C VAL D 456 -29.60 12.64 -25.67
N PRO D 457 -28.93 13.79 -25.54
CA PRO D 457 -29.60 15.05 -25.18
C PRO D 457 -30.60 15.53 -26.22
N GLY D 458 -31.50 16.38 -25.77
CA GLY D 458 -32.57 16.91 -26.58
C GLY D 458 -32.47 18.41 -26.67
N ASP D 459 -32.82 18.95 -27.86
CA ASP D 459 -32.81 20.33 -28.31
C ASP D 459 -32.99 21.46 -27.30
N THR D 460 -33.94 21.33 -26.39
CA THR D 460 -34.31 22.29 -25.32
C THR D 460 -35.06 23.48 -25.91
N PRO D 501 -29.06 27.04 -20.15
CA PRO D 501 -28.12 26.57 -21.16
C PRO D 501 -26.91 25.81 -20.59
N LEU D 502 -26.73 24.58 -21.04
CA LEU D 502 -25.65 23.73 -20.59
C LEU D 502 -25.17 22.86 -21.73
N LEU D 503 -23.91 22.44 -21.64
CA LEU D 503 -23.29 21.60 -22.64
C LEU D 503 -24.01 20.27 -22.78
N PRO D 504 -24.35 19.86 -24.00
CA PRO D 504 -25.05 18.58 -24.20
C PRO D 504 -24.22 17.34 -23.86
N LEU D 505 -23.92 17.16 -22.58
CA LEU D 505 -23.14 16.02 -22.12
C LEU D 505 -23.97 14.75 -22.30
N ILE D 506 -23.39 13.76 -22.99
CA ILE D 506 -24.01 12.47 -23.23
C ILE D 506 -23.62 11.53 -22.10
N PRO D 507 -24.43 11.37 -21.05
CA PRO D 507 -24.10 10.46 -19.94
C PRO D 507 -23.70 9.07 -20.39
N ASN D 508 -22.63 8.54 -19.80
CA ASN D 508 -22.13 7.22 -20.14
C ASN D 508 -21.64 6.57 -18.84
N PRO D 509 -22.57 6.14 -17.97
CA PRO D 509 -22.21 5.50 -16.69
C PRO D 509 -21.18 4.37 -16.79
N THR D 510 -21.34 3.50 -17.80
CA THR D 510 -20.45 2.37 -18.05
C THR D 510 -18.99 2.77 -18.04
N GLY D 511 -18.61 3.71 -18.89
CA GLY D 511 -17.22 4.11 -18.92
C GLY D 511 -16.55 3.76 -20.23
N SER D 512 -16.94 2.61 -20.77
CA SER D 512 -16.36 2.08 -22.00
C SER D 512 -16.56 3.05 -23.17
N PRO D 513 -15.67 3.02 -24.16
CA PRO D 513 -15.77 3.90 -25.32
C PRO D 513 -16.77 3.41 -26.36
N LEU D 514 -17.04 4.30 -27.32
CA LEU D 514 -17.93 4.00 -28.43
C LEU D 514 -17.35 2.88 -29.27
N SER D 515 -18.21 1.96 -29.70
CA SER D 515 -17.82 0.81 -30.51
C SER D 515 -17.06 1.22 -31.77
N PRO D 516 -15.93 0.57 -32.08
CA PRO D 516 -15.17 0.94 -33.27
C PRO D 516 -15.87 0.62 -34.59
N GLN D 517 -16.63 -0.48 -34.66
CA GLN D 517 -17.32 -0.91 -35.87
C GLN D 517 -18.35 0.08 -36.39
N TYR D 518 -18.76 1.06 -35.58
CA TYR D 518 -19.81 1.98 -35.96
C TYR D 518 -19.40 3.44 -36.01
N THR D 519 -18.18 3.80 -35.61
CA THR D 519 -17.74 5.20 -35.60
C THR D 519 -16.28 5.32 -36.01
N SER D 520 -15.92 6.47 -36.59
CA SER D 520 -14.55 6.72 -37.03
C SER D 520 -14.07 8.10 -36.59
N LEU D 521 -12.75 8.28 -36.56
CA LEU D 521 -12.14 9.54 -36.17
C LEU D 521 -11.93 10.42 -37.40
N VAL D 522 -12.20 11.73 -37.26
CA VAL D 522 -12.03 12.68 -38.36
C VAL D 522 -10.99 13.73 -37.91
N GLY D 523 -9.90 13.29 -37.30
CA GLY D 523 -8.89 14.26 -36.90
C GLY D 523 -9.10 14.96 -35.58
N LEU D 524 -8.03 15.10 -34.78
CA LEU D 524 -8.09 15.74 -33.47
C LEU D 524 -8.50 17.20 -33.57
N VAL D 525 -9.04 17.72 -32.46
CA VAL D 525 -9.53 19.09 -32.33
C VAL D 525 -9.02 19.72 -31.03
N LEU D 526 -8.55 20.96 -31.10
CA LEU D 526 -8.09 21.72 -29.93
C LEU D 526 -9.10 22.82 -29.61
N ILE D 527 -9.61 22.84 -28.37
CA ILE D 527 -10.57 23.86 -27.93
C ILE D 527 -9.87 25.11 -27.44
N ARG D 528 -10.32 26.27 -27.90
CA ARG D 528 -9.72 27.53 -27.48
C ARG D 528 -10.79 28.50 -26.95
N GLY D 529 -11.71 28.00 -26.13
CA GLY D 529 -12.69 28.93 -25.62
C GLY D 529 -14.15 28.55 -25.74
N VAL D 530 -14.85 28.50 -24.61
CA VAL D 530 -16.27 28.19 -24.58
C VAL D 530 -17.00 29.33 -23.88
N SER D 531 -18.05 29.84 -24.52
CA SER D 531 -18.86 30.94 -24.00
C SER D 531 -20.32 30.56 -24.18
N LEU D 532 -20.94 30.06 -23.12
CA LEU D 532 -22.33 29.64 -23.17
C LEU D 532 -23.28 30.57 -22.42
N THR D 533 -23.10 31.89 -22.54
CA THR D 533 -24.01 32.75 -21.78
C THR D 533 -24.87 33.69 -22.62
N ALA D 534 -25.96 34.05 -21.94
CA ALA D 534 -27.12 34.91 -22.14
C ALA D 534 -28.21 34.32 -23.03
N SER D 535 -27.85 33.88 -24.27
CA SER D 535 -28.73 33.20 -25.26
C SER D 535 -27.99 32.94 -26.58
N ASN D 536 -27.05 31.97 -26.62
CA ASN D 536 -26.27 31.53 -27.80
C ASN D 536 -25.14 30.56 -27.39
N PRO D 537 -25.43 29.38 -26.75
CA PRO D 537 -24.35 28.45 -26.41
C PRO D 537 -23.40 28.11 -27.56
N GLU D 538 -22.10 28.34 -27.45
CA GLU D 538 -21.21 28.02 -28.56
C GLU D 538 -19.82 27.65 -28.08
N LEU D 539 -19.07 27.00 -28.99
CA LEU D 539 -17.70 26.56 -28.78
C LEU D 539 -16.80 27.11 -29.89
N HIS D 540 -15.60 27.54 -29.52
CA HIS D 540 -14.61 28.01 -30.48
C HIS D 540 -13.51 26.95 -30.53
N LEU D 541 -13.43 26.20 -31.61
CA LEU D 541 -12.41 25.17 -31.74
C LEU D 541 -11.62 25.31 -33.03
N LEU D 542 -10.35 24.89 -33.02
CA LEU D 542 -9.48 24.98 -34.18
C LEU D 542 -8.92 23.60 -34.51
N THR D 543 -8.91 23.27 -35.82
CA THR D 543 -8.45 21.95 -36.25
C THR D 543 -7.65 22.09 -37.54
N PRO D 544 -6.93 21.05 -38.00
CA PRO D 544 -6.22 21.20 -39.27
C PRO D 544 -7.07 20.77 -40.46
N VAL D 545 -8.14 20.03 -40.18
CA VAL D 545 -9.11 19.48 -41.12
C VAL D 545 -9.60 20.53 -42.11
N PRO D 546 -9.51 20.26 -43.41
CA PRO D 546 -9.96 21.24 -44.39
C PRO D 546 -11.44 21.50 -44.29
N PRO D 547 -11.89 22.73 -44.62
CA PRO D 547 -13.32 23.08 -44.56
C PRO D 547 -14.25 22.18 -45.35
N SER D 548 -13.77 21.70 -46.52
CA SER D 548 -14.52 20.82 -47.42
C SER D 548 -15.15 19.64 -46.68
N VAL D 549 -14.34 18.87 -45.97
CA VAL D 549 -14.84 17.70 -45.25
C VAL D 549 -15.74 18.12 -44.09
N LEU D 550 -15.32 19.13 -43.31
CA LEU D 550 -16.07 19.64 -42.16
C LEU D 550 -17.52 20.01 -42.48
N HIS D 551 -17.72 20.77 -43.57
CA HIS D 551 -19.07 21.17 -43.95
C HIS D 551 -19.93 19.98 -44.36
N SER D 552 -19.35 19.00 -45.04
CA SER D 552 -20.10 17.85 -45.55
C SER D 552 -20.33 16.75 -44.53
N PHE D 553 -21.16 17.05 -43.51
CA PHE D 553 -21.50 16.04 -42.50
C PHE D 553 -22.81 16.28 -41.77
N ARG D 554 -23.61 17.27 -42.21
CA ARG D 554 -24.93 17.64 -41.67
C ARG D 554 -25.00 18.01 -40.17
N GLY D 555 -23.97 17.74 -39.39
CA GLY D 555 -23.97 18.05 -37.98
C GLY D 555 -24.60 16.98 -37.09
N ASP D 556 -25.69 16.35 -37.54
CA ASP D 556 -26.33 15.31 -36.75
C ASP D 556 -25.41 14.11 -36.48
N GLU D 557 -24.64 13.71 -37.49
CA GLU D 557 -23.73 12.57 -37.36
C GLU D 557 -22.31 13.05 -37.03
N LEU D 558 -22.16 13.58 -35.81
CA LEU D 558 -20.87 14.09 -35.38
C LEU D 558 -20.80 14.30 -33.88
N VAL D 559 -20.05 13.45 -33.17
CA VAL D 559 -19.93 13.50 -31.71
C VAL D 559 -18.49 13.88 -31.36
N LEU D 560 -18.31 14.53 -30.21
CA LEU D 560 -17.01 14.98 -29.73
C LEU D 560 -16.54 14.10 -28.58
N VAL D 561 -15.40 13.44 -28.74
CA VAL D 561 -14.84 12.56 -27.71
C VAL D 561 -13.67 13.23 -27.01
N ALA D 562 -13.75 13.35 -25.68
CA ALA D 562 -12.70 13.97 -24.86
C ALA D 562 -12.16 12.97 -23.85
N GLY D 563 -10.90 12.57 -24.00
CA GLY D 563 -10.29 11.63 -23.09
C GLY D 563 -9.06 12.15 -22.36
N LYS D 564 -7.92 11.50 -22.58
CA LYS D 564 -6.66 11.87 -21.95
C LYS D 564 -5.82 12.76 -22.87
N PHE D 565 -5.09 12.11 -23.80
CA PHE D 565 -4.24 12.73 -24.82
C PHE D 565 -2.99 13.46 -24.34
N ASP D 566 -2.85 13.74 -23.03
CA ASP D 566 -1.69 14.43 -22.45
C ASP D 566 -1.71 15.87 -22.94
N ALA D 567 -2.27 16.77 -22.12
CA ALA D 567 -2.54 18.21 -22.28
C ALA D 567 -1.49 18.94 -23.11
N PRO D 568 -1.94 19.59 -24.20
CA PRO D 568 -1.03 20.29 -25.09
C PRO D 568 -0.39 21.53 -24.52
N THR D 569 0.56 21.26 -23.62
CA THR D 569 1.30 22.29 -22.91
C THR D 569 2.01 23.28 -23.86
N TRP D 570 2.54 22.78 -24.98
CA TRP D 570 3.21 23.59 -25.99
C TRP D 570 2.33 24.71 -26.56
N ALA D 571 1.02 24.45 -26.73
CA ALA D 571 0.07 25.37 -27.34
C ALA D 571 0.03 26.75 -26.69
N TYR D 572 -0.20 26.79 -25.38
CA TYR D 572 -0.30 28.05 -24.64
C TYR D 572 0.92 28.93 -24.81
N VAL D 573 2.09 28.37 -24.50
CA VAL D 573 3.38 29.07 -24.55
C VAL D 573 3.73 29.58 -25.94
N GLU D 574 3.43 28.79 -26.99
CA GLU D 574 3.70 29.09 -28.40
C GLU D 574 3.52 30.55 -28.83
N GLY D 575 2.37 31.13 -28.50
CA GLY D 575 2.13 32.55 -28.77
C GLY D 575 3.20 33.46 -28.21
N LEU D 576 3.51 33.28 -26.92
CA LEU D 576 4.53 34.06 -26.22
C LEU D 576 5.88 33.94 -26.90
N TYR D 577 6.33 32.70 -27.15
CA TYR D 577 7.62 32.46 -27.83
C TYR D 577 7.70 33.23 -29.13
N TRP D 578 6.69 33.09 -30.00
CA TRP D 578 6.66 33.78 -31.29
C TRP D 578 6.84 35.27 -31.14
N LYS D 579 6.04 35.87 -30.25
CA LYS D 579 6.08 37.31 -30.00
C LYS D 579 7.46 37.77 -29.52
N SER D 580 8.06 37.02 -28.59
CA SER D 580 9.38 37.38 -28.07
C SER D 580 10.48 37.21 -29.11
N ASN D 581 10.55 36.02 -29.74
CA ASN D 581 11.61 35.72 -30.69
C ASN D 581 11.59 36.64 -31.91
N SER D 582 10.40 36.81 -32.52
CA SER D 582 10.29 37.68 -33.71
C SER D 582 10.74 39.11 -33.42
N LYS D 583 10.36 39.65 -32.26
CA LYS D 583 10.72 41.00 -31.81
C LYS D 583 12.21 41.31 -31.84
N ASP D 610 -1.92 40.70 -20.46
CA ASP D 610 -1.25 39.41 -20.62
C ASP D 610 -1.48 38.55 -19.37
N GLU D 611 -2.49 37.68 -19.43
CA GLU D 611 -2.83 36.80 -18.33
C GLU D 611 -3.10 35.41 -18.89
N VAL D 612 -2.07 34.82 -19.51
CA VAL D 612 -2.09 33.50 -20.13
C VAL D 612 -2.56 32.41 -19.17
N PRO D 613 -3.72 31.80 -19.41
CA PRO D 613 -4.21 30.75 -18.52
C PRO D 613 -3.37 29.49 -18.60
N TRP D 614 -3.21 28.84 -17.43
CA TRP D 614 -2.53 27.57 -17.13
C TRP D 614 -1.02 27.70 -17.04
N VAL D 615 -0.44 28.69 -17.68
CA VAL D 615 1.00 28.90 -17.68
C VAL D 615 1.35 29.90 -16.60
N GLU D 616 2.26 29.51 -15.71
CA GLU D 616 2.71 30.37 -14.63
C GLU D 616 4.13 30.81 -14.90
N MET D 617 4.34 32.09 -15.12
CA MET D 617 5.66 32.64 -15.38
C MET D 617 6.40 32.84 -14.07
N LEU D 618 7.65 32.40 -14.01
CA LEU D 618 8.45 32.56 -12.80
C LEU D 618 9.02 33.97 -12.75
N HIS D 619 8.41 34.83 -11.95
CA HIS D 619 8.86 36.21 -11.79
C HIS D 619 9.59 36.39 -10.46
PG AGS E . 11.98 -9.60 27.60
S1G AGS E . 10.47 -10.65 28.21
O2G AGS E . 11.89 -9.32 26.12
O3G AGS E . 12.05 -8.31 28.37
PB AGS E . 14.44 -9.44 28.77
O1B AGS E . 15.10 -8.52 27.78
O2B AGS E . 13.78 -8.85 29.98
O3B AGS E . 13.36 -10.31 27.96
PA AGS E . 15.19 -11.44 30.48
O1A AGS E . 15.83 -10.83 31.71
O2A AGS E . 13.71 -11.68 30.46
O3A AGS E . 15.54 -10.51 29.22
O5' AGS E . 15.94 -12.82 30.17
C5' AGS E . 16.04 -13.34 28.87
C4' AGS E . 16.85 -14.60 28.99
O4' AGS E . 18.25 -14.28 29.09
C3' AGS E . 16.51 -15.44 30.22
O3' AGS E . 15.90 -16.65 29.85
C2' AGS E . 17.83 -15.62 30.96
O2' AGS E . 18.02 -16.99 31.27
C1' AGS E . 18.87 -15.23 29.92
N9 AGS E . 20.11 -14.64 30.47
C8 AGS E . 20.65 -13.44 30.10
N7 AGS E . 21.76 -13.13 30.72
C5 AGS E . 21.96 -14.21 31.56
C6 AGS E . 22.97 -14.50 32.50
N6 AGS E . 24.00 -13.68 32.75
N1 AGS E . 22.89 -15.65 33.18
C2 AGS E . 21.87 -16.46 32.94
N3 AGS E . 20.87 -16.31 32.09
C4 AGS E . 20.95 -15.14 31.42
MG MG F . 11.78 -9.22 30.27
PG AGS G . 10.71 2.62 -29.56
S1G AGS G . 9.98 4.37 -29.98
O2G AGS G . 10.72 2.36 -28.08
O3G AGS G . 9.94 1.55 -30.28
PB AGS G . 12.45 1.19 -31.11
O1B AGS G . 12.63 0.00 -30.20
O2B AGS G . 11.40 1.14 -32.18
O3B AGS G . 12.18 2.46 -30.18
PA AGS G . 13.90 2.52 -33.01
O1A AGS G . 13.90 1.73 -34.29
O2A AGS G . 12.83 3.55 -32.76
O3A AGS G . 13.88 1.50 -31.78
O5' AGS G . 15.33 3.24 -32.89
C5' AGS G . 15.91 3.55 -31.63
C4' AGS G . 17.25 4.16 -31.94
O4' AGS G . 18.20 3.12 -32.25
C3' AGS G . 17.25 5.10 -33.13
O3' AGS G . 17.49 6.44 -32.73
C2' AGS G . 18.31 4.56 -34.09
O2' AGS G . 19.17 5.62 -34.47
C1' AGS G . 19.10 3.61 -33.20
N9 AGS G . 19.71 2.46 -33.91
C8 AGS G . 19.54 1.14 -33.58
N7 AGS G . 20.17 0.31 -34.36
C5 AGS G . 20.81 1.14 -35.27
C6 AGS G . 21.65 0.86 -36.36
N6 AGS G . 22.01 -0.36 -36.74
N1 AGS G . 22.12 1.90 -37.08
C2 AGS G . 21.77 3.14 -36.70
N3 AGS G . 21.00 3.51 -35.71
C4 AGS G . 20.53 2.46 -35.01
MG MG H . 9.91 2.57 -32.15
#